data_5IM3
#
_entry.id   5IM3
#
_cell.length_a   267.465
_cell.length_b   62.577
_cell.length_c   173.761
_cell.angle_alpha   90.00
_cell.angle_beta   127.81
_cell.angle_gamma   90.00
#
_symmetry.space_group_name_H-M   'C 1 2 1'
#
loop_
_entity.id
_entity.type
_entity.pdbx_description
1 polymer 'Ribonucleoside-diphosphate reductase'
2 non-polymer "2'-DEOXYADENOSINE 5'-TRIPHOSPHATE"
3 non-polymer 'MAGNESIUM ION'
4 water water
#
_entity_poly.entity_id   1
_entity_poly.type   'polypeptide(L)'
_entity_poly.pdbx_seq_one_letter_code
;MHTDTTRENPQASAPQAADSSQDLAATAPGQLRVIKRNGTVVPYTDDKITVAITKAFLAVEGGTAAASSRIHDTVRRLTE
QVTATFKRRMPSGGTIHIEEIQDQVELALMRAGEQKVARDYVIYREARAAERKNAGAASDVAQPHPSIRITRADGSLSPL
DMGRLNTIISEACEGLAEVDGALIERETLKNLYDGVAEKDVNTALVMTARTLVEREPNYSYVTARLLMDTLRAEALGFLG
VAESATHHEMAELYAKALPAYIEKGAEFELVDAKLKEFDLEKLGKAIDHERDQQFTYLGLQTLYDRYFIHKDGIRFELPQ
IFFMRVAMGLAIEEKDREARAIEFYNLLSSFDYMSSTPTLFNAGTLRPQLSSCYLTTVPDDLSGIYGAIHDNAMLSKFAG
GLGNDWTPVRALGSYIKGTNGKSQGVVPFLKVVNDTAVAVNQGGKRKGAVCAYLETWHLDIEEFLELRKNTGDDRRRTHD
MNTANWIPDLFMKRVFDDGSWTLFSPSDVPDLHDLYGKAFEERYEYYEALASYGKLKLHKVVQAKDLWRKMLSMLFETGH
PWLTFKDPCNLRSPQQHVGVVHSSNLCTEITLNTNKDEIAVCNLGSINLVNHIVDGKLDTAKLEKTVKTAVRMLDNVIDI
NYYSVPQAQNSNFKHRPVGLGIMGFQDALYLQHIPYGSDAAIAFADQSMEAISYYAIQASCDLADERGAYQTFQGSLWSQ
GILPIDSEKKLIEERGAKYIEVDLSETLDWAPLRERVQKGIRNSNIMAIAPTATIANITGVSQSIEPTYQNLYVKSNLSG
EFTVINPYLVRDLKARGLWDPVMVNDLKYYDGSVQQIERIPQDLKDLYATAFEVETRWIVEAASRRQKWIDQAQSLNLYI
AGASGKKLDVTYRMAWFRGLKTTYYLRALAATSTEKSTINTGKLNAVSAGGNDGLQAAPAAEPKPAPVPQACSIDNPDCE
ACQ
;
_entity_poly.pdbx_strand_id   A,B
#
loop_
_chem_comp.id
_chem_comp.type
_chem_comp.name
_chem_comp.formula
DTP non-polymer '2'-DEOXYADENOSINE 5'-TRIPHOSPHATE' 'C10 H16 N5 O12 P3'
MG non-polymer 'MAGNESIUM ION' 'Mg 2'
#
# COMPACT_ATOMS: atom_id res chain seq x y z
N LEU A 32 15.96 -43.17 58.67
CA LEU A 32 14.62 -43.23 58.11
C LEU A 32 13.57 -43.44 59.20
N ARG A 33 12.54 -42.59 59.20
CA ARG A 33 11.43 -42.68 60.14
C ARG A 33 10.12 -42.51 59.39
N VAL A 34 9.03 -42.79 60.08
CA VAL A 34 7.71 -42.83 59.46
C VAL A 34 6.73 -42.02 60.29
N ILE A 35 5.91 -41.22 59.62
CA ILE A 35 4.83 -40.49 60.27
C ILE A 35 3.66 -41.45 60.46
N LYS A 36 3.44 -41.86 61.70
CA LYS A 36 2.34 -42.78 62.00
C LYS A 36 1.01 -42.13 61.60
N ARG A 37 -0.06 -42.92 61.71
CA ARG A 37 -1.40 -42.44 61.35
C ARG A 37 -1.73 -41.15 62.08
N ASN A 38 -1.27 -41.02 63.33
CA ASN A 38 -1.56 -39.85 64.16
C ASN A 38 -0.26 -39.37 64.80
N GLY A 39 0.46 -38.52 64.10
CA GLY A 39 1.52 -37.73 64.69
C GLY A 39 2.83 -38.43 64.94
N THR A 40 2.82 -39.44 65.82
CA THR A 40 4.05 -39.99 66.37
C THR A 40 5.01 -40.40 65.26
N VAL A 41 6.29 -40.40 65.59
CA VAL A 41 7.36 -40.78 64.66
C VAL A 41 8.11 -41.96 65.25
N VAL A 42 8.40 -42.95 64.41
CA VAL A 42 9.05 -44.18 64.84
C VAL A 42 10.13 -44.56 63.83
N PRO A 43 11.10 -45.37 64.26
CA PRO A 43 12.12 -45.83 63.31
C PRO A 43 11.53 -46.65 62.18
N TYR A 44 12.22 -46.67 61.05
CA TYR A 44 11.80 -47.46 59.89
C TYR A 44 12.26 -48.91 60.09
N THR A 45 11.30 -49.82 60.14
CA THR A 45 11.53 -51.22 60.46
C THR A 45 11.00 -52.05 59.31
N ASP A 46 11.90 -52.78 58.63
CA ASP A 46 11.48 -53.66 57.55
C ASP A 46 10.51 -54.72 58.05
N ASP A 47 10.67 -55.17 59.29
CA ASP A 47 9.84 -56.24 59.83
C ASP A 47 8.35 -55.92 59.70
N LYS A 48 7.97 -54.68 59.99
CA LYS A 48 6.56 -54.31 59.90
C LYS A 48 6.04 -54.48 58.48
N ILE A 49 6.88 -54.19 57.48
CA ILE A 49 6.48 -54.45 56.10
C ILE A 49 6.45 -55.94 55.82
N THR A 50 7.50 -56.66 56.26
CA THR A 50 7.54 -58.10 56.05
C THR A 50 6.36 -58.80 56.71
N VAL A 51 6.02 -58.39 57.94
CA VAL A 51 4.88 -58.99 58.62
C VAL A 51 3.60 -58.70 57.86
N ALA A 52 3.43 -57.45 57.41
CA ALA A 52 2.19 -57.07 56.72
C ALA A 52 1.95 -57.92 55.49
N ILE A 53 2.97 -58.02 54.62
CA ILE A 53 2.82 -58.78 53.38
C ILE A 53 2.60 -60.26 53.71
N THR A 54 3.29 -60.78 54.72
CA THR A 54 3.12 -62.18 55.09
C THR A 54 1.70 -62.47 55.55
N LYS A 55 1.10 -61.53 56.30
CA LYS A 55 -0.30 -61.69 56.69
C LYS A 55 -1.18 -61.89 55.47
N ALA A 56 -0.94 -61.12 54.40
CA ALA A 56 -1.80 -61.19 53.22
C ALA A 56 -1.62 -62.51 52.47
N PHE A 57 -0.40 -63.06 52.47
CA PHE A 57 -0.20 -64.36 51.85
C PHE A 57 -0.91 -65.45 52.65
N LEU A 58 -0.78 -65.42 53.98
CA LEU A 58 -1.42 -66.42 54.81
C LEU A 58 -2.94 -66.28 54.86
N ALA A 59 -3.47 -65.16 54.38
CA ALA A 59 -4.92 -64.99 54.36
C ALA A 59 -5.54 -65.69 53.16
N VAL A 60 -4.92 -65.58 51.99
CA VAL A 60 -5.46 -66.21 50.79
C VAL A 60 -5.12 -67.69 50.75
N GLU A 61 -3.93 -68.06 51.23
CA GLU A 61 -3.55 -69.45 51.38
C GLU A 61 -3.84 -69.89 52.82
N GLY A 62 -3.57 -71.15 53.11
CA GLY A 62 -3.85 -71.71 54.42
C GLY A 62 -2.74 -71.39 55.41
N GLY A 63 -2.78 -72.11 56.53
CA GLY A 63 -1.66 -72.09 57.46
C GLY A 63 -0.51 -72.98 57.05
N THR A 64 -0.75 -73.94 56.15
CA THR A 64 0.31 -74.76 55.62
C THR A 64 1.38 -73.93 54.90
N ALA A 65 1.05 -72.70 54.51
CA ALA A 65 2.02 -71.79 53.93
C ALA A 65 2.87 -71.07 54.98
N ALA A 66 2.69 -71.39 56.27
CA ALA A 66 3.43 -70.69 57.31
C ALA A 66 4.93 -70.88 57.15
N ALA A 67 5.37 -72.13 57.01
CA ALA A 67 6.77 -72.45 56.76
C ALA A 67 6.91 -72.77 55.29
N SER A 68 7.27 -71.77 54.49
CA SER A 68 7.45 -71.94 53.06
C SER A 68 8.60 -71.06 52.62
N SER A 69 9.68 -71.69 52.13
CA SER A 69 10.78 -70.94 51.54
C SER A 69 10.27 -70.00 50.45
N ARG A 70 9.20 -70.41 49.74
CA ARG A 70 8.65 -69.58 48.68
C ARG A 70 8.13 -68.25 49.22
N ILE A 71 7.16 -68.31 50.12
CA ILE A 71 6.58 -67.09 50.69
C ILE A 71 7.69 -66.20 51.23
N HIS A 72 8.50 -66.76 52.13
CA HIS A 72 9.56 -66.00 52.78
C HIS A 72 10.51 -65.39 51.78
N ASP A 73 10.89 -66.15 50.74
CA ASP A 73 11.74 -65.60 49.70
C ASP A 73 11.04 -64.48 48.94
N THR A 74 9.75 -64.65 48.65
CA THR A 74 9.01 -63.64 47.90
C THR A 74 8.83 -62.37 48.73
N VAL A 75 8.39 -62.51 49.98
CA VAL A 75 8.12 -61.34 50.82
C VAL A 75 9.37 -60.49 50.95
N ARG A 76 10.49 -61.11 51.34
CA ARG A 76 11.72 -60.35 51.54
C ARG A 76 12.19 -59.72 50.24
N ARG A 77 11.83 -60.29 49.09
CA ARG A 77 12.14 -59.65 47.82
C ARG A 77 11.26 -58.42 47.62
N LEU A 78 9.96 -58.54 47.90
CA LEU A 78 9.06 -57.40 47.79
C LEU A 78 9.42 -56.33 48.82
N THR A 79 9.75 -56.73 50.04
CA THR A 79 10.14 -55.77 51.06
C THR A 79 11.41 -55.02 50.66
N GLU A 80 12.33 -55.69 49.97
CA GLU A 80 13.58 -55.05 49.60
C GLU A 80 13.37 -53.96 48.56
N GLN A 81 12.63 -54.26 47.50
CA GLN A 81 12.40 -53.26 46.46
C GLN A 81 11.50 -52.13 46.94
N VAL A 82 10.74 -52.34 48.02
CA VAL A 82 10.03 -51.22 48.64
C VAL A 82 11.00 -50.35 49.42
N THR A 83 11.74 -50.94 50.35
CA THR A 83 12.72 -50.18 51.12
C THR A 83 13.73 -49.51 50.20
N ALA A 84 14.07 -50.15 49.08
CA ALA A 84 15.00 -49.55 48.13
C ALA A 84 14.39 -48.32 47.48
N THR A 85 13.10 -48.35 47.18
CA THR A 85 12.45 -47.21 46.53
C THR A 85 12.56 -45.96 47.39
N PHE A 86 12.33 -46.09 48.71
CA PHE A 86 12.45 -44.95 49.60
C PHE A 86 13.88 -44.45 49.69
N LYS A 87 14.86 -45.36 49.61
CA LYS A 87 16.26 -44.95 49.62
C LYS A 87 16.66 -44.28 48.30
N ARG A 88 16.03 -44.67 47.19
CA ARG A 88 16.46 -44.19 45.88
C ARG A 88 16.12 -42.72 45.67
N ARG A 89 15.05 -42.23 46.30
CA ARG A 89 14.58 -40.87 46.09
C ARG A 89 15.04 -39.89 47.15
N MET A 90 15.77 -40.33 48.16
CA MET A 90 16.10 -39.49 49.30
C MET A 90 17.55 -39.71 49.69
N PRO A 91 18.17 -38.75 50.40
CA PRO A 91 19.60 -38.86 50.72
C PRO A 91 19.87 -39.58 52.04
N SER A 92 20.24 -38.84 53.09
CA SER A 92 20.62 -39.42 54.38
C SER A 92 19.40 -39.35 55.30
N GLY A 93 18.55 -40.36 55.22
CA GLY A 93 17.37 -40.43 56.04
C GLY A 93 16.26 -39.52 55.54
N GLY A 94 15.10 -39.65 56.18
CA GLY A 94 13.95 -38.87 55.79
C GLY A 94 12.74 -39.26 56.62
N THR A 95 11.57 -38.77 56.18
CA THR A 95 10.31 -39.10 56.82
C THR A 95 9.25 -39.30 55.74
N ILE A 96 8.46 -40.37 55.89
CA ILE A 96 7.43 -40.73 54.93
C ILE A 96 6.16 -41.08 55.68
N HIS A 97 5.04 -40.94 54.99
CA HIS A 97 3.74 -41.21 55.59
C HIS A 97 3.44 -42.70 55.58
N ILE A 98 2.63 -43.14 56.54
CA ILE A 98 2.30 -44.55 56.65
C ILE A 98 1.54 -45.02 55.42
N GLU A 99 0.65 -44.17 54.89
CA GLU A 99 -0.09 -44.52 53.69
C GLU A 99 0.82 -44.53 52.47
N GLU A 100 1.89 -43.75 52.49
CA GLU A 100 2.87 -43.77 51.41
C GLU A 100 3.54 -45.14 51.30
N ILE A 101 3.69 -45.82 52.42
CA ILE A 101 4.29 -47.16 52.43
C ILE A 101 3.28 -48.20 51.98
N GLN A 102 2.05 -48.11 52.49
CA GLN A 102 1.00 -49.04 52.07
C GLN A 102 0.83 -49.02 50.55
N ASP A 103 0.90 -47.84 49.95
CA ASP A 103 0.76 -47.74 48.50
C ASP A 103 1.91 -48.44 47.78
N GLN A 104 3.14 -48.27 48.28
CA GLN A 104 4.29 -48.93 47.64
C GLN A 104 4.27 -50.43 47.87
N VAL A 105 3.70 -50.89 48.99
CA VAL A 105 3.56 -52.33 49.21
C VAL A 105 2.59 -52.92 48.18
N GLU A 106 1.44 -52.28 47.99
CA GLU A 106 0.52 -52.74 46.96
C GLU A 106 1.18 -52.73 45.59
N LEU A 107 1.98 -51.70 45.30
CA LEU A 107 2.65 -51.62 44.02
C LEU A 107 3.56 -52.83 43.79
N ALA A 108 4.36 -53.18 44.79
CA ALA A 108 5.29 -54.30 44.64
C ALA A 108 4.53 -55.61 44.43
N LEU A 109 3.50 -55.85 45.23
CA LEU A 109 2.68 -57.05 45.03
C LEU A 109 2.08 -57.08 43.64
N MET A 110 1.61 -55.92 43.15
CA MET A 110 0.91 -55.88 41.87
C MET A 110 1.87 -56.09 40.70
N ARG A 111 3.03 -55.42 40.72
CA ARG A 111 3.97 -55.59 39.61
C ARG A 111 4.51 -57.00 39.54
N ALA A 112 4.50 -57.73 40.66
CA ALA A 112 4.90 -59.14 40.68
C ALA A 112 3.79 -60.07 40.21
N GLY A 113 2.66 -59.53 39.75
CA GLY A 113 1.57 -60.36 39.28
C GLY A 113 0.85 -61.15 40.36
N GLU A 114 0.97 -60.74 41.63
CA GLU A 114 0.28 -61.42 42.73
C GLU A 114 -1.15 -60.87 42.83
N GLN A 115 -1.98 -61.30 41.88
CA GLN A 115 -3.31 -60.72 41.75
C GLN A 115 -4.19 -61.03 42.97
N LYS A 116 -4.16 -62.27 43.45
CA LYS A 116 -5.05 -62.66 44.54
C LYS A 116 -4.57 -62.10 45.87
N VAL A 117 -3.25 -62.03 46.07
CA VAL A 117 -2.75 -61.48 47.33
C VAL A 117 -2.85 -59.96 47.32
N ALA A 118 -2.57 -59.33 46.17
CA ALA A 118 -2.67 -57.88 46.09
C ALA A 118 -4.09 -57.40 46.35
N ARG A 119 -5.08 -58.05 45.73
CA ARG A 119 -6.45 -57.58 45.85
C ARG A 119 -6.98 -57.79 47.26
N ASP A 120 -6.59 -58.89 47.91
CA ASP A 120 -7.02 -59.09 49.30
C ASP A 120 -6.27 -58.15 50.23
N TYR A 121 -5.05 -57.74 49.86
CA TYR A 121 -4.37 -56.69 50.60
C TYR A 121 -5.14 -55.38 50.49
N VAL A 122 -5.54 -55.01 49.27
CA VAL A 122 -6.32 -53.80 49.06
C VAL A 122 -7.62 -53.87 49.86
N ILE A 123 -8.37 -54.97 49.70
CA ILE A 123 -9.67 -55.08 50.34
C ILE A 123 -9.55 -54.91 51.85
N TYR A 124 -8.66 -55.69 52.47
CA TYR A 124 -8.48 -55.61 53.92
C TYR A 124 -8.06 -54.20 54.33
N ARG A 125 -7.10 -53.63 53.61
CA ARG A 125 -6.64 -52.27 53.95
C ARG A 125 -7.78 -51.27 53.85
N GLU A 126 -8.67 -51.44 52.87
CA GLU A 126 -9.78 -50.52 52.72
C GLU A 126 -10.81 -50.73 53.82
N ALA A 127 -11.03 -51.98 54.22
CA ALA A 127 -11.96 -52.26 55.31
C ALA A 127 -11.53 -51.55 56.58
N ARG A 128 -10.23 -51.55 56.87
CA ARG A 128 -9.73 -50.87 58.07
C ARG A 128 -9.65 -49.36 57.90
N ALA A 129 -9.61 -48.87 56.66
CA ALA A 129 -9.75 -47.44 56.44
C ALA A 129 -11.19 -47.00 56.67
N ALA A 130 -12.15 -47.85 56.29
CA ALA A 130 -13.56 -47.55 56.52
C ALA A 130 -13.85 -47.43 58.01
N GLU A 131 -13.28 -48.33 58.82
CA GLU A 131 -13.51 -48.28 60.26
C GLU A 131 -12.90 -47.02 60.88
N ARG A 132 -11.72 -46.61 60.39
CA ARG A 132 -11.12 -45.37 60.87
C ARG A 132 -11.96 -44.18 60.45
N LYS A 133 -12.40 -44.15 59.19
CA LYS A 133 -13.22 -43.05 58.71
C LYS A 133 -14.51 -42.94 59.51
N ASN A 134 -15.20 -44.07 59.69
CA ASN A 134 -16.45 -44.06 60.45
C ASN A 134 -16.22 -43.65 61.90
N ALA A 135 -15.22 -44.25 62.56
CA ALA A 135 -14.92 -43.91 63.94
C ALA A 135 -14.56 -42.43 64.07
N GLY A 136 -13.88 -41.87 63.06
CA GLY A 136 -13.60 -40.44 63.09
C GLY A 136 -14.86 -39.60 62.98
N ALA A 137 -15.82 -40.05 62.16
CA ALA A 137 -17.07 -39.32 62.02
C ALA A 137 -17.95 -39.45 63.26
N ALA A 138 -17.79 -40.53 64.02
CA ALA A 138 -18.54 -40.67 65.27
C ALA A 138 -18.04 -39.71 66.34
N SER A 139 -16.74 -39.42 66.35
CA SER A 139 -16.15 -38.50 67.31
C SER A 139 -16.04 -37.08 66.78
N ASP A 140 -16.83 -36.73 65.77
CA ASP A 140 -16.71 -35.43 65.15
C ASP A 140 -17.41 -34.35 65.97
N VAL A 141 -16.87 -33.14 65.89
CA VAL A 141 -17.47 -31.95 66.49
C VAL A 141 -17.70 -30.94 65.37
N ALA A 142 -18.82 -30.22 65.44
CA ALA A 142 -19.22 -29.31 64.39
C ALA A 142 -19.05 -27.86 64.84
N GLN A 143 -18.23 -27.11 64.12
CA GLN A 143 -18.01 -25.69 64.34
C GLN A 143 -18.40 -24.80 63.16
N PRO A 144 -18.22 -25.23 61.87
CA PRO A 144 -18.32 -24.28 60.74
C PRO A 144 -19.42 -23.24 60.79
N HIS A 145 -19.04 -22.00 61.12
CA HIS A 145 -19.89 -20.81 61.13
C HIS A 145 -18.98 -19.60 61.21
N PRO A 146 -19.49 -18.36 61.06
CA PRO A 146 -20.87 -17.89 60.80
C PRO A 146 -21.13 -17.75 59.32
N SER A 147 -20.69 -16.63 58.74
CA SER A 147 -20.81 -16.40 57.31
C SER A 147 -19.79 -15.35 56.91
N ILE A 148 -19.50 -15.31 55.62
CA ILE A 148 -18.60 -14.30 55.08
C ILE A 148 -19.33 -12.96 55.03
N ARG A 149 -18.56 -11.89 55.25
CA ARG A 149 -19.07 -10.53 55.16
C ARG A 149 -18.74 -9.98 53.77
N ILE A 150 -19.78 -9.62 53.02
CA ILE A 150 -19.59 -9.10 51.68
C ILE A 150 -19.19 -7.62 51.76
N THR A 151 -18.10 -7.27 51.09
CA THR A 151 -17.59 -5.91 51.12
C THR A 151 -18.28 -5.07 50.05
N ARG A 152 -18.84 -3.94 50.47
CA ARG A 152 -19.53 -3.04 49.56
C ARG A 152 -18.54 -2.11 48.87
N ALA A 153 -18.98 -1.53 47.75
CA ALA A 153 -18.12 -0.64 46.97
C ALA A 153 -17.58 0.50 47.83
N ASP A 154 -18.44 1.12 48.63
CA ASP A 154 -18.00 2.24 49.46
C ASP A 154 -16.97 1.82 50.50
N GLY A 155 -16.84 0.53 50.78
CA GLY A 155 -15.88 0.02 51.74
C GLY A 155 -16.48 -0.59 52.99
N SER A 156 -17.80 -0.62 53.11
CA SER A 156 -18.46 -1.14 54.30
C SER A 156 -18.65 -2.65 54.20
N LEU A 157 -18.49 -3.33 55.32
CA LEU A 157 -18.76 -4.76 55.40
C LEU A 157 -20.25 -5.02 55.55
N SER A 158 -20.69 -6.17 55.05
CA SER A 158 -22.10 -6.54 55.14
C SER A 158 -22.21 -8.05 55.07
N PRO A 159 -23.10 -8.68 55.85
CA PRO A 159 -23.22 -10.14 55.81
C PRO A 159 -23.83 -10.62 54.50
N LEU A 160 -23.33 -11.76 54.01
CA LEU A 160 -23.82 -12.31 52.76
C LEU A 160 -25.29 -12.68 52.87
N ASP A 161 -26.08 -12.26 51.87
CA ASP A 161 -27.50 -12.57 51.84
C ASP A 161 -27.69 -13.96 51.27
N MET A 162 -28.09 -14.90 52.12
CA MET A 162 -28.35 -16.26 51.67
C MET A 162 -29.71 -16.38 50.99
N GLY A 163 -30.68 -15.54 51.39
CA GLY A 163 -31.98 -15.59 50.74
C GLY A 163 -31.92 -15.14 49.30
N ARG A 164 -31.23 -14.03 49.03
CA ARG A 164 -31.11 -13.55 47.66
C ARG A 164 -30.25 -14.48 46.82
N LEU A 165 -29.28 -15.16 47.45
CA LEU A 165 -28.43 -16.09 46.71
C LEU A 165 -29.22 -17.27 46.18
N ASN A 166 -30.16 -17.78 46.99
CA ASN A 166 -31.01 -18.87 46.53
C ASN A 166 -31.99 -18.41 45.46
N THR A 167 -32.35 -17.13 45.46
CA THR A 167 -33.35 -16.64 44.52
C THR A 167 -32.80 -16.57 43.10
N ILE A 168 -31.58 -16.04 42.94
CA ILE A 168 -31.03 -15.85 41.60
C ILE A 168 -30.66 -17.18 40.97
N ILE A 169 -30.17 -18.14 41.78
CA ILE A 169 -29.76 -19.42 41.21
C ILE A 169 -30.99 -20.25 40.87
N SER A 170 -32.09 -20.07 41.60
CA SER A 170 -33.32 -20.79 41.27
C SER A 170 -33.96 -20.23 40.01
N GLU A 171 -34.11 -18.91 39.95
CA GLU A 171 -34.59 -18.28 38.73
C GLU A 171 -33.67 -18.55 37.54
N ALA A 172 -32.41 -18.91 37.80
CA ALA A 172 -31.47 -19.23 36.72
C ALA A 172 -31.66 -20.65 36.22
N CYS A 173 -31.87 -21.60 37.12
CA CYS A 173 -32.14 -22.99 36.74
C CYS A 173 -33.57 -23.21 36.30
N GLU A 174 -34.38 -22.16 36.25
CA GLU A 174 -35.79 -22.29 35.92
C GLU A 174 -35.97 -22.81 34.50
N GLY A 175 -36.83 -23.82 34.35
CA GLY A 175 -37.20 -24.30 33.04
C GLY A 175 -36.15 -25.10 32.31
N LEU A 176 -35.09 -25.54 33.00
CA LEU A 176 -34.00 -26.28 32.38
C LEU A 176 -33.88 -27.66 33.03
N ALA A 177 -33.54 -28.66 32.22
CA ALA A 177 -33.46 -30.04 32.66
C ALA A 177 -32.03 -30.40 33.04
N GLU A 178 -31.91 -31.37 33.95
CA GLU A 178 -30.60 -31.89 34.37
C GLU A 178 -29.70 -30.77 34.89
N VAL A 179 -30.29 -29.75 35.51
CA VAL A 179 -29.55 -28.69 36.17
C VAL A 179 -29.87 -28.72 37.66
N ASP A 180 -28.85 -28.57 38.49
CA ASP A 180 -28.97 -28.73 39.93
C ASP A 180 -28.57 -27.41 40.60
N GLY A 181 -29.57 -26.65 41.05
CA GLY A 181 -29.27 -25.37 41.68
C GLY A 181 -28.48 -25.52 42.97
N ALA A 182 -28.93 -26.43 43.84
CA ALA A 182 -28.22 -26.65 45.10
C ALA A 182 -26.78 -27.06 44.85
N LEU A 183 -26.54 -27.88 43.81
CA LEU A 183 -25.18 -28.28 43.48
C LEU A 183 -24.30 -27.07 43.18
N ILE A 184 -24.83 -26.10 42.43
CA ILE A 184 -24.06 -24.91 42.10
C ILE A 184 -23.81 -24.08 43.35
N GLU A 185 -24.83 -23.94 44.20
CA GLU A 185 -24.68 -23.11 45.40
C GLU A 185 -23.61 -23.67 46.34
N ARG A 186 -23.53 -25.01 46.45
CA ARG A 186 -22.52 -25.61 47.31
C ARG A 186 -21.13 -25.42 46.72
N GLU A 187 -20.96 -25.74 45.43
CA GLU A 187 -19.65 -25.63 44.81
C GLU A 187 -19.12 -24.20 44.86
N THR A 188 -20.02 -23.22 44.68
CA THR A 188 -19.63 -21.82 44.84
C THR A 188 -19.17 -21.55 46.27
N LEU A 189 -20.06 -21.77 47.24
CA LEU A 189 -19.83 -21.42 48.64
C LEU A 189 -18.42 -21.82 49.11
N LYS A 190 -17.84 -22.84 48.47
CA LYS A 190 -16.48 -23.25 48.80
C LYS A 190 -15.50 -22.11 48.66
N ASN A 191 -15.40 -21.53 47.46
CA ASN A 191 -14.30 -20.62 47.11
C ASN A 191 -14.65 -19.16 47.44
N LEU A 192 -14.97 -18.93 48.71
CA LEU A 192 -15.20 -17.57 49.21
C LEU A 192 -14.47 -17.38 50.53
N TYR A 193 -14.10 -16.14 50.81
CA TYR A 193 -13.30 -15.78 51.97
C TYR A 193 -13.92 -14.58 52.66
N ASP A 194 -13.65 -14.45 53.96
CA ASP A 194 -14.12 -13.29 54.69
C ASP A 194 -13.60 -12.02 54.03
N GLY A 195 -14.51 -11.14 53.64
CA GLY A 195 -14.16 -9.93 52.94
C GLY A 195 -14.28 -9.99 51.43
N VAL A 196 -15.11 -10.91 50.91
CA VAL A 196 -15.37 -10.94 49.48
C VAL A 196 -16.18 -9.72 49.07
N ALA A 197 -15.95 -9.24 47.86
CA ALA A 197 -16.76 -8.17 47.29
C ALA A 197 -17.90 -8.77 46.48
N GLU A 198 -19.06 -8.12 46.51
CA GLU A 198 -20.17 -8.57 45.69
C GLU A 198 -19.83 -8.56 44.21
N LYS A 199 -18.74 -7.90 43.82
CA LYS A 199 -18.30 -7.93 42.42
C LYS A 199 -17.84 -9.33 42.02
N ASP A 200 -16.91 -9.91 42.77
CA ASP A 200 -16.36 -11.22 42.44
C ASP A 200 -17.07 -12.36 43.15
N VAL A 201 -18.18 -12.09 43.84
CA VAL A 201 -19.03 -13.19 44.29
C VAL A 201 -19.90 -13.67 43.13
N ASN A 202 -20.29 -12.77 42.23
CA ASN A 202 -21.04 -13.17 41.04
C ASN A 202 -20.13 -13.90 40.05
N THR A 203 -18.92 -13.39 39.85
CA THR A 203 -17.98 -14.07 38.95
C THR A 203 -17.64 -15.47 39.47
N ALA A 204 -17.62 -15.65 40.79
CA ALA A 204 -17.43 -16.98 41.35
C ALA A 204 -18.61 -17.89 41.02
N LEU A 205 -19.83 -17.36 41.07
CA LEU A 205 -20.99 -18.12 40.63
C LEU A 205 -20.89 -18.48 39.15
N VAL A 206 -20.41 -17.55 38.33
CA VAL A 206 -20.27 -17.81 36.91
C VAL A 206 -19.16 -18.82 36.66
N MET A 207 -18.06 -18.72 37.39
CA MET A 207 -16.93 -19.61 37.17
C MET A 207 -17.33 -21.07 37.35
N THR A 208 -18.07 -21.37 38.41
CA THR A 208 -18.49 -22.74 38.68
C THR A 208 -19.83 -23.07 38.04
N ALA A 209 -20.32 -22.23 37.13
CA ALA A 209 -21.48 -22.54 36.33
C ALA A 209 -21.13 -22.97 34.91
N ARG A 210 -20.10 -22.37 34.32
CA ARG A 210 -19.65 -22.79 33.00
C ARG A 210 -18.76 -24.02 33.05
N THR A 211 -18.19 -24.35 34.21
CA THR A 211 -17.47 -25.60 34.36
C THR A 211 -18.41 -26.80 34.23
N LEU A 212 -19.72 -26.59 34.29
CA LEU A 212 -20.69 -27.66 34.23
C LEU A 212 -21.28 -27.87 32.84
N VAL A 213 -21.00 -26.97 31.89
CA VAL A 213 -21.55 -27.14 30.55
C VAL A 213 -20.96 -28.37 29.86
N GLU A 214 -19.77 -28.80 30.29
CA GLU A 214 -19.14 -29.96 29.66
C GLU A 214 -19.98 -31.21 29.83
N ARG A 215 -20.60 -31.39 31.00
CA ARG A 215 -21.43 -32.56 31.26
C ARG A 215 -22.90 -32.30 30.98
N GLU A 216 -23.32 -31.04 30.86
CA GLU A 216 -24.72 -30.73 30.57
C GLU A 216 -24.80 -29.35 29.92
N PRO A 217 -25.11 -29.27 28.61
CA PRO A 217 -25.05 -27.96 27.94
C PRO A 217 -26.00 -26.93 28.51
N ASN A 218 -27.14 -27.36 29.07
CA ASN A 218 -28.12 -26.40 29.57
C ASN A 218 -27.55 -25.47 30.62
N TYR A 219 -26.40 -25.81 31.22
CA TYR A 219 -25.75 -24.90 32.13
C TYR A 219 -25.27 -23.63 31.44
N SER A 220 -25.09 -23.67 30.11
CA SER A 220 -24.76 -22.44 29.39
C SER A 220 -25.82 -21.38 29.60
N TYR A 221 -27.10 -21.77 29.53
CA TYR A 221 -28.17 -20.84 29.84
C TYR A 221 -28.09 -20.38 31.30
N VAL A 222 -27.81 -21.31 32.21
CA VAL A 222 -27.67 -20.96 33.61
C VAL A 222 -26.52 -19.99 33.81
N THR A 223 -25.41 -20.22 33.11
CA THR A 223 -24.26 -19.33 33.24
C THR A 223 -24.60 -17.92 32.79
N ALA A 224 -25.33 -17.79 31.68
CA ALA A 224 -25.71 -16.46 31.19
C ALA A 224 -26.66 -15.78 32.15
N ARG A 225 -27.62 -16.51 32.71
CA ARG A 225 -28.59 -15.91 33.60
C ARG A 225 -27.94 -15.41 34.89
N LEU A 226 -26.89 -16.09 35.35
CA LEU A 226 -26.17 -15.62 36.53
C LEU A 226 -25.38 -14.35 36.22
N LEU A 227 -24.68 -14.32 35.08
CA LEU A 227 -23.94 -13.12 34.69
C LEU A 227 -24.86 -11.92 34.54
N MET A 228 -26.12 -12.14 34.17
CA MET A 228 -27.07 -11.04 33.99
C MET A 228 -27.23 -10.23 35.28
N ASP A 229 -26.99 -10.86 36.44
CA ASP A 229 -27.15 -10.14 37.70
C ASP A 229 -26.17 -8.98 37.80
N THR A 230 -24.94 -9.16 37.32
CA THR A 230 -23.98 -8.07 37.29
C THR A 230 -24.41 -6.98 36.33
N LEU A 231 -24.95 -7.36 35.18
CA LEU A 231 -25.39 -6.38 34.19
C LEU A 231 -26.54 -5.53 34.73
N ARG A 232 -27.51 -6.17 35.38
CA ARG A 232 -28.64 -5.42 35.93
C ARG A 232 -28.17 -4.39 36.96
N ALA A 233 -27.30 -4.81 37.89
CA ALA A 233 -26.77 -3.87 38.87
C ALA A 233 -25.98 -2.77 38.20
N GLU A 234 -25.13 -3.13 37.24
CA GLU A 234 -24.32 -2.14 36.52
C GLU A 234 -25.20 -1.14 35.79
N ALA A 235 -26.12 -1.63 34.96
CA ALA A 235 -26.93 -0.74 34.14
C ALA A 235 -27.92 0.05 35.00
N LEU A 236 -28.68 -0.64 35.84
CA LEU A 236 -29.71 0.05 36.63
C LEU A 236 -29.10 1.03 37.60
N GLY A 237 -27.99 0.66 38.25
CA GLY A 237 -27.32 1.59 39.13
C GLY A 237 -26.85 2.84 38.41
N PHE A 238 -26.35 2.68 37.18
CA PHE A 238 -25.96 3.83 36.38
C PHE A 238 -27.16 4.72 36.08
N LEU A 239 -28.28 4.13 35.69
CA LEU A 239 -29.49 4.87 35.37
C LEU A 239 -30.21 5.40 36.59
N GLY A 240 -29.75 5.10 37.79
CA GLY A 240 -30.43 5.54 38.99
C GLY A 240 -31.78 4.91 39.23
N VAL A 241 -32.07 3.80 38.54
CA VAL A 241 -33.34 3.10 38.76
C VAL A 241 -33.28 2.26 40.02
N ALA A 242 -32.28 1.39 40.12
CA ALA A 242 -32.11 0.55 41.29
C ALA A 242 -30.64 0.19 41.43
N GLU A 243 -30.20 0.01 42.68
CA GLU A 243 -28.83 -0.39 42.94
C GLU A 243 -28.62 -1.89 42.78
N SER A 244 -29.69 -2.65 42.59
CA SER A 244 -29.62 -4.11 42.46
C SER A 244 -31.01 -4.59 42.06
N ALA A 245 -31.06 -5.77 41.45
CA ALA A 245 -32.35 -6.33 41.05
C ALA A 245 -32.16 -7.79 40.62
N THR A 246 -33.23 -8.56 40.75
CA THR A 246 -33.29 -9.95 40.29
C THR A 246 -34.00 -10.02 38.95
N HIS A 247 -34.11 -11.23 38.41
CA HIS A 247 -34.70 -11.43 37.09
C HIS A 247 -36.18 -11.04 37.07
N HIS A 248 -37.03 -11.81 37.76
CA HIS A 248 -38.46 -11.52 37.75
C HIS A 248 -38.77 -10.12 38.25
N GLU A 249 -37.84 -9.48 38.96
CA GLU A 249 -37.98 -8.08 39.31
C GLU A 249 -37.92 -7.18 38.07
N MET A 250 -37.38 -7.69 36.96
CA MET A 250 -37.36 -6.93 35.71
C MET A 250 -38.74 -6.80 35.09
N ALA A 251 -39.71 -7.57 35.53
CA ALA A 251 -41.05 -7.46 34.97
C ALA A 251 -41.60 -6.05 35.12
N GLU A 252 -41.18 -5.32 36.15
CA GLU A 252 -41.62 -3.95 36.38
C GLU A 252 -40.51 -2.92 36.19
N LEU A 253 -39.25 -3.34 36.16
CA LEU A 253 -38.14 -2.39 36.08
C LEU A 253 -37.69 -2.11 34.65
N TYR A 254 -37.95 -3.01 33.71
CA TYR A 254 -37.58 -2.74 32.33
C TYR A 254 -38.33 -1.53 31.79
N ALA A 255 -39.58 -1.36 32.20
CA ALA A 255 -40.36 -0.20 31.75
C ALA A 255 -39.87 1.08 32.39
N LYS A 256 -39.39 1.01 33.64
CA LYS A 256 -38.84 2.20 34.28
C LYS A 256 -37.46 2.54 33.72
N ALA A 257 -36.69 1.54 33.29
CA ALA A 257 -35.34 1.78 32.84
C ALA A 257 -35.27 2.33 31.42
N LEU A 258 -36.22 1.94 30.56
CA LEU A 258 -36.19 2.41 29.17
C LEU A 258 -36.16 3.92 29.06
N PRO A 259 -37.13 4.66 29.62
CA PRO A 259 -37.05 6.12 29.51
C PRO A 259 -35.80 6.71 30.15
N ALA A 260 -35.34 6.13 31.26
CA ALA A 260 -34.09 6.58 31.84
C ALA A 260 -32.92 6.31 30.90
N TYR A 261 -32.97 5.21 30.16
CA TYR A 261 -31.89 4.88 29.24
C TYR A 261 -31.85 5.86 28.07
N ILE A 262 -33.02 6.15 27.48
CA ILE A 262 -33.07 7.05 26.34
C ILE A 262 -32.60 8.45 26.74
N GLU A 263 -33.00 8.91 27.93
CA GLU A 263 -32.65 10.26 28.35
C GLU A 263 -31.14 10.40 28.52
N LYS A 264 -30.50 9.43 29.20
CA LYS A 264 -29.06 9.48 29.36
C LYS A 264 -28.35 9.17 28.04
N GLY A 265 -28.93 8.31 27.21
CA GLY A 265 -28.31 8.00 25.94
C GLY A 265 -28.20 9.21 25.02
N ALA A 266 -29.29 9.98 24.94
CA ALA A 266 -29.26 11.19 24.12
C ALA A 266 -28.43 12.29 24.78
N GLU A 267 -28.45 12.36 26.11
CA GLU A 267 -27.64 13.35 26.82
C GLU A 267 -26.16 13.23 26.42
N PHE A 268 -25.64 12.00 26.41
CA PHE A 268 -24.26 11.74 26.04
C PHE A 268 -24.07 11.58 24.54
N GLU A 269 -25.11 11.85 23.74
CA GLU A 269 -25.03 11.75 22.28
C GLU A 269 -24.65 10.35 21.83
N LEU A 270 -25.00 9.33 22.63
CA LEU A 270 -24.82 7.94 22.26
C LEU A 270 -26.06 7.32 21.62
N VAL A 271 -27.21 7.97 21.78
CA VAL A 271 -28.47 7.53 21.19
C VAL A 271 -29.06 8.72 20.42
N ASP A 272 -29.63 8.44 19.26
CA ASP A 272 -30.24 9.48 18.45
C ASP A 272 -31.41 10.12 19.21
N ALA A 273 -31.40 11.46 19.29
CA ALA A 273 -32.42 12.18 20.03
C ALA A 273 -33.82 11.96 19.47
N LYS A 274 -33.93 11.60 18.19
CA LYS A 274 -35.25 11.33 17.61
C LYS A 274 -35.98 10.23 18.37
N LEU A 275 -35.25 9.33 19.04
CA LEU A 275 -35.91 8.25 19.76
C LEU A 275 -36.77 8.76 20.92
N LYS A 276 -36.56 10.01 21.36
CA LYS A 276 -37.44 10.62 22.34
C LYS A 276 -38.83 10.89 21.76
N GLU A 277 -38.98 10.90 20.44
CA GLU A 277 -40.29 11.10 19.82
C GLU A 277 -41.17 9.86 19.91
N PHE A 278 -40.66 8.76 20.44
CA PHE A 278 -41.46 7.56 20.64
C PHE A 278 -42.25 7.67 21.94
N ASP A 279 -43.29 6.85 22.05
CA ASP A 279 -44.07 6.75 23.28
C ASP A 279 -43.39 5.70 24.15
N LEU A 280 -42.47 6.17 25.00
CA LEU A 280 -41.65 5.24 25.76
C LEU A 280 -42.46 4.46 26.80
N GLU A 281 -43.53 5.05 27.32
CA GLU A 281 -44.37 4.32 28.25
C GLU A 281 -44.98 3.09 27.58
N LYS A 282 -45.50 3.28 26.36
CA LYS A 282 -46.07 2.16 25.61
C LYS A 282 -45.01 1.13 25.23
N LEU A 283 -43.83 1.59 24.82
CA LEU A 283 -42.75 0.66 24.50
C LEU A 283 -42.21 -0.01 25.75
N GLY A 284 -42.23 0.69 26.88
CA GLY A 284 -41.77 0.09 28.12
C GLY A 284 -42.59 -1.09 28.56
N LYS A 285 -43.89 -1.10 28.19
CA LYS A 285 -44.75 -2.22 28.54
C LYS A 285 -44.58 -3.38 27.56
N ALA A 286 -44.16 -3.12 26.33
CA ALA A 286 -44.01 -4.18 25.34
C ALA A 286 -42.81 -5.07 25.64
N ILE A 287 -41.90 -4.64 26.50
CA ILE A 287 -40.70 -5.41 26.79
C ILE A 287 -41.06 -6.67 27.56
N ASP A 288 -40.52 -7.80 27.13
CA ASP A 288 -40.73 -9.10 27.75
C ASP A 288 -39.44 -9.51 28.45
N HIS A 289 -39.43 -9.42 29.78
CA HIS A 289 -38.22 -9.72 30.55
C HIS A 289 -37.85 -11.19 30.51
N GLU A 290 -38.79 -12.08 30.17
CA GLU A 290 -38.49 -13.51 30.14
C GLU A 290 -37.57 -13.88 28.99
N ARG A 291 -37.48 -13.05 27.95
CA ARG A 291 -36.61 -13.37 26.82
C ARG A 291 -35.14 -13.27 27.17
N ASP A 292 -34.80 -12.71 28.34
CA ASP A 292 -33.42 -12.77 28.81
C ASP A 292 -32.99 -14.20 29.10
N GLN A 293 -33.94 -15.07 29.44
CA GLN A 293 -33.63 -16.46 29.72
C GLN A 293 -33.17 -17.23 28.49
N GLN A 294 -33.35 -16.66 27.29
CA GLN A 294 -33.00 -17.35 26.06
C GLN A 294 -31.50 -17.39 25.82
N PHE A 295 -30.73 -16.54 26.49
CA PHE A 295 -29.35 -16.30 26.11
C PHE A 295 -28.44 -17.45 26.51
N THR A 296 -27.60 -17.88 25.57
CA THR A 296 -26.43 -18.68 25.88
C THR A 296 -25.34 -17.78 26.45
N TYR A 297 -24.37 -18.39 27.13
CA TYR A 297 -23.28 -17.63 27.72
C TYR A 297 -22.49 -16.89 26.63
N LEU A 298 -22.25 -17.55 25.50
CA LEU A 298 -21.50 -16.92 24.43
C LEU A 298 -22.29 -15.78 23.80
N GLY A 299 -23.61 -15.96 23.66
CA GLY A 299 -24.42 -14.92 23.05
C GLY A 299 -24.46 -13.64 23.87
N LEU A 300 -24.59 -13.78 25.18
CA LEU A 300 -24.65 -12.61 26.05
C LEU A 300 -23.29 -11.93 26.14
N GLN A 301 -22.22 -12.71 26.31
CA GLN A 301 -20.87 -12.17 26.25
C GLN A 301 -20.66 -11.34 25.00
N THR A 302 -21.12 -11.85 23.85
CA THR A 302 -20.91 -11.14 22.59
C THR A 302 -21.56 -9.77 22.61
N LEU A 303 -22.83 -9.70 22.99
CA LEU A 303 -23.53 -8.42 23.03
C LEU A 303 -22.90 -7.50 24.06
N TYR A 304 -22.65 -8.01 25.27
CA TYR A 304 -22.13 -7.17 26.35
C TYR A 304 -20.76 -6.61 25.99
N ASP A 305 -19.90 -7.43 25.39
CA ASP A 305 -18.53 -6.99 25.15
C ASP A 305 -18.47 -5.89 24.08
N ARG A 306 -19.30 -6.00 23.04
CA ARG A 306 -19.10 -5.18 21.84
C ARG A 306 -20.33 -4.42 21.36
N TYR A 307 -21.54 -4.79 21.75
CA TYR A 307 -22.73 -4.18 21.18
C TYR A 307 -23.51 -3.29 22.14
N PHE A 308 -23.53 -3.60 23.44
CA PHE A 308 -24.28 -2.77 24.38
C PHE A 308 -23.65 -1.39 24.52
N ILE A 309 -24.50 -0.36 24.52
CA ILE A 309 -24.02 1.01 24.69
C ILE A 309 -23.45 1.19 26.09
N HIS A 310 -22.43 2.02 26.20
CA HIS A 310 -21.67 2.16 27.44
C HIS A 310 -21.10 3.57 27.54
N LYS A 311 -20.73 3.93 28.76
CA LYS A 311 -20.01 5.18 29.01
C LYS A 311 -19.07 4.98 30.18
N ASP A 312 -17.85 5.50 30.03
CA ASP A 312 -16.80 5.34 31.04
C ASP A 312 -16.56 3.86 31.36
N GLY A 313 -16.69 3.01 30.34
CA GLY A 313 -16.56 1.58 30.52
C GLY A 313 -17.75 0.89 31.14
N ILE A 314 -18.79 1.63 31.52
CA ILE A 314 -19.96 1.06 32.19
C ILE A 314 -21.04 0.82 31.15
N ARG A 315 -21.45 -0.44 31.00
CA ARG A 315 -22.58 -0.78 30.14
C ARG A 315 -23.88 -0.41 30.86
N PHE A 316 -24.65 0.50 30.27
CA PHE A 316 -25.95 0.88 30.83
C PHE A 316 -27.09 0.55 29.87
N GLU A 317 -26.88 -0.38 28.95
CA GLU A 317 -27.93 -0.86 28.04
C GLU A 317 -28.17 -2.33 28.31
N LEU A 318 -29.37 -2.66 28.80
CA LEU A 318 -29.74 -4.03 29.09
C LEU A 318 -30.22 -4.75 27.83
N PRO A 319 -30.19 -6.09 27.82
CA PRO A 319 -30.41 -6.80 26.55
C PRO A 319 -31.73 -6.48 25.88
N GLN A 320 -32.85 -6.51 26.61
CA GLN A 320 -34.13 -6.24 25.98
C GLN A 320 -34.25 -4.77 25.55
N ILE A 321 -33.57 -3.87 26.26
CA ILE A 321 -33.54 -2.48 25.82
C ILE A 321 -32.65 -2.32 24.60
N PHE A 322 -31.59 -3.13 24.51
CA PHE A 322 -30.78 -3.15 23.29
C PHE A 322 -31.64 -3.50 22.08
N PHE A 323 -32.40 -4.59 22.17
CA PHE A 323 -33.26 -4.98 21.06
C PHE A 323 -34.31 -3.92 20.77
N MET A 324 -34.79 -3.24 21.81
CA MET A 324 -35.79 -2.19 21.61
C MET A 324 -35.17 -0.98 20.95
N ARG A 325 -33.91 -0.66 21.25
CA ARG A 325 -33.24 0.45 20.58
C ARG A 325 -33.12 0.17 19.09
N VAL A 326 -32.68 -1.04 18.73
CA VAL A 326 -32.52 -1.37 17.31
C VAL A 326 -33.87 -1.30 16.61
N ALA A 327 -34.91 -1.85 17.25
CA ALA A 327 -36.25 -1.79 16.68
C ALA A 327 -36.70 -0.35 16.48
N MET A 328 -36.49 0.49 17.50
CA MET A 328 -36.86 1.90 17.38
C MET A 328 -36.08 2.58 16.26
N GLY A 329 -34.76 2.37 16.22
CA GLY A 329 -33.95 2.97 15.19
C GLY A 329 -34.39 2.60 13.79
N LEU A 330 -34.89 1.37 13.62
CA LEU A 330 -35.40 0.93 12.33
C LEU A 330 -36.80 1.43 12.04
N ALA A 331 -37.49 2.04 13.01
CA ALA A 331 -38.85 2.51 12.83
C ALA A 331 -39.01 4.01 12.99
N ILE A 332 -37.91 4.78 13.00
CA ILE A 332 -38.01 6.22 13.22
C ILE A 332 -38.75 6.95 12.10
N GLU A 333 -39.07 6.27 11.00
CA GLU A 333 -39.78 6.90 9.90
C GLU A 333 -41.06 6.18 9.53
N GLU A 334 -41.47 5.18 10.31
CA GLU A 334 -42.74 4.52 10.09
C GLU A 334 -43.90 5.44 10.49
N LYS A 335 -45.05 5.23 9.85
CA LYS A 335 -46.24 5.98 10.22
C LYS A 335 -46.69 5.63 11.64
N ASP A 336 -46.72 4.32 11.95
CA ASP A 336 -47.07 3.85 13.29
C ASP A 336 -45.78 3.45 14.01
N ARG A 337 -45.06 4.48 14.46
CA ARG A 337 -43.78 4.29 15.14
C ARG A 337 -43.80 3.15 16.15
N GLU A 338 -44.75 3.19 17.08
CA GLU A 338 -44.75 2.22 18.19
C GLU A 338 -45.14 0.83 17.71
N ALA A 339 -46.21 0.73 16.92
CA ALA A 339 -46.65 -0.58 16.44
C ALA A 339 -45.55 -1.29 15.68
N ARG A 340 -44.87 -0.58 14.77
CA ARG A 340 -43.78 -1.19 14.01
C ARG A 340 -42.57 -1.46 14.89
N ALA A 341 -42.27 -0.56 15.82
CA ALA A 341 -41.15 -0.80 16.73
C ALA A 341 -41.39 -2.05 17.57
N ILE A 342 -42.62 -2.26 18.03
CA ILE A 342 -42.93 -3.46 18.79
C ILE A 342 -42.82 -4.70 17.89
N GLU A 343 -43.31 -4.60 16.65
CA GLU A 343 -43.19 -5.70 15.72
C GLU A 343 -41.71 -6.05 15.48
N PHE A 344 -40.85 -5.04 15.37
CA PHE A 344 -39.43 -5.31 15.13
C PHE A 344 -38.75 -5.83 16.40
N TYR A 345 -39.16 -5.32 17.56
CA TYR A 345 -38.56 -5.78 18.81
C TYR A 345 -38.90 -7.24 19.07
N ASN A 346 -40.16 -7.63 18.83
CA ASN A 346 -40.56 -9.01 19.06
C ASN A 346 -39.79 -9.96 18.15
N LEU A 347 -39.56 -9.56 16.90
CA LEU A 347 -38.83 -10.42 15.97
C LEU A 347 -37.38 -10.59 16.41
N LEU A 348 -36.74 -9.51 16.87
CA LEU A 348 -35.33 -9.56 17.25
C LEU A 348 -35.13 -10.28 18.57
N SER A 349 -35.86 -9.88 19.61
CA SER A 349 -35.67 -10.43 20.95
C SER A 349 -36.00 -11.92 21.04
N SER A 350 -36.81 -12.44 20.13
CA SER A 350 -37.15 -13.86 20.10
C SER A 350 -36.13 -14.69 19.33
N PHE A 351 -35.18 -14.06 18.65
CA PHE A 351 -34.18 -14.72 17.82
C PHE A 351 -34.78 -15.34 16.57
N ASP A 352 -36.01 -14.98 16.21
CA ASP A 352 -36.59 -15.47 14.96
C ASP A 352 -35.82 -14.94 13.76
N TYR A 353 -35.32 -13.72 13.84
CA TYR A 353 -34.53 -13.07 12.81
C TYR A 353 -33.55 -12.15 13.50
N MET A 354 -32.41 -11.90 12.86
CA MET A 354 -31.40 -11.03 13.44
C MET A 354 -30.86 -10.13 12.35
N SER A 355 -30.92 -8.82 12.60
CA SER A 355 -30.33 -7.87 11.68
C SER A 355 -28.83 -8.07 11.61
N SER A 356 -28.23 -7.53 10.55
CA SER A 356 -26.79 -7.65 10.37
C SER A 356 -26.05 -6.91 11.48
N THR A 357 -24.76 -7.24 11.62
CA THR A 357 -23.90 -6.61 12.61
C THR A 357 -23.93 -5.08 12.57
N PRO A 358 -23.81 -4.42 11.40
CA PRO A 358 -23.85 -2.95 11.44
C PRO A 358 -25.19 -2.39 11.88
N THR A 359 -26.30 -3.01 11.47
CA THR A 359 -27.60 -2.55 11.94
C THR A 359 -27.69 -2.65 13.46
N LEU A 360 -27.36 -3.83 14.00
CA LEU A 360 -27.38 -4.02 15.44
C LEU A 360 -26.55 -2.97 16.16
N PHE A 361 -25.41 -2.60 15.59
CA PHE A 361 -24.49 -1.72 16.29
C PHE A 361 -24.90 -0.25 16.20
N ASN A 362 -25.48 0.17 15.07
CA ASN A 362 -25.67 1.58 14.80
C ASN A 362 -27.13 2.03 14.79
N ALA A 363 -28.08 1.14 14.62
CA ALA A 363 -29.48 1.55 14.60
C ALA A 363 -29.81 2.27 15.90
N GLY A 364 -30.50 3.41 15.78
CA GLY A 364 -30.88 4.20 16.94
C GLY A 364 -29.84 5.19 17.39
N THR A 365 -28.72 5.31 16.68
CA THR A 365 -27.66 6.27 16.99
C THR A 365 -27.58 7.32 15.89
N LEU A 366 -26.86 8.40 16.19
CA LEU A 366 -26.69 9.49 15.24
C LEU A 366 -25.95 9.02 13.99
N ARG A 367 -26.42 9.50 12.83
CA ARG A 367 -25.87 9.14 11.53
C ARG A 367 -25.55 7.66 11.49
N PRO A 368 -26.57 6.80 11.43
CA PRO A 368 -26.35 5.36 11.62
C PRO A 368 -25.83 4.69 10.35
N GLN A 369 -24.70 4.00 10.48
CA GLN A 369 -24.18 3.15 9.41
C GLN A 369 -24.84 1.78 9.56
N LEU A 370 -25.97 1.59 8.89
CA LEU A 370 -26.74 0.36 8.98
C LEU A 370 -26.28 -0.72 8.00
N SER A 371 -25.60 -0.33 6.92
CA SER A 371 -25.05 -1.27 5.96
C SER A 371 -23.58 -0.94 5.75
N SER A 372 -22.74 -1.98 5.67
CA SER A 372 -21.31 -1.78 5.58
C SER A 372 -20.67 -2.68 4.52
N CYS A 373 -21.43 -3.01 3.47
N CYS A 373 -21.40 -3.02 3.47
CA CYS A 373 -21.00 -3.91 2.40
CA CYS A 373 -20.87 -3.88 2.43
C CYS A 373 -21.25 -3.22 1.07
C CYS A 373 -21.22 -3.27 1.08
N TYR A 374 -20.21 -3.11 0.23
CA TYR A 374 -20.32 -2.34 -1.00
C TYR A 374 -19.61 -3.04 -2.15
N LEU A 375 -20.08 -2.75 -3.37
CA LEU A 375 -19.47 -3.21 -4.61
C LEU A 375 -19.19 -2.00 -5.49
N THR A 376 -18.01 -1.99 -6.12
CA THR A 376 -17.60 -0.91 -7.00
C THR A 376 -17.02 -1.49 -8.29
N THR A 377 -16.93 -0.63 -9.29
CA THR A 377 -16.26 -0.94 -10.54
C THR A 377 -15.30 0.21 -10.86
N VAL A 378 -14.08 -0.13 -11.24
CA VAL A 378 -13.01 0.84 -11.40
C VAL A 378 -12.88 1.20 -12.88
N PRO A 379 -12.94 2.47 -13.24
CA PRO A 379 -12.81 2.85 -14.65
C PRO A 379 -11.35 2.89 -15.11
N ASP A 380 -11.18 2.73 -16.43
CA ASP A 380 -9.85 2.67 -17.03
C ASP A 380 -9.28 4.06 -17.30
N ASP A 381 -9.31 4.94 -16.30
CA ASP A 381 -8.60 6.21 -16.38
C ASP A 381 -7.99 6.51 -15.02
N LEU A 382 -6.88 7.24 -15.03
CA LEU A 382 -6.10 7.43 -13.81
C LEU A 382 -6.89 8.22 -12.76
N SER A 383 -7.65 9.22 -13.17
CA SER A 383 -8.46 9.98 -12.23
C SER A 383 -9.53 9.10 -11.60
N GLY A 384 -10.21 8.29 -12.41
CA GLY A 384 -11.23 7.40 -11.86
C GLY A 384 -10.65 6.25 -11.07
N ILE A 385 -9.44 5.80 -11.43
CA ILE A 385 -8.75 4.82 -10.59
C ILE A 385 -8.56 5.38 -9.19
N TYR A 386 -8.03 6.61 -9.10
CA TYR A 386 -7.78 7.20 -7.80
C TYR A 386 -9.04 7.77 -7.16
N GLY A 387 -10.11 7.96 -7.93
CA GLY A 387 -11.41 8.17 -7.34
C GLY A 387 -11.94 6.91 -6.68
N ALA A 388 -11.62 5.75 -7.26
CA ALA A 388 -12.03 4.48 -6.67
C ALA A 388 -11.21 4.17 -5.42
N ILE A 389 -9.92 4.51 -5.43
CA ILE A 389 -9.12 4.39 -4.21
C ILE A 389 -9.71 5.28 -3.12
N HIS A 390 -10.11 6.49 -3.50
CA HIS A 390 -10.69 7.42 -2.53
C HIS A 390 -11.98 6.86 -1.95
N ASP A 391 -12.84 6.28 -2.79
CA ASP A 391 -14.08 5.68 -2.32
C ASP A 391 -13.80 4.50 -1.39
N ASN A 392 -12.81 3.67 -1.73
CA ASN A 392 -12.43 2.57 -0.86
C ASN A 392 -12.13 3.07 0.55
N ALA A 393 -11.35 4.14 0.64
CA ALA A 393 -10.98 4.67 1.95
C ALA A 393 -12.21 5.17 2.71
N MET A 394 -13.08 5.94 2.03
CA MET A 394 -14.25 6.50 2.71
C MET A 394 -15.23 5.41 3.15
N LEU A 395 -15.48 4.43 2.28
CA LEU A 395 -16.42 3.35 2.61
C LEU A 395 -15.88 2.48 3.74
N SER A 396 -14.56 2.38 3.87
CA SER A 396 -13.93 1.58 4.91
C SER A 396 -13.71 2.34 6.20
N LYS A 397 -14.04 3.63 6.24
CA LYS A 397 -13.78 4.45 7.42
C LYS A 397 -14.45 3.88 8.66
N PHE A 398 -15.53 3.11 8.50
CA PHE A 398 -16.22 2.49 9.64
C PHE A 398 -16.43 0.99 9.38
N ALA A 399 -15.34 0.29 9.08
CA ALA A 399 -15.31 -1.17 9.04
C ALA A 399 -16.09 -1.76 7.88
N GLY A 400 -16.25 -1.02 6.79
CA GLY A 400 -16.97 -1.54 5.64
C GLY A 400 -16.16 -2.54 4.83
N GLY A 401 -16.87 -3.50 4.26
CA GLY A 401 -16.27 -4.49 3.37
C GLY A 401 -16.56 -4.14 1.92
N LEU A 402 -15.60 -4.42 1.05
CA LEU A 402 -15.62 -3.93 -0.32
C LEU A 402 -15.30 -5.03 -1.33
N GLY A 403 -16.08 -5.07 -2.41
CA GLY A 403 -15.69 -5.76 -3.63
C GLY A 403 -15.36 -4.73 -4.70
N ASN A 404 -14.22 -4.95 -5.38
CA ASN A 404 -13.74 -4.06 -6.43
C ASN A 404 -13.61 -4.84 -7.74
N ASP A 405 -14.26 -4.36 -8.78
CA ASP A 405 -14.08 -4.88 -10.14
C ASP A 405 -12.96 -4.12 -10.82
N TRP A 406 -11.81 -4.77 -10.99
CA TRP A 406 -10.64 -4.16 -11.62
C TRP A 406 -10.47 -4.56 -13.07
N THR A 407 -11.39 -5.35 -13.62
CA THR A 407 -11.26 -5.80 -15.00
C THR A 407 -11.11 -4.68 -16.01
N PRO A 408 -11.81 -3.55 -15.91
CA PRO A 408 -11.73 -2.54 -16.98
C PRO A 408 -10.35 -1.92 -17.16
N VAL A 409 -9.46 -2.02 -16.16
CA VAL A 409 -8.19 -1.31 -16.18
C VAL A 409 -7.21 -2.07 -17.08
N ARG A 410 -6.57 -1.35 -18.00
CA ARG A 410 -5.78 -1.96 -19.06
C ARG A 410 -4.54 -2.64 -18.49
N ALA A 411 -4.08 -3.69 -19.19
CA ALA A 411 -3.11 -4.62 -18.66
C ALA A 411 -1.69 -4.24 -19.09
N LEU A 412 -0.73 -5.02 -18.59
CA LEU A 412 0.67 -4.84 -18.97
C LEU A 412 0.80 -4.80 -20.49
N GLY A 413 1.58 -3.83 -20.98
CA GLY A 413 1.85 -3.70 -22.40
C GLY A 413 0.89 -2.84 -23.17
N SER A 414 -0.19 -2.37 -22.54
CA SER A 414 -1.15 -1.52 -23.22
C SER A 414 -0.56 -0.13 -23.47
N TYR A 415 -0.98 0.49 -24.56
CA TYR A 415 -0.54 1.85 -24.86
C TYR A 415 -1.22 2.85 -23.93
N ILE A 416 -0.51 3.94 -23.66
CA ILE A 416 -1.03 5.06 -22.86
C ILE A 416 -0.72 6.34 -23.63
N LYS A 417 -1.75 6.97 -24.18
CA LYS A 417 -1.57 8.26 -24.84
C LYS A 417 -1.20 9.32 -23.80
N GLY A 418 -0.58 10.40 -24.27
CA GLY A 418 -0.08 11.42 -23.37
C GLY A 418 1.23 11.05 -22.71
N THR A 419 1.31 9.83 -22.14
CA THR A 419 2.57 9.33 -21.63
C THR A 419 3.48 8.83 -22.75
N ASN A 420 2.89 8.35 -23.86
CA ASN A 420 3.66 7.76 -24.94
C ASN A 420 4.53 6.60 -24.44
N GLY A 421 4.01 5.86 -23.47
CA GLY A 421 4.68 4.71 -22.90
C GLY A 421 3.75 3.51 -22.89
N LYS A 422 4.01 2.59 -21.95
CA LYS A 422 3.22 1.37 -21.83
C LYS A 422 2.85 1.12 -20.38
N SER A 423 1.60 0.69 -20.18
CA SER A 423 1.10 0.41 -18.84
C SER A 423 1.81 -0.80 -18.24
N GLN A 424 1.95 -0.78 -16.91
CA GLN A 424 2.42 -1.93 -16.16
C GLN A 424 1.27 -2.78 -15.61
N GLY A 425 0.04 -2.45 -15.96
CA GLY A 425 -1.10 -3.27 -15.58
C GLY A 425 -1.70 -2.87 -14.25
N VAL A 426 -2.55 -3.77 -13.76
CA VAL A 426 -3.40 -3.45 -12.61
C VAL A 426 -2.66 -3.63 -11.30
N VAL A 427 -1.63 -4.47 -11.26
CA VAL A 427 -1.04 -4.86 -9.97
C VAL A 427 -0.43 -3.66 -9.23
N PRO A 428 0.29 -2.75 -9.88
CA PRO A 428 0.79 -1.59 -9.12
C PRO A 428 -0.30 -0.76 -8.49
N PHE A 429 -1.48 -0.70 -9.11
CA PHE A 429 -2.61 -0.03 -8.50
C PHE A 429 -3.21 -0.87 -7.36
N LEU A 430 -3.26 -2.19 -7.54
CA LEU A 430 -3.75 -3.04 -6.45
C LEU A 430 -2.86 -2.90 -5.22
N LYS A 431 -1.58 -2.61 -5.42
CA LYS A 431 -0.70 -2.36 -4.29
C LYS A 431 -1.15 -1.12 -3.52
N VAL A 432 -1.62 -0.10 -4.24
CA VAL A 432 -2.16 1.08 -3.57
C VAL A 432 -3.42 0.71 -2.79
N VAL A 433 -4.29 -0.11 -3.38
CA VAL A 433 -5.46 -0.62 -2.68
C VAL A 433 -5.03 -1.34 -1.41
N ASN A 434 -4.08 -2.26 -1.56
CA ASN A 434 -3.61 -3.07 -0.45
C ASN A 434 -3.16 -2.20 0.73
N ASP A 435 -2.40 -1.14 0.45
CA ASP A 435 -1.90 -0.29 1.51
C ASP A 435 -2.96 0.66 2.04
N THR A 436 -4.01 0.91 1.28
CA THR A 436 -5.15 1.67 1.80
C THR A 436 -5.92 0.83 2.82
N ALA A 437 -6.12 -0.46 2.52
CA ALA A 437 -6.79 -1.34 3.48
C ALA A 437 -6.03 -1.42 4.79
N VAL A 438 -4.69 -1.45 4.71
CA VAL A 438 -3.87 -1.40 5.93
C VAL A 438 -4.04 -0.06 6.64
N ALA A 439 -4.12 1.04 5.88
CA ALA A 439 -4.15 2.37 6.49
C ALA A 439 -5.49 2.66 7.16
N VAL A 440 -6.59 2.16 6.58
CA VAL A 440 -7.93 2.44 7.10
C VAL A 440 -8.46 1.31 7.97
N ASN A 441 -7.72 0.21 8.09
CA ASN A 441 -8.14 -0.93 8.89
C ASN A 441 -9.48 -1.48 8.39
N ALA A 449 -11.95 -5.08 5.17
CA ALA A 449 -11.24 -5.82 4.13
C ALA A 449 -11.79 -5.46 2.74
N VAL A 450 -11.05 -5.85 1.70
CA VAL A 450 -11.42 -5.58 0.32
C VAL A 450 -11.04 -6.80 -0.52
N CYS A 451 -11.85 -7.08 -1.55
CA CYS A 451 -11.60 -8.18 -2.48
C CYS A 451 -11.58 -7.63 -3.89
N ALA A 452 -10.48 -7.85 -4.61
CA ALA A 452 -10.36 -7.43 -5.99
C ALA A 452 -10.75 -8.58 -6.94
N TYR A 453 -11.54 -8.24 -7.95
CA TYR A 453 -12.01 -9.19 -8.95
C TYR A 453 -11.36 -8.91 -10.30
N LEU A 454 -11.01 -9.97 -11.02
CA LEU A 454 -10.45 -9.84 -12.36
C LEU A 454 -11.00 -10.94 -13.26
N GLU A 455 -11.38 -10.56 -14.48
CA GLU A 455 -11.95 -11.51 -15.42
C GLU A 455 -10.84 -12.34 -16.07
N THR A 456 -11.19 -13.56 -16.47
CA THR A 456 -10.20 -14.60 -16.75
C THR A 456 -9.43 -14.41 -18.04
N TRP A 457 -9.93 -13.58 -18.97
CA TRP A 457 -9.18 -13.26 -20.18
C TRP A 457 -8.27 -12.05 -20.00
N HIS A 458 -8.30 -11.40 -18.84
CA HIS A 458 -7.48 -10.22 -18.62
C HIS A 458 -6.00 -10.57 -18.70
N LEU A 459 -5.23 -9.75 -19.40
CA LEU A 459 -3.84 -10.08 -19.68
C LEU A 459 -2.98 -10.12 -18.43
N ASP A 460 -3.41 -9.51 -17.33
CA ASP A 460 -2.67 -9.58 -16.07
C ASP A 460 -3.10 -10.75 -15.20
N ILE A 461 -3.93 -11.66 -15.73
CA ILE A 461 -4.55 -12.68 -14.88
C ILE A 461 -3.48 -13.56 -14.22
N GLU A 462 -2.40 -13.89 -14.94
CA GLU A 462 -1.41 -14.80 -14.41
C GLU A 462 -0.70 -14.20 -13.19
N GLU A 463 -0.30 -12.93 -13.28
CA GLU A 463 0.22 -12.25 -12.11
C GLU A 463 -0.83 -12.16 -11.01
N PHE A 464 -2.10 -12.00 -11.39
CA PHE A 464 -3.18 -11.87 -10.42
C PHE A 464 -3.30 -13.11 -9.55
N LEU A 465 -3.19 -14.30 -10.15
CA LEU A 465 -3.36 -15.54 -9.41
C LEU A 465 -2.33 -15.71 -8.30
N GLU A 466 -1.19 -15.03 -8.39
CA GLU A 466 -0.08 -15.26 -7.48
C GLU A 466 0.05 -14.18 -6.42
N LEU A 467 -0.89 -13.24 -6.36
CA LEU A 467 -0.75 -12.10 -5.46
C LEU A 467 -0.66 -12.50 -4.00
N ARG A 468 -1.12 -13.69 -3.62
CA ARG A 468 -1.16 -14.09 -2.22
C ARG A 468 -0.14 -15.18 -1.88
N LYS A 469 0.85 -15.41 -2.74
CA LYS A 469 1.94 -16.32 -2.39
C LYS A 469 2.73 -15.75 -1.22
N ASN A 470 3.22 -16.64 -0.35
CA ASN A 470 3.98 -16.20 0.81
C ASN A 470 5.36 -15.70 0.43
N THR A 471 5.97 -16.31 -0.58
CA THR A 471 7.32 -15.97 -1.00
C THR A 471 7.32 -15.31 -2.37
N GLY A 472 8.49 -14.85 -2.79
CA GLY A 472 8.65 -14.20 -4.08
C GLY A 472 8.76 -12.68 -3.95
N ASP A 473 8.88 -12.05 -5.12
CA ASP A 473 9.00 -10.60 -5.19
C ASP A 473 7.80 -9.93 -4.53
N ASP A 474 8.08 -9.07 -3.54
CA ASP A 474 7.00 -8.40 -2.81
C ASP A 474 6.32 -7.33 -3.64
N ARG A 475 6.99 -6.80 -4.67
CA ARG A 475 6.35 -5.87 -5.59
C ARG A 475 5.20 -6.53 -6.36
N ARG A 476 5.09 -7.85 -6.32
CA ARG A 476 4.05 -8.58 -7.05
C ARG A 476 3.12 -9.31 -6.07
N ARG A 477 3.01 -8.80 -4.85
CA ARG A 477 2.20 -9.40 -3.80
C ARG A 477 1.30 -8.35 -3.16
N THR A 478 0.11 -8.78 -2.75
CA THR A 478 -0.81 -7.95 -1.96
C THR A 478 -1.30 -8.83 -0.81
N HIS A 479 -0.53 -8.87 0.29
CA HIS A 479 -0.82 -9.76 1.40
C HIS A 479 -1.99 -9.30 2.27
N ASP A 480 -2.54 -8.11 2.02
CA ASP A 480 -3.61 -7.58 2.84
C ASP A 480 -4.88 -7.34 2.03
N MET A 481 -4.98 -7.96 0.87
CA MET A 481 -6.09 -7.78 -0.05
C MET A 481 -6.56 -9.13 -0.54
N ASN A 482 -7.87 -9.32 -0.60
CA ASN A 482 -8.43 -10.55 -1.15
C ASN A 482 -8.55 -10.43 -2.67
N THR A 483 -8.61 -11.59 -3.32
CA THR A 483 -8.71 -11.67 -4.77
C THR A 483 -9.77 -12.70 -5.13
N ALA A 484 -10.41 -12.51 -6.28
CA ALA A 484 -11.38 -13.47 -6.77
C ALA A 484 -11.38 -13.48 -8.29
N ASN A 485 -11.56 -14.67 -8.87
CA ASN A 485 -11.73 -14.81 -10.31
C ASN A 485 -13.15 -14.50 -10.72
N TRP A 486 -13.30 -13.72 -11.79
CA TRP A 486 -14.58 -13.42 -12.42
C TRP A 486 -14.61 -14.22 -13.72
N ILE A 487 -15.19 -15.42 -13.67
CA ILE A 487 -14.96 -16.44 -14.68
C ILE A 487 -16.15 -16.46 -15.65
N PRO A 488 -15.93 -16.24 -16.95
CA PRO A 488 -17.01 -16.42 -17.91
C PRO A 488 -17.27 -17.90 -18.19
N ASP A 489 -18.52 -18.20 -18.53
CA ASP A 489 -18.88 -19.58 -18.88
C ASP A 489 -17.98 -20.13 -19.97
N LEU A 490 -17.60 -19.27 -20.93
CA LEU A 490 -16.85 -19.75 -22.08
C LEU A 490 -15.51 -20.36 -21.65
N PHE A 491 -14.88 -19.78 -20.62
CA PHE A 491 -13.62 -20.33 -20.14
C PHE A 491 -13.82 -21.76 -19.64
N MET A 492 -14.84 -21.97 -18.80
CA MET A 492 -15.14 -23.32 -18.32
C MET A 492 -15.47 -24.25 -19.49
N LYS A 493 -16.18 -23.75 -20.49
CA LYS A 493 -16.44 -24.54 -21.69
C LYS A 493 -15.14 -25.00 -22.33
N ARG A 494 -14.14 -24.11 -22.40
CA ARG A 494 -12.87 -24.47 -23.00
C ARG A 494 -12.10 -25.46 -22.11
N VAL A 495 -12.29 -25.38 -20.80
CA VAL A 495 -11.70 -26.39 -19.92
C VAL A 495 -12.34 -27.75 -20.16
N PHE A 496 -13.67 -27.81 -20.15
CA PHE A 496 -14.37 -29.07 -20.38
C PHE A 496 -13.98 -29.69 -21.71
N ASP A 497 -13.71 -28.86 -22.72
CA ASP A 497 -13.44 -29.33 -24.08
C ASP A 497 -11.97 -29.30 -24.44
N ASP A 498 -11.08 -29.04 -23.48
CA ASP A 498 -9.64 -28.99 -23.72
C ASP A 498 -9.30 -28.00 -24.83
N GLY A 499 -10.00 -26.85 -24.82
CA GLY A 499 -9.78 -25.82 -25.82
C GLY A 499 -8.74 -24.80 -25.38
N SER A 500 -8.49 -23.85 -26.27
CA SER A 500 -7.54 -22.78 -26.01
C SER A 500 -8.25 -21.59 -25.37
N TRP A 501 -7.46 -20.56 -25.02
CA TRP A 501 -7.98 -19.40 -24.32
C TRP A 501 -7.02 -18.24 -24.55
N THR A 502 -7.55 -17.12 -25.01
CA THR A 502 -6.73 -15.97 -25.38
C THR A 502 -6.90 -14.85 -24.36
N LEU A 503 -5.78 -14.28 -23.93
CA LEU A 503 -5.76 -13.17 -23.01
C LEU A 503 -5.66 -11.85 -23.78
N PHE A 504 -6.45 -10.86 -23.37
CA PHE A 504 -6.49 -9.56 -24.00
C PHE A 504 -6.34 -8.47 -22.94
N SER A 505 -5.89 -7.33 -23.39
CA SER A 505 -6.03 -6.17 -22.51
C SER A 505 -7.40 -5.52 -22.72
N PRO A 506 -8.10 -5.13 -21.66
CA PRO A 506 -9.45 -4.58 -21.85
C PRO A 506 -9.48 -3.34 -22.74
N SER A 507 -8.39 -2.57 -22.81
CA SER A 507 -8.38 -1.38 -23.65
C SER A 507 -8.50 -1.72 -25.12
N ASP A 508 -8.11 -2.93 -25.54
CA ASP A 508 -8.35 -3.37 -26.90
C ASP A 508 -9.71 -4.01 -27.09
N VAL A 509 -10.36 -4.44 -26.01
CA VAL A 509 -11.64 -5.12 -26.09
C VAL A 509 -12.57 -4.52 -25.04
N PRO A 510 -12.83 -3.21 -25.07
CA PRO A 510 -13.52 -2.55 -23.94
C PRO A 510 -14.96 -3.00 -23.76
N ASP A 511 -15.55 -3.70 -24.71
CA ASP A 511 -16.96 -4.09 -24.62
C ASP A 511 -17.17 -5.46 -23.99
N LEU A 512 -16.11 -6.26 -23.83
CA LEU A 512 -16.28 -7.63 -23.35
C LEU A 512 -16.77 -7.67 -21.91
N HIS A 513 -16.17 -6.86 -21.04
CA HIS A 513 -16.48 -6.94 -19.61
C HIS A 513 -17.98 -6.74 -19.35
N ASP A 514 -18.62 -5.85 -20.11
CA ASP A 514 -20.05 -5.59 -19.91
C ASP A 514 -20.94 -6.61 -20.62
N LEU A 515 -20.42 -7.35 -21.60
CA LEU A 515 -21.21 -8.39 -22.24
C LEU A 515 -21.21 -9.66 -21.39
N TYR A 516 -22.20 -10.51 -21.65
CA TYR A 516 -22.30 -11.79 -20.96
C TYR A 516 -23.17 -12.73 -21.78
N GLY A 517 -23.12 -14.02 -21.43
CA GLY A 517 -23.92 -15.00 -22.12
C GLY A 517 -23.48 -15.20 -23.56
N LYS A 518 -24.46 -15.48 -24.43
CA LYS A 518 -24.18 -15.68 -25.84
C LYS A 518 -23.52 -14.46 -26.46
N ALA A 519 -23.98 -13.26 -26.08
CA ALA A 519 -23.40 -12.04 -26.62
C ALA A 519 -21.91 -11.98 -26.37
N PHE A 520 -21.47 -12.35 -25.16
CA PHE A 520 -20.05 -12.33 -24.86
C PHE A 520 -19.29 -13.36 -25.70
N GLU A 521 -19.83 -14.57 -25.81
CA GLU A 521 -19.10 -15.64 -26.48
C GLU A 521 -18.93 -15.37 -27.96
N GLU A 522 -19.95 -14.78 -28.59
CA GLU A 522 -19.81 -14.37 -29.99
C GLU A 522 -18.76 -13.28 -30.13
N ARG A 523 -18.86 -12.23 -29.32
CA ARG A 523 -17.90 -11.13 -29.42
C ARG A 523 -16.50 -11.58 -29.05
N TYR A 524 -16.39 -12.49 -28.07
CA TYR A 524 -15.08 -12.98 -27.67
C TYR A 524 -14.44 -13.80 -28.78
N GLU A 525 -15.22 -14.67 -29.44
CA GLU A 525 -14.68 -15.46 -30.53
C GLU A 525 -14.32 -14.56 -31.72
N TYR A 526 -15.03 -13.45 -31.90
CA TYR A 526 -14.65 -12.48 -32.93
C TYR A 526 -13.28 -11.89 -32.65
N TYR A 527 -13.05 -11.45 -31.41
CA TYR A 527 -11.73 -10.95 -31.04
C TYR A 527 -10.68 -12.04 -31.12
N GLU A 528 -11.05 -13.27 -30.78
CA GLU A 528 -10.10 -14.38 -30.84
C GLU A 528 -9.63 -14.60 -32.28
N ALA A 529 -10.57 -14.62 -33.24
CA ALA A 529 -10.21 -14.78 -34.64
C ALA A 529 -9.36 -13.62 -35.13
N LEU A 530 -9.63 -12.41 -34.63
CA LEU A 530 -8.86 -11.24 -35.01
C LEU A 530 -7.39 -11.39 -34.62
N ALA A 531 -7.15 -11.82 -33.38
CA ALA A 531 -5.78 -11.97 -32.91
C ALA A 531 -5.03 -13.05 -33.68
N SER A 532 -5.72 -14.12 -34.07
CA SER A 532 -5.07 -15.19 -34.84
C SER A 532 -4.68 -14.73 -36.24
N TYR A 533 -5.28 -13.66 -36.74
CA TYR A 533 -4.93 -13.09 -38.03
C TYR A 533 -4.06 -11.84 -37.89
N GLY A 534 -3.36 -11.70 -36.77
CA GLY A 534 -2.42 -10.61 -36.59
C GLY A 534 -3.01 -9.23 -36.54
N LYS A 535 -4.34 -9.10 -36.46
CA LYS A 535 -4.99 -7.81 -36.41
C LYS A 535 -5.30 -7.36 -34.98
N LEU A 536 -4.74 -8.03 -33.97
CA LEU A 536 -4.85 -7.60 -32.58
C LEU A 536 -3.58 -8.06 -31.88
N LYS A 537 -2.55 -7.21 -31.92
CA LYS A 537 -1.19 -7.62 -31.59
C LYS A 537 -1.07 -8.09 -30.14
N LEU A 538 -1.62 -7.31 -29.21
CA LEU A 538 -1.39 -7.57 -27.79
C LEU A 538 -2.33 -8.67 -27.32
N HIS A 539 -1.82 -9.89 -27.23
CA HIS A 539 -2.61 -11.02 -26.77
C HIS A 539 -1.68 -12.16 -26.39
N LYS A 540 -2.26 -13.13 -25.67
CA LYS A 540 -1.54 -14.33 -25.25
C LYS A 540 -2.48 -15.52 -25.36
N VAL A 541 -2.03 -16.57 -26.03
CA VAL A 541 -2.81 -17.80 -26.16
C VAL A 541 -2.24 -18.83 -25.20
N VAL A 542 -3.11 -19.38 -24.36
CA VAL A 542 -2.75 -20.43 -23.42
C VAL A 542 -3.76 -21.56 -23.57
N GLN A 543 -3.43 -22.70 -22.96
CA GLN A 543 -4.40 -23.79 -22.86
C GLN A 543 -5.31 -23.54 -21.66
N ALA A 544 -6.62 -23.63 -21.89
CA ALA A 544 -7.56 -23.39 -20.81
C ALA A 544 -7.30 -24.29 -19.61
N LYS A 545 -7.01 -25.57 -19.87
CA LYS A 545 -6.72 -26.51 -18.78
C LYS A 545 -5.52 -26.07 -17.98
N ASP A 546 -4.51 -25.48 -18.64
CA ASP A 546 -3.30 -25.06 -17.93
C ASP A 546 -3.59 -23.88 -17.00
N LEU A 547 -4.38 -22.92 -17.46
CA LEU A 547 -4.74 -21.79 -16.60
C LEU A 547 -5.67 -22.24 -15.48
N TRP A 548 -6.61 -23.13 -15.81
CA TRP A 548 -7.49 -23.70 -14.79
C TRP A 548 -6.69 -24.39 -13.70
N ARG A 549 -5.70 -25.21 -14.09
CA ARG A 549 -4.85 -25.88 -13.11
C ARG A 549 -4.11 -24.88 -12.24
N LYS A 550 -3.60 -23.80 -12.83
CA LYS A 550 -2.92 -22.77 -12.07
C LYS A 550 -3.88 -22.11 -11.08
N MET A 551 -5.12 -21.86 -11.52
CA MET A 551 -6.11 -21.25 -10.64
C MET A 551 -6.39 -22.13 -9.43
N LEU A 552 -6.52 -23.45 -9.64
CA LEU A 552 -6.83 -24.33 -8.53
C LEU A 552 -5.63 -24.54 -7.60
N SER A 553 -4.41 -24.55 -8.16
CA SER A 553 -3.23 -24.72 -7.32
C SER A 553 -3.00 -23.50 -6.44
N MET A 554 -3.28 -22.31 -6.95
CA MET A 554 -3.17 -21.10 -6.13
C MET A 554 -4.25 -21.07 -5.05
N LEU A 555 -5.48 -21.43 -5.42
CA LEU A 555 -6.54 -21.55 -4.42
C LEU A 555 -6.14 -22.53 -3.32
N PHE A 556 -5.48 -23.63 -3.70
CA PHE A 556 -5.04 -24.62 -2.70
C PHE A 556 -3.88 -24.10 -1.88
N GLU A 557 -2.89 -23.49 -2.54
CA GLU A 557 -1.66 -23.10 -1.85
C GLU A 557 -1.82 -21.81 -1.05
N THR A 558 -2.59 -20.84 -1.59
CA THR A 558 -2.72 -19.53 -0.97
C THR A 558 -4.12 -19.21 -0.50
N GLY A 559 -5.13 -19.98 -0.88
CA GLY A 559 -6.51 -19.65 -0.57
C GLY A 559 -7.15 -18.66 -1.51
N HIS A 560 -6.42 -18.21 -2.53
CA HIS A 560 -6.90 -17.15 -3.41
C HIS A 560 -6.30 -17.38 -4.79
N PRO A 561 -6.93 -16.83 -5.84
CA PRO A 561 -8.22 -16.12 -5.81
C PRO A 561 -9.41 -17.07 -5.73
N TRP A 562 -10.52 -16.60 -5.15
CA TRP A 562 -11.74 -17.38 -5.12
C TRP A 562 -12.30 -17.52 -6.54
N LEU A 563 -13.24 -18.44 -6.69
CA LEU A 563 -13.85 -18.75 -7.97
C LEU A 563 -15.31 -18.29 -7.96
N THR A 564 -15.64 -17.32 -8.82
CA THR A 564 -17.01 -16.84 -9.00
C THR A 564 -17.31 -16.80 -10.49
N PHE A 565 -18.59 -16.96 -10.82
CA PHE A 565 -19.01 -17.18 -12.21
C PHE A 565 -19.83 -16.01 -12.72
N LYS A 566 -19.31 -15.36 -13.76
CA LYS A 566 -19.85 -14.08 -14.22
C LYS A 566 -21.22 -14.23 -14.86
N ASP A 567 -21.40 -15.28 -15.66
CA ASP A 567 -22.58 -15.37 -16.52
C ASP A 567 -23.85 -15.74 -15.76
N PRO A 568 -23.83 -16.71 -14.84
CA PRO A 568 -25.03 -16.92 -14.02
C PRO A 568 -25.38 -15.71 -13.15
N CYS A 569 -24.39 -14.96 -12.68
CA CYS A 569 -24.68 -13.75 -11.91
C CYS A 569 -25.40 -12.71 -12.76
N ASN A 570 -25.12 -12.67 -14.07
CA ASN A 570 -25.72 -11.65 -14.92
C ASN A 570 -27.00 -12.12 -15.58
N LEU A 571 -27.02 -13.36 -16.09
CA LEU A 571 -28.21 -13.87 -16.77
C LEU A 571 -29.39 -14.00 -15.82
N ARG A 572 -29.12 -14.21 -14.53
CA ARG A 572 -30.18 -14.37 -13.53
C ARG A 572 -30.41 -13.11 -12.72
N SER A 573 -29.64 -12.05 -12.97
CA SER A 573 -29.85 -10.80 -12.25
C SER A 573 -31.18 -10.18 -12.68
N PRO A 574 -32.05 -9.79 -11.73
CA PRO A 574 -33.31 -9.13 -12.12
C PRO A 574 -33.11 -7.75 -12.73
N GLN A 575 -31.92 -7.17 -12.65
CA GLN A 575 -31.67 -5.80 -13.07
C GLN A 575 -30.85 -5.71 -14.35
N GLN A 576 -31.00 -6.70 -15.24
CA GLN A 576 -30.24 -6.70 -16.49
C GLN A 576 -30.62 -5.53 -17.39
N HIS A 577 -31.81 -4.95 -17.20
CA HIS A 577 -32.30 -3.91 -18.09
C HIS A 577 -31.70 -2.54 -17.83
N VAL A 578 -30.95 -2.39 -16.74
CA VAL A 578 -30.52 -1.06 -16.31
C VAL A 578 -29.05 -1.09 -15.88
N GLY A 579 -28.40 -2.23 -16.00
CA GLY A 579 -26.99 -2.31 -15.64
C GLY A 579 -26.46 -3.72 -15.79
N VAL A 580 -25.22 -3.89 -15.32
CA VAL A 580 -24.48 -5.13 -15.45
C VAL A 580 -23.82 -5.43 -14.11
N VAL A 581 -23.79 -6.70 -13.74
CA VAL A 581 -23.06 -7.14 -12.55
C VAL A 581 -21.60 -7.31 -12.93
N HIS A 582 -20.72 -6.51 -12.30
CA HIS A 582 -19.32 -6.48 -12.66
C HIS A 582 -18.46 -7.33 -11.74
N SER A 583 -18.98 -7.72 -10.59
CA SER A 583 -18.28 -8.64 -9.69
C SER A 583 -19.25 -8.99 -8.56
N SER A 584 -18.78 -9.80 -7.63
CA SER A 584 -19.48 -10.03 -6.39
C SER A 584 -18.81 -9.18 -5.31
N ASN A 585 -19.09 -9.48 -4.04
CA ASN A 585 -18.62 -8.63 -2.95
C ASN A 585 -17.51 -9.34 -2.18
N LEU A 586 -17.14 -8.75 -1.04
CA LEU A 586 -16.08 -9.30 -0.21
C LEU A 586 -16.35 -10.76 0.16
N CYS A 587 -17.62 -11.12 0.39
CA CYS A 587 -17.98 -12.44 0.89
C CYS A 587 -18.64 -13.31 -0.17
N THR A 588 -18.81 -12.81 -1.40
CA THR A 588 -19.17 -13.60 -2.58
C THR A 588 -20.60 -14.14 -2.53
N GLU A 589 -21.55 -13.38 -1.96
CA GLU A 589 -22.96 -13.75 -2.01
C GLU A 589 -23.84 -12.68 -2.64
N ILE A 590 -23.27 -11.53 -3.02
CA ILE A 590 -24.03 -10.39 -3.52
C ILE A 590 -23.76 -10.24 -5.01
N THR A 591 -24.82 -9.95 -5.78
CA THR A 591 -24.72 -9.78 -7.23
C THR A 591 -25.58 -8.57 -7.62
N LEU A 592 -25.00 -7.39 -7.49
CA LEU A 592 -25.67 -6.12 -7.77
C LEU A 592 -24.90 -5.34 -8.84
N ASN A 593 -25.63 -4.51 -9.57
CA ASN A 593 -25.02 -3.69 -10.62
C ASN A 593 -24.18 -2.58 -10.04
N THR A 594 -23.14 -2.19 -10.79
CA THR A 594 -22.32 -1.04 -10.45
C THR A 594 -22.03 -0.24 -11.71
N ASN A 595 -21.76 1.05 -11.53
CA ASN A 595 -21.31 1.88 -12.64
C ASN A 595 -20.69 3.16 -12.09
N LYS A 596 -20.41 4.08 -13.00
CA LYS A 596 -19.81 5.37 -12.67
C LYS A 596 -20.51 6.05 -11.51
N ASP A 597 -21.84 5.89 -11.40
CA ASP A 597 -22.64 6.63 -10.43
C ASP A 597 -23.36 5.72 -9.45
N GLU A 598 -22.96 4.46 -9.35
CA GLU A 598 -23.66 3.49 -8.50
C GLU A 598 -22.65 2.60 -7.81
N ILE A 599 -22.51 2.78 -6.50
CA ILE A 599 -21.83 1.85 -5.63
C ILE A 599 -22.92 1.04 -4.93
N ALA A 600 -22.98 -0.26 -5.25
CA ALA A 600 -24.03 -1.10 -4.69
C ALA A 600 -23.82 -1.31 -3.20
N VAL A 601 -24.93 -1.35 -2.45
CA VAL A 601 -24.91 -1.46 -1.01
C VAL A 601 -25.67 -2.73 -0.62
N CYS A 602 -25.06 -3.55 0.24
CA CYS A 602 -25.69 -4.78 0.71
C CYS A 602 -26.36 -4.52 2.05
N ASN A 603 -27.68 -4.65 2.09
CA ASN A 603 -28.46 -4.47 3.31
C ASN A 603 -28.97 -5.86 3.71
N LEU A 604 -28.49 -6.38 4.85
CA LEU A 604 -28.52 -7.81 5.12
C LEU A 604 -29.15 -8.14 6.46
N GLY A 605 -29.75 -9.33 6.51
CA GLY A 605 -30.27 -9.93 7.73
C GLY A 605 -30.53 -11.40 7.46
N SER A 606 -30.73 -12.16 8.54
CA SER A 606 -30.80 -13.60 8.41
C SER A 606 -31.91 -14.21 9.26
N ILE A 607 -32.67 -15.10 8.64
CA ILE A 607 -33.67 -15.89 9.35
C ILE A 607 -32.99 -16.95 10.20
N ASN A 608 -33.56 -17.21 11.37
CA ASN A 608 -33.08 -18.28 12.25
C ASN A 608 -33.95 -19.50 12.03
N LEU A 609 -33.46 -20.44 11.21
CA LEU A 609 -34.25 -21.62 10.88
C LEU A 609 -34.59 -22.45 12.12
N VAL A 610 -33.69 -22.49 13.12
CA VAL A 610 -33.94 -23.29 14.30
C VAL A 610 -35.25 -22.90 14.95
N ASN A 611 -35.52 -21.59 15.04
CA ASN A 611 -36.76 -21.11 15.65
C ASN A 611 -37.98 -21.37 14.78
N HIS A 612 -37.82 -22.04 13.62
CA HIS A 612 -38.94 -22.40 12.78
C HIS A 612 -39.02 -23.90 12.57
N ILE A 613 -38.41 -24.68 13.46
CA ILE A 613 -38.53 -26.13 13.49
C ILE A 613 -39.30 -26.50 14.74
N VAL A 614 -40.48 -27.09 14.54
CA VAL A 614 -41.32 -27.51 15.67
C VAL A 614 -41.06 -28.99 15.95
N ASP A 615 -42.12 -29.77 16.10
CA ASP A 615 -41.95 -31.20 16.37
C ASP A 615 -41.38 -31.89 15.14
N GLY A 616 -40.14 -31.56 14.80
CA GLY A 616 -39.44 -32.20 13.69
C GLY A 616 -39.75 -31.66 12.33
N LYS A 617 -40.61 -30.64 12.22
CA LYS A 617 -41.05 -30.13 10.94
C LYS A 617 -40.80 -28.63 10.83
N LEU A 618 -40.71 -28.16 9.59
CA LEU A 618 -40.60 -26.73 9.32
C LEU A 618 -41.95 -26.08 9.54
N ASP A 619 -42.00 -25.08 10.42
CA ASP A 619 -43.24 -24.35 10.69
C ASP A 619 -43.46 -23.36 9.55
N THR A 620 -44.09 -23.86 8.48
CA THR A 620 -44.38 -23.06 7.31
C THR A 620 -45.11 -21.77 7.67
N ALA A 621 -46.07 -21.85 8.59
CA ALA A 621 -46.88 -20.68 8.92
C ALA A 621 -46.07 -19.61 9.64
N LYS A 622 -45.33 -19.99 10.68
CA LYS A 622 -44.53 -19.03 11.42
C LYS A 622 -43.45 -18.41 10.54
N LEU A 623 -43.00 -19.14 9.53
CA LEU A 623 -41.94 -18.64 8.66
C LEU A 623 -42.41 -17.44 7.85
N GLU A 624 -43.64 -17.49 7.35
CA GLU A 624 -44.16 -16.36 6.57
C GLU A 624 -44.19 -15.08 7.39
N LYS A 625 -44.67 -15.17 8.64
CA LYS A 625 -44.76 -13.99 9.49
C LYS A 625 -43.38 -13.37 9.73
N THR A 626 -42.37 -14.20 9.98
CA THR A 626 -41.05 -13.67 10.24
C THR A 626 -40.43 -13.07 8.98
N VAL A 627 -40.62 -13.72 7.83
CA VAL A 627 -40.08 -13.20 6.58
C VAL A 627 -40.73 -11.87 6.22
N LYS A 628 -42.05 -11.77 6.38
CA LYS A 628 -42.74 -10.52 6.07
C LYS A 628 -42.17 -9.36 6.87
N THR A 629 -41.93 -9.58 8.17
CA THR A 629 -41.38 -8.51 9.00
C THR A 629 -39.90 -8.28 8.70
N ALA A 630 -39.16 -9.35 8.39
CA ALA A 630 -37.75 -9.21 8.06
C ALA A 630 -37.55 -8.32 6.84
N VAL A 631 -38.30 -8.58 5.77
CA VAL A 631 -38.15 -7.80 4.55
C VAL A 631 -38.47 -6.33 4.81
N ARG A 632 -39.52 -6.07 5.60
CA ARG A 632 -39.86 -4.69 5.91
C ARG A 632 -38.72 -4.00 6.65
N MET A 633 -38.16 -4.66 7.65
CA MET A 633 -37.03 -4.08 8.37
C MET A 633 -35.87 -3.79 7.44
N LEU A 634 -35.60 -4.70 6.49
CA LEU A 634 -34.51 -4.48 5.55
C LEU A 634 -34.82 -3.32 4.61
N ASP A 635 -36.08 -3.19 4.18
CA ASP A 635 -36.44 -2.06 3.34
C ASP A 635 -36.30 -0.75 4.11
N ASN A 636 -36.60 -0.76 5.41
CA ASN A 636 -36.40 0.43 6.22
C ASN A 636 -34.92 0.80 6.30
N VAL A 637 -34.04 -0.20 6.36
CA VAL A 637 -32.61 0.07 6.46
C VAL A 637 -32.17 1.02 5.36
N ILE A 638 -32.75 0.89 4.17
CA ILE A 638 -32.34 1.70 3.02
C ILE A 638 -32.56 3.18 3.32
N ASP A 639 -33.72 3.52 3.90
CA ASP A 639 -34.06 4.92 4.14
C ASP A 639 -33.32 5.50 5.33
N ILE A 640 -33.07 4.71 6.37
CA ILE A 640 -32.46 5.23 7.58
C ILE A 640 -30.94 5.33 7.42
N ASN A 641 -30.35 4.48 6.60
CA ASN A 641 -28.90 4.41 6.49
C ASN A 641 -28.32 5.77 6.13
N TYR A 642 -27.29 6.20 6.85
CA TYR A 642 -26.57 7.43 6.55
C TYR A 642 -25.49 7.13 5.51
N TYR A 643 -25.49 7.89 4.43
CA TYR A 643 -24.63 7.62 3.28
C TYR A 643 -23.48 8.61 3.23
N SER A 644 -22.26 8.07 3.11
CA SER A 644 -21.05 8.87 3.02
C SER A 644 -20.72 9.27 1.59
N VAL A 645 -20.84 8.33 0.65
CA VAL A 645 -20.57 8.61 -0.75
C VAL A 645 -21.89 8.68 -1.51
N PRO A 646 -22.07 9.65 -2.41
CA PRO A 646 -23.41 9.85 -2.99
C PRO A 646 -23.84 8.73 -3.94
N GLN A 647 -22.90 8.07 -4.61
CA GLN A 647 -23.29 7.00 -5.52
C GLN A 647 -23.75 5.74 -4.79
N ALA A 648 -23.50 5.63 -3.49
CA ALA A 648 -24.07 4.53 -2.72
C ALA A 648 -25.52 4.82 -2.35
N GLN A 649 -25.81 6.06 -1.97
CA GLN A 649 -27.19 6.48 -1.79
C GLN A 649 -27.96 6.35 -3.09
N ASN A 650 -27.35 6.75 -4.20
CA ASN A 650 -28.03 6.73 -5.50
C ASN A 650 -28.51 5.32 -5.84
N SER A 651 -27.65 4.31 -5.67
CA SER A 651 -28.02 2.96 -6.07
C SER A 651 -29.03 2.35 -5.10
N ASN A 652 -28.89 2.63 -3.80
CA ASN A 652 -29.82 2.08 -2.84
C ASN A 652 -31.22 2.67 -3.03
N PHE A 653 -31.31 3.98 -3.25
CA PHE A 653 -32.61 4.61 -3.46
C PHE A 653 -33.23 4.22 -4.79
N LYS A 654 -32.41 4.03 -5.83
CA LYS A 654 -32.93 3.71 -7.15
C LYS A 654 -33.50 2.30 -7.20
N HIS A 655 -32.78 1.33 -6.64
CA HIS A 655 -33.07 -0.08 -6.85
C HIS A 655 -33.54 -0.81 -5.59
N ARG A 656 -33.21 -0.30 -4.42
CA ARG A 656 -33.65 -0.86 -3.15
C ARG A 656 -33.42 -2.38 -3.06
N PRO A 657 -32.19 -2.83 -3.25
CA PRO A 657 -31.90 -4.25 -3.01
C PRO A 657 -31.73 -4.52 -1.52
N VAL A 658 -32.14 -5.72 -1.12
CA VAL A 658 -31.90 -6.23 0.22
C VAL A 658 -31.37 -7.65 0.08
N GLY A 659 -30.85 -8.19 1.19
CA GLY A 659 -30.34 -9.54 1.20
C GLY A 659 -30.74 -10.31 2.44
N LEU A 660 -31.87 -11.02 2.35
CA LEU A 660 -32.36 -11.84 3.46
C LEU A 660 -31.76 -13.24 3.34
N GLY A 661 -31.00 -13.65 4.35
CA GLY A 661 -30.37 -14.94 4.38
C GLY A 661 -30.96 -15.86 5.43
N ILE A 662 -30.22 -16.92 5.74
CA ILE A 662 -30.63 -17.92 6.72
C ILE A 662 -29.44 -18.31 7.59
N MET A 663 -29.75 -18.83 8.77
CA MET A 663 -28.73 -19.41 9.65
C MET A 663 -29.39 -20.50 10.50
N GLY A 664 -28.54 -21.30 11.14
CA GLY A 664 -29.03 -22.44 11.88
C GLY A 664 -29.41 -23.62 11.02
N PHE A 665 -28.91 -23.70 9.79
CA PHE A 665 -29.29 -24.78 8.89
C PHE A 665 -28.82 -26.12 9.42
N GLN A 666 -27.55 -26.22 9.82
CA GLN A 666 -27.04 -27.47 10.36
C GLN A 666 -27.82 -27.88 11.59
N ASP A 667 -28.12 -26.93 12.48
CA ASP A 667 -28.91 -27.23 13.66
C ASP A 667 -30.33 -27.62 13.30
N ALA A 668 -30.88 -27.04 12.24
CA ALA A 668 -32.21 -27.46 11.78
C ALA A 668 -32.19 -28.90 11.29
N LEU A 669 -31.09 -29.32 10.65
CA LEU A 669 -30.95 -30.72 10.24
C LEU A 669 -30.94 -31.64 11.45
N TYR A 670 -30.22 -31.27 12.52
CA TYR A 670 -30.21 -32.07 13.73
C TYR A 670 -31.62 -32.32 14.24
N LEU A 671 -32.44 -31.25 14.30
CA LEU A 671 -33.79 -31.39 14.84
C LEU A 671 -34.65 -32.33 14.02
N GLN A 672 -34.32 -32.54 12.76
CA GLN A 672 -35.01 -33.51 11.92
C GLN A 672 -34.27 -34.83 11.84
N HIS A 673 -33.10 -34.93 12.49
CA HIS A 673 -32.27 -36.13 12.44
C HIS A 673 -31.88 -36.47 11.00
N ILE A 674 -31.61 -35.45 10.22
CA ILE A 674 -31.16 -35.60 8.83
C ILE A 674 -29.64 -35.38 8.82
N PRO A 675 -28.85 -36.35 8.37
CA PRO A 675 -27.42 -36.08 8.18
C PRO A 675 -27.21 -35.19 6.97
N TYR A 676 -26.21 -34.30 7.08
CA TYR A 676 -25.98 -33.37 5.98
C TYR A 676 -25.63 -34.11 4.70
N GLY A 677 -24.97 -35.26 4.80
CA GLY A 677 -24.63 -36.04 3.64
C GLY A 677 -25.70 -37.06 3.26
N SER A 678 -26.85 -36.57 2.77
CA SER A 678 -27.95 -37.46 2.43
C SER A 678 -28.87 -36.74 1.47
N ASP A 679 -29.66 -37.53 0.74
CA ASP A 679 -30.68 -36.97 -0.13
C ASP A 679 -31.73 -36.21 0.65
N ALA A 680 -31.93 -36.57 1.93
CA ALA A 680 -32.94 -35.91 2.74
C ALA A 680 -32.52 -34.49 3.12
N ALA A 681 -31.22 -34.25 3.30
CA ALA A 681 -30.75 -32.88 3.57
C ALA A 681 -30.82 -32.03 2.31
N ILE A 682 -30.45 -32.60 1.16
CA ILE A 682 -30.56 -31.89 -0.10
C ILE A 682 -32.01 -31.52 -0.37
N ALA A 683 -32.94 -32.40 -0.01
CA ALA A 683 -34.36 -32.11 -0.19
C ALA A 683 -34.81 -30.98 0.72
N PHE A 684 -34.40 -31.03 1.99
CA PHE A 684 -34.78 -29.96 2.93
C PHE A 684 -34.18 -28.62 2.51
N ALA A 685 -32.95 -28.63 1.99
CA ALA A 685 -32.34 -27.39 1.54
C ALA A 685 -33.09 -26.78 0.37
N ASP A 686 -33.57 -27.64 -0.54
CA ASP A 686 -34.35 -27.18 -1.68
C ASP A 686 -35.67 -26.56 -1.23
N GLN A 687 -36.46 -27.32 -0.46
CA GLN A 687 -37.82 -26.91 -0.14
C GLN A 687 -37.85 -25.77 0.87
N SER A 688 -36.91 -25.72 1.81
CA SER A 688 -36.90 -24.63 2.77
C SER A 688 -36.58 -23.31 2.09
N MET A 689 -35.67 -23.32 1.11
CA MET A 689 -35.40 -22.11 0.36
C MET A 689 -36.57 -21.71 -0.52
N GLU A 690 -37.24 -22.69 -1.12
CA GLU A 690 -38.42 -22.39 -1.93
C GLU A 690 -39.51 -21.73 -1.08
N ALA A 691 -39.66 -22.18 0.17
CA ALA A 691 -40.67 -21.59 1.04
C ALA A 691 -40.30 -20.16 1.43
N ILE A 692 -39.07 -19.97 1.93
CA ILE A 692 -38.62 -18.62 2.27
C ILE A 692 -38.71 -17.70 1.05
N SER A 693 -38.31 -18.23 -0.12
CA SER A 693 -38.32 -17.41 -1.33
C SER A 693 -39.72 -16.93 -1.66
N TYR A 694 -40.70 -17.83 -1.62
CA TYR A 694 -42.08 -17.45 -1.87
C TYR A 694 -42.52 -16.32 -0.95
N TYR A 695 -42.28 -16.50 0.35
CA TYR A 695 -42.70 -15.49 1.33
C TYR A 695 -41.93 -14.19 1.16
N ALA A 696 -40.62 -14.27 0.93
CA ALA A 696 -39.84 -13.05 0.74
C ALA A 696 -40.32 -12.28 -0.48
N ILE A 697 -40.53 -12.98 -1.60
CA ILE A 697 -41.05 -12.31 -2.80
C ILE A 697 -42.44 -11.77 -2.53
N GLN A 698 -43.28 -12.55 -1.85
CA GLN A 698 -44.63 -12.08 -1.53
C GLN A 698 -44.58 -10.86 -0.63
N ALA A 699 -43.65 -10.83 0.33
CA ALA A 699 -43.51 -9.67 1.20
C ALA A 699 -43.12 -8.42 0.43
N SER A 700 -42.23 -8.57 -0.55
CA SER A 700 -41.83 -7.43 -1.36
C SER A 700 -43.01 -6.85 -2.14
N CYS A 701 -43.94 -7.70 -2.56
CA CYS A 701 -45.15 -7.22 -3.21
C CYS A 701 -46.01 -6.40 -2.25
N ASP A 702 -46.05 -6.79 -0.98
CA ASP A 702 -46.86 -6.06 -0.01
C ASP A 702 -46.29 -4.67 0.24
N LEU A 703 -44.96 -4.54 0.32
CA LEU A 703 -44.35 -3.23 0.46
C LEU A 703 -44.58 -2.37 -0.76
N ALA A 704 -44.58 -2.98 -1.95
CA ALA A 704 -44.86 -2.22 -3.18
C ALA A 704 -46.27 -1.64 -3.15
N ASP A 705 -47.22 -2.39 -2.59
CA ASP A 705 -48.59 -1.87 -2.48
C ASP A 705 -48.66 -0.69 -1.52
N GLU A 706 -47.82 -0.69 -0.50
CA GLU A 706 -47.86 0.34 0.54
C GLU A 706 -46.92 1.51 0.27
N ARG A 707 -45.76 1.23 -0.32
CA ARG A 707 -44.75 2.25 -0.54
C ARG A 707 -44.48 2.55 -2.01
N GLY A 708 -44.98 1.72 -2.92
CA GLY A 708 -44.66 1.85 -4.33
C GLY A 708 -43.44 1.03 -4.71
N ALA A 709 -43.45 0.55 -5.95
CA ALA A 709 -42.33 -0.21 -6.46
C ALA A 709 -41.11 0.69 -6.60
N TYR A 710 -39.92 0.06 -6.60
CA TYR A 710 -38.70 0.83 -6.76
C TYR A 710 -38.64 1.46 -8.15
N GLN A 711 -37.85 2.53 -8.27
CA GLN A 711 -37.84 3.35 -9.48
C GLN A 711 -37.72 2.50 -10.74
N THR A 712 -36.74 1.61 -10.76
CA THR A 712 -36.39 0.89 -11.97
C THR A 712 -37.08 -0.46 -12.09
N PHE A 713 -38.22 -0.64 -11.40
CA PHE A 713 -38.94 -1.91 -11.50
C PHE A 713 -39.32 -2.22 -12.93
N GLN A 714 -39.76 -1.20 -13.68
CA GLN A 714 -40.20 -1.40 -15.06
C GLN A 714 -39.03 -1.89 -15.91
N GLY A 715 -39.17 -3.11 -16.45
CA GLY A 715 -38.15 -3.73 -17.27
C GLY A 715 -37.39 -4.85 -16.58
N SER A 716 -37.44 -4.90 -15.25
CA SER A 716 -36.76 -5.95 -14.51
C SER A 716 -37.35 -7.32 -14.86
N LEU A 717 -36.61 -8.37 -14.50
CA LEU A 717 -37.15 -9.72 -14.65
C LEU A 717 -38.48 -9.85 -13.92
N TRP A 718 -38.61 -9.18 -12.77
CA TRP A 718 -39.87 -9.23 -12.04
C TRP A 718 -41.02 -8.71 -12.90
N SER A 719 -40.76 -7.65 -13.68
CA SER A 719 -41.78 -7.12 -14.59
C SER A 719 -42.15 -8.15 -15.64
N GLN A 720 -41.21 -8.98 -16.06
CA GLN A 720 -41.43 -9.97 -17.10
C GLN A 720 -41.97 -11.28 -16.56
N GLY A 721 -42.24 -11.36 -15.26
CA GLY A 721 -42.70 -12.61 -14.67
C GLY A 721 -41.66 -13.70 -14.68
N ILE A 722 -40.38 -13.34 -14.67
CA ILE A 722 -39.28 -14.30 -14.65
C ILE A 722 -38.73 -14.30 -13.23
N LEU A 723 -39.14 -15.30 -12.45
CA LEU A 723 -38.70 -15.47 -11.07
C LEU A 723 -37.39 -16.23 -11.05
N PRO A 724 -36.76 -16.41 -9.89
CA PRO A 724 -35.51 -17.18 -9.85
C PRO A 724 -35.64 -18.57 -10.45
N ILE A 725 -36.74 -19.28 -10.17
CA ILE A 725 -36.91 -20.62 -10.72
C ILE A 725 -36.92 -20.57 -12.24
N ASP A 726 -37.46 -19.49 -12.82
CA ASP A 726 -37.43 -19.31 -14.27
C ASP A 726 -36.05 -18.88 -14.75
N SER A 727 -35.31 -18.13 -13.94
CA SER A 727 -33.93 -17.77 -14.29
C SER A 727 -33.09 -19.03 -14.52
N GLU A 728 -33.27 -20.05 -13.69
CA GLU A 728 -32.53 -21.29 -13.87
C GLU A 728 -32.82 -21.92 -15.23
N LYS A 729 -34.08 -21.92 -15.64
CA LYS A 729 -34.44 -22.53 -16.91
C LYS A 729 -33.77 -21.82 -18.09
N LYS A 730 -33.83 -20.49 -18.11
CA LYS A 730 -33.19 -19.75 -19.18
C LYS A 730 -31.68 -19.93 -19.16
N LEU A 731 -31.08 -20.03 -17.96
CA LEU A 731 -29.65 -20.27 -17.87
C LEU A 731 -29.26 -21.58 -18.55
N ILE A 732 -30.08 -22.62 -18.37
CA ILE A 732 -29.80 -23.90 -19.03
C ILE A 732 -29.92 -23.76 -20.53
N GLU A 733 -30.91 -22.98 -21.00
CA GLU A 733 -31.04 -22.75 -22.44
C GLU A 733 -29.82 -22.04 -22.99
N GLU A 734 -29.39 -20.97 -22.33
CA GLU A 734 -28.28 -20.16 -22.83
C GLU A 734 -26.99 -20.97 -22.88
N ARG A 735 -26.56 -21.51 -21.74
CA ARG A 735 -25.28 -22.21 -21.69
C ARG A 735 -25.35 -23.53 -22.46
N GLY A 736 -26.45 -24.24 -22.37
CA GLY A 736 -26.61 -25.52 -23.03
C GLY A 736 -26.54 -26.66 -22.03
N ALA A 737 -27.39 -27.66 -22.22
CA ALA A 737 -27.44 -28.79 -21.28
C ALA A 737 -26.13 -29.56 -21.24
N LYS A 738 -25.29 -29.42 -22.26
CA LYS A 738 -24.00 -30.10 -22.26
C LYS A 738 -23.09 -29.62 -21.14
N TYR A 739 -23.32 -28.42 -20.61
CA TYR A 739 -22.44 -27.82 -19.62
C TYR A 739 -23.13 -27.46 -18.30
N ILE A 740 -24.42 -27.71 -18.16
CA ILE A 740 -25.12 -27.40 -16.91
C ILE A 740 -26.28 -28.37 -16.73
N GLU A 741 -26.46 -28.81 -15.50
CA GLU A 741 -27.58 -29.68 -15.13
C GLU A 741 -27.95 -29.36 -13.70
N VAL A 742 -29.21 -28.97 -13.49
CA VAL A 742 -29.70 -28.59 -12.17
C VAL A 742 -31.12 -29.09 -12.03
N ASP A 743 -31.47 -29.52 -10.82
CA ASP A 743 -32.84 -29.96 -10.54
C ASP A 743 -33.80 -28.80 -10.69
N LEU A 744 -34.97 -29.08 -11.27
CA LEU A 744 -35.97 -28.05 -11.54
C LEU A 744 -37.30 -28.35 -10.84
N SER A 745 -37.29 -29.18 -9.80
CA SER A 745 -38.52 -29.57 -9.14
C SER A 745 -39.09 -28.39 -8.34
N GLU A 746 -40.41 -28.45 -8.11
CA GLU A 746 -41.13 -27.41 -7.40
C GLU A 746 -42.22 -28.06 -6.56
N THR A 747 -42.41 -27.55 -5.34
CA THR A 747 -43.41 -28.07 -4.43
C THR A 747 -44.52 -27.07 -4.13
N LEU A 748 -44.44 -25.86 -4.67
CA LEU A 748 -45.45 -24.81 -4.47
C LEU A 748 -46.10 -24.47 -5.79
N ASP A 749 -47.12 -23.62 -5.72
CA ASP A 749 -47.79 -23.08 -6.90
C ASP A 749 -47.35 -21.63 -7.08
N TRP A 750 -46.49 -21.40 -8.06
CA TRP A 750 -45.91 -20.08 -8.28
C TRP A 750 -46.68 -19.24 -9.29
N ALA A 751 -47.58 -19.86 -10.07
CA ALA A 751 -48.30 -19.11 -11.09
C ALA A 751 -49.05 -17.91 -10.51
N PRO A 752 -49.77 -18.02 -9.39
CA PRO A 752 -50.45 -16.81 -8.86
C PRO A 752 -49.48 -15.74 -8.42
N LEU A 753 -48.36 -16.11 -7.80
CA LEU A 753 -47.38 -15.12 -7.38
C LEU A 753 -46.63 -14.54 -8.57
N ARG A 754 -46.39 -15.34 -9.61
CA ARG A 754 -45.77 -14.82 -10.83
C ARG A 754 -46.64 -13.75 -11.48
N GLU A 755 -47.94 -13.71 -11.17
CA GLU A 755 -48.80 -12.68 -11.72
C GLU A 755 -48.71 -11.40 -10.91
N ARG A 756 -48.80 -11.49 -9.58
CA ARG A 756 -48.78 -10.30 -8.75
C ARG A 756 -47.43 -9.58 -8.82
N VAL A 757 -46.35 -10.32 -9.06
CA VAL A 757 -45.03 -9.69 -9.10
C VAL A 757 -44.96 -8.73 -10.28
N GLN A 758 -45.57 -9.10 -11.42
CA GLN A 758 -45.51 -8.24 -12.59
C GLN A 758 -46.18 -6.90 -12.37
N LYS A 759 -47.01 -6.78 -11.32
CA LYS A 759 -47.64 -5.52 -10.99
C LYS A 759 -46.75 -4.62 -10.15
N GLY A 760 -45.67 -5.14 -9.57
CA GLY A 760 -44.74 -4.33 -8.81
C GLY A 760 -44.22 -4.98 -7.55
N ILE A 761 -42.93 -4.86 -7.30
CA ILE A 761 -42.36 -5.22 -6.01
C ILE A 761 -41.46 -4.07 -5.54
N ARG A 762 -41.14 -4.10 -4.25
CA ARG A 762 -40.47 -3.00 -3.59
C ARG A 762 -38.95 -3.08 -3.71
N ASN A 763 -38.39 -4.25 -4.04
CA ASN A 763 -36.96 -4.46 -3.95
C ASN A 763 -36.46 -5.22 -5.18
N SER A 764 -35.36 -4.72 -5.77
CA SER A 764 -34.80 -5.36 -6.97
C SER A 764 -34.21 -6.72 -6.66
N ASN A 765 -33.63 -6.89 -5.48
CA ASN A 765 -33.12 -8.16 -5.01
C ASN A 765 -33.58 -8.37 -3.58
N ILE A 766 -33.85 -9.62 -3.23
CA ILE A 766 -34.47 -9.96 -1.94
C ILE A 766 -33.53 -10.78 -1.07
N MET A 767 -32.92 -11.83 -1.64
CA MET A 767 -32.30 -12.88 -0.85
C MET A 767 -30.81 -12.99 -1.14
N ALA A 768 -30.05 -13.28 -0.08
CA ALA A 768 -28.63 -13.58 -0.17
C ALA A 768 -28.22 -14.22 1.13
N ILE A 769 -27.47 -15.32 1.05
CA ILE A 769 -27.01 -16.06 2.23
C ILE A 769 -25.57 -15.65 2.48
N ALA A 770 -25.38 -14.80 3.48
CA ALA A 770 -24.08 -14.28 3.87
C ALA A 770 -23.58 -14.99 5.12
N PRO A 771 -22.29 -14.90 5.42
CA PRO A 771 -21.81 -15.43 6.70
C PRO A 771 -22.51 -14.74 7.86
N THR A 772 -22.60 -15.45 8.99
CA THR A 772 -23.37 -14.99 10.14
C THR A 772 -22.60 -15.23 11.43
N ALA A 773 -21.28 -15.04 11.39
CA ALA A 773 -20.43 -15.35 12.53
C ALA A 773 -21.01 -14.83 13.84
N THR A 774 -21.16 -13.52 13.95
CA THR A 774 -21.56 -12.92 15.21
C THR A 774 -23.02 -13.21 15.54
N ILE A 775 -23.93 -13.03 14.58
CA ILE A 775 -25.35 -13.10 14.89
C ILE A 775 -25.81 -14.54 15.13
N ALA A 776 -25.10 -15.53 14.58
CA ALA A 776 -25.38 -16.91 14.97
C ALA A 776 -24.95 -17.17 16.41
N ASN A 777 -23.80 -16.63 16.80
CA ASN A 777 -23.37 -16.73 18.20
C ASN A 777 -24.34 -16.01 19.13
N ILE A 778 -24.87 -14.86 18.69
CA ILE A 778 -25.81 -14.12 19.52
C ILE A 778 -27.07 -14.95 19.74
N THR A 779 -27.56 -15.61 18.69
CA THR A 779 -28.78 -16.38 18.76
C THR A 779 -28.55 -17.84 19.15
N GLY A 780 -27.30 -18.29 19.19
CA GLY A 780 -26.97 -19.62 19.66
C GLY A 780 -27.23 -20.74 18.67
N VAL A 781 -27.01 -20.49 17.38
CA VAL A 781 -27.27 -21.47 16.33
C VAL A 781 -26.02 -21.63 15.47
N SER A 782 -26.09 -22.56 14.53
CA SER A 782 -24.97 -22.82 13.64
C SER A 782 -24.86 -21.72 12.58
N GLN A 783 -23.68 -21.65 11.96
CA GLN A 783 -23.38 -20.60 11.00
C GLN A 783 -24.10 -20.85 9.67
N SER A 784 -24.88 -19.87 9.22
CA SER A 784 -25.55 -19.86 7.92
C SER A 784 -25.89 -21.25 7.41
N ILE A 785 -25.17 -21.73 6.39
CA ILE A 785 -25.39 -23.04 5.81
C ILE A 785 -24.20 -23.97 6.08
N GLU A 786 -23.30 -23.58 6.98
CA GLU A 786 -22.09 -24.34 7.20
C GLU A 786 -22.40 -25.66 7.92
N PRO A 787 -21.79 -26.76 7.51
CA PRO A 787 -21.77 -27.94 8.38
C PRO A 787 -20.90 -27.66 9.59
N THR A 788 -21.23 -28.33 10.70
CA THR A 788 -20.44 -28.17 11.91
C THR A 788 -18.97 -28.41 11.62
N TYR A 789 -18.13 -27.43 11.95
CA TYR A 789 -16.69 -27.59 11.71
C TYR A 789 -16.09 -28.61 12.66
N GLN A 790 -16.55 -28.63 13.92
CA GLN A 790 -16.14 -29.67 14.85
C GLN A 790 -17.13 -29.69 16.02
N ASN A 791 -17.52 -30.90 16.41
CA ASN A 791 -18.48 -31.09 17.50
C ASN A 791 -17.92 -30.72 18.87
N LEU A 792 -16.64 -30.36 18.96
CA LEU A 792 -16.01 -30.03 20.23
C LEU A 792 -14.93 -28.98 19.98
N TYR A 793 -14.88 -27.97 20.85
CA TYR A 793 -13.81 -26.99 20.83
C TYR A 793 -13.45 -26.62 22.26
N VAL A 794 -12.21 -26.19 22.45
CA VAL A 794 -11.65 -25.99 23.79
C VAL A 794 -11.28 -24.53 23.97
N LYS A 795 -12.27 -23.68 24.24
CA LYS A 795 -11.99 -22.29 24.53
C LYS A 795 -11.10 -22.16 25.76
N SER A 796 -10.09 -21.31 25.67
CA SER A 796 -9.10 -21.17 26.75
C SER A 796 -8.55 -19.75 26.68
N ASN A 797 -9.18 -18.84 27.42
CA ASN A 797 -8.82 -17.43 27.33
C ASN A 797 -8.92 -16.67 28.66
N LEU A 798 -9.02 -17.35 29.80
CA LEU A 798 -9.08 -16.63 31.07
C LEU A 798 -8.40 -17.41 32.19
N SER A 799 -8.96 -18.55 32.57
CA SER A 799 -8.42 -19.34 33.68
C SER A 799 -8.73 -20.80 33.41
N GLY A 800 -7.71 -21.58 33.06
CA GLY A 800 -7.94 -22.94 32.62
C GLY A 800 -8.48 -22.97 31.20
N GLU A 801 -9.01 -24.13 30.82
CA GLU A 801 -9.62 -24.30 29.52
C GLU A 801 -10.95 -25.02 29.69
N PHE A 802 -11.98 -24.53 29.02
CA PHE A 802 -13.34 -25.05 29.15
C PHE A 802 -13.75 -25.63 27.80
N THR A 803 -14.09 -26.92 27.79
CA THR A 803 -14.51 -27.58 26.56
C THR A 803 -16.00 -27.38 26.35
N VAL A 804 -16.39 -27.22 25.08
CA VAL A 804 -17.78 -27.06 24.71
C VAL A 804 -18.11 -28.10 23.66
N ILE A 805 -19.17 -28.86 23.89
CA ILE A 805 -19.56 -29.98 23.05
C ILE A 805 -20.92 -29.68 22.43
N ASN A 806 -21.04 -29.97 21.12
CA ASN A 806 -22.28 -29.83 20.36
C ASN A 806 -23.49 -30.17 21.22
N PRO A 807 -24.34 -29.18 21.56
CA PRO A 807 -25.50 -29.49 22.42
C PRO A 807 -26.45 -30.50 21.82
N TYR A 808 -26.55 -30.57 20.49
CA TYR A 808 -27.45 -31.54 19.87
C TYR A 808 -26.87 -32.95 19.96
N LEU A 809 -25.55 -33.08 19.84
CA LEU A 809 -24.92 -34.39 19.94
C LEU A 809 -25.14 -35.00 21.32
N VAL A 810 -24.89 -34.21 22.37
CA VAL A 810 -25.07 -34.70 23.73
C VAL A 810 -26.53 -35.07 23.97
N ARG A 811 -27.45 -34.31 23.41
CA ARG A 811 -28.87 -34.60 23.61
C ARG A 811 -29.25 -35.94 22.99
N ASP A 812 -28.72 -36.25 21.81
CA ASP A 812 -29.00 -37.54 21.19
C ASP A 812 -28.31 -38.68 21.93
N LEU A 813 -27.09 -38.45 22.42
CA LEU A 813 -26.39 -39.49 23.17
C LEU A 813 -27.09 -39.81 24.47
N LYS A 814 -27.87 -38.87 25.03
CA LYS A 814 -28.64 -39.18 26.22
C LYS A 814 -29.76 -40.16 25.91
N ALA A 815 -30.50 -39.90 24.82
CA ALA A 815 -31.58 -40.81 24.42
C ALA A 815 -31.08 -42.23 24.26
N ARG A 816 -29.91 -42.40 23.64
CA ARG A 816 -29.31 -43.73 23.50
C ARG A 816 -28.74 -44.26 24.81
N GLY A 817 -28.69 -43.44 25.86
CA GLY A 817 -28.00 -43.83 27.07
C GLY A 817 -26.50 -43.88 26.94
N LEU A 818 -25.94 -43.13 25.99
CA LEU A 818 -24.50 -43.17 25.69
C LEU A 818 -23.78 -41.91 26.13
N TRP A 819 -24.35 -41.15 27.05
CA TRP A 819 -23.71 -39.94 27.57
C TRP A 819 -23.18 -40.24 28.98
N ASP A 820 -21.87 -40.38 29.09
CA ASP A 820 -21.23 -40.76 30.34
C ASP A 820 -19.79 -40.28 30.29
N PRO A 821 -19.06 -40.36 31.42
CA PRO A 821 -17.67 -39.87 31.42
C PRO A 821 -16.77 -40.47 30.35
N VAL A 822 -16.87 -41.77 30.06
CA VAL A 822 -15.97 -42.36 29.07
C VAL A 822 -16.26 -41.78 27.70
N MET A 823 -17.53 -41.54 27.37
CA MET A 823 -17.87 -40.92 26.10
C MET A 823 -17.24 -39.53 25.99
N VAL A 824 -17.27 -38.77 27.08
CA VAL A 824 -16.64 -37.44 27.08
C VAL A 824 -15.15 -37.57 26.84
N ASN A 825 -14.50 -38.53 27.51
CA ASN A 825 -13.07 -38.71 27.33
C ASN A 825 -12.72 -39.17 25.92
N ASP A 826 -13.63 -39.89 25.26
CA ASP A 826 -13.38 -40.30 23.88
C ASP A 826 -13.54 -39.13 22.92
N LEU A 827 -14.52 -38.26 23.16
CA LEU A 827 -14.73 -37.12 22.28
C LEU A 827 -13.54 -36.17 22.30
N LYS A 828 -13.00 -35.88 23.48
CA LYS A 828 -11.79 -35.06 23.56
C LYS A 828 -10.64 -35.71 22.78
N TYR A 829 -10.42 -37.01 23.01
CA TYR A 829 -9.34 -37.70 22.31
C TYR A 829 -9.49 -37.58 20.80
N TYR A 830 -10.72 -37.63 20.30
CA TYR A 830 -10.98 -37.56 18.87
C TYR A 830 -11.37 -36.15 18.42
N ASP A 831 -11.11 -35.14 19.25
CA ASP A 831 -11.40 -33.74 18.90
C ASP A 831 -12.84 -33.59 18.41
N GLY A 832 -13.76 -34.36 19.01
CA GLY A 832 -15.17 -34.22 18.74
C GLY A 832 -15.72 -35.12 17.66
N SER A 833 -14.87 -35.81 16.91
CA SER A 833 -15.35 -36.70 15.86
C SER A 833 -16.00 -37.92 16.48
N VAL A 834 -17.26 -38.19 16.11
CA VAL A 834 -17.96 -39.38 16.54
C VAL A 834 -17.69 -40.57 15.64
N GLN A 835 -17.04 -40.36 14.50
CA GLN A 835 -16.54 -41.47 13.72
C GLN A 835 -15.58 -42.31 14.55
N GLN A 836 -15.46 -43.57 14.17
CA GLN A 836 -14.49 -44.50 14.77
C GLN A 836 -14.52 -44.45 16.30
N ILE A 837 -15.71 -44.32 16.87
CA ILE A 837 -15.95 -44.72 18.26
C ILE A 837 -17.09 -45.73 18.22
N GLU A 838 -16.80 -46.95 18.65
CA GLU A 838 -17.66 -48.11 18.41
C GLU A 838 -19.06 -47.92 19.00
N ARG A 839 -19.14 -47.35 20.21
CA ARG A 839 -20.41 -47.36 20.94
C ARG A 839 -21.50 -46.52 20.28
N ILE A 840 -21.14 -45.56 19.44
CA ILE A 840 -22.15 -44.71 18.81
C ILE A 840 -22.70 -45.43 17.58
N PRO A 841 -24.02 -45.57 17.44
CA PRO A 841 -24.57 -46.25 16.27
C PRO A 841 -24.34 -45.46 15.00
N GLN A 842 -24.47 -46.16 13.87
CA GLN A 842 -24.08 -45.57 12.59
C GLN A 842 -24.98 -44.40 12.20
N ASP A 843 -26.24 -44.40 12.65
CA ASP A 843 -27.13 -43.29 12.32
C ASP A 843 -26.65 -42.00 12.95
N LEU A 844 -26.00 -42.07 14.12
CA LEU A 844 -25.46 -40.87 14.75
C LEU A 844 -24.07 -40.53 14.22
N LYS A 845 -23.29 -41.53 13.81
CA LYS A 845 -22.02 -41.24 13.16
C LYS A 845 -22.23 -40.40 11.90
N ASP A 846 -23.32 -40.68 11.18
CA ASP A 846 -23.63 -39.93 9.97
C ASP A 846 -24.22 -38.56 10.29
N LEU A 847 -25.14 -38.51 11.27
CA LEU A 847 -25.81 -37.26 11.58
C LEU A 847 -24.86 -36.22 12.15
N TYR A 848 -23.84 -36.66 12.88
CA TYR A 848 -22.86 -35.76 13.48
C TYR A 848 -21.50 -35.85 12.80
N ALA A 849 -21.52 -36.17 11.52
CA ALA A 849 -20.33 -36.02 10.71
C ALA A 849 -19.94 -34.56 10.67
N THR A 850 -18.64 -34.31 10.68
CA THR A 850 -18.09 -32.97 10.71
C THR A 850 -17.83 -32.46 9.28
N ALA A 851 -17.47 -31.19 9.15
CA ALA A 851 -17.30 -30.58 7.83
C ALA A 851 -16.32 -31.33 6.96
N PHE A 852 -15.21 -31.81 7.54
CA PHE A 852 -14.19 -32.49 6.73
C PHE A 852 -14.47 -33.96 6.51
N GLU A 853 -15.52 -34.51 7.13
CA GLU A 853 -15.92 -35.90 6.86
C GLU A 853 -17.31 -35.96 6.25
N VAL A 854 -17.78 -34.86 5.66
CA VAL A 854 -18.91 -34.86 4.74
C VAL A 854 -18.35 -34.64 3.34
N GLU A 855 -18.74 -35.50 2.41
CA GLU A 855 -18.25 -35.36 1.05
C GLU A 855 -18.70 -34.04 0.44
N THR A 856 -17.80 -33.41 -0.30
CA THR A 856 -18.05 -32.06 -0.80
C THR A 856 -19.27 -32.03 -1.72
N ARG A 857 -19.57 -33.13 -2.41
CA ARG A 857 -20.67 -33.14 -3.35
C ARG A 857 -22.01 -32.84 -2.67
N TRP A 858 -22.17 -33.23 -1.40
CA TRP A 858 -23.40 -32.90 -0.70
C TRP A 858 -23.55 -31.40 -0.50
N ILE A 859 -22.46 -30.72 -0.15
CA ILE A 859 -22.52 -29.27 0.09
C ILE A 859 -22.79 -28.52 -1.21
N VAL A 860 -22.22 -28.99 -2.32
CA VAL A 860 -22.43 -28.34 -3.60
C VAL A 860 -23.85 -28.55 -4.09
N GLU A 861 -24.33 -29.79 -4.06
CA GLU A 861 -25.69 -30.08 -4.54
C GLU A 861 -26.73 -29.36 -3.71
N ALA A 862 -26.52 -29.26 -2.39
CA ALA A 862 -27.42 -28.51 -1.54
C ALA A 862 -27.44 -27.04 -1.93
N ALA A 863 -26.24 -26.45 -2.10
CA ALA A 863 -26.16 -25.06 -2.51
C ALA A 863 -26.79 -24.87 -3.89
N SER A 864 -26.62 -25.85 -4.78
CA SER A 864 -27.20 -25.74 -6.12
C SER A 864 -28.71 -25.58 -6.06
N ARG A 865 -29.37 -26.34 -5.18
CA ARG A 865 -30.83 -26.27 -5.13
C ARG A 865 -31.32 -25.04 -4.37
N ARG A 866 -30.55 -24.57 -3.40
CA ARG A 866 -30.90 -23.29 -2.76
C ARG A 866 -30.80 -22.15 -3.76
N GLN A 867 -29.80 -22.20 -4.65
CA GLN A 867 -29.58 -21.14 -5.62
C GLN A 867 -30.70 -21.04 -6.64
N LYS A 868 -31.54 -22.07 -6.76
CA LYS A 868 -32.65 -21.98 -7.71
C LYS A 868 -33.66 -20.92 -7.30
N TRP A 869 -33.75 -20.63 -6.00
CA TRP A 869 -34.74 -19.73 -5.47
C TRP A 869 -34.18 -18.39 -5.06
N ILE A 870 -32.87 -18.27 -4.93
CA ILE A 870 -32.23 -17.04 -4.48
C ILE A 870 -31.93 -16.18 -5.71
N ASP A 871 -32.27 -14.89 -5.62
CA ASP A 871 -32.01 -14.00 -6.74
C ASP A 871 -30.56 -13.51 -6.75
N GLN A 872 -29.90 -13.42 -5.60
CA GLN A 872 -28.48 -13.10 -5.53
C GLN A 872 -27.70 -14.42 -5.42
N ALA A 873 -26.79 -14.59 -4.46
CA ALA A 873 -25.96 -15.78 -4.38
C ALA A 873 -25.89 -16.22 -2.91
N GLN A 874 -24.88 -17.02 -2.57
CA GLN A 874 -24.70 -17.49 -1.21
C GLN A 874 -23.22 -17.77 -0.96
N SER A 875 -22.74 -17.36 0.21
CA SER A 875 -21.35 -17.61 0.59
C SER A 875 -21.17 -19.09 0.89
N LEU A 876 -20.34 -19.75 0.09
CA LEU A 876 -20.22 -21.20 0.11
C LEU A 876 -18.77 -21.60 0.36
N ASN A 877 -18.45 -21.89 1.61
CA ASN A 877 -17.16 -22.50 1.93
C ASN A 877 -17.20 -23.98 1.57
N LEU A 878 -16.08 -24.47 1.04
CA LEU A 878 -15.96 -25.87 0.66
C LEU A 878 -14.83 -26.52 1.45
N TYR A 879 -15.10 -27.73 1.94
CA TYR A 879 -14.16 -28.48 2.75
C TYR A 879 -13.77 -29.74 2.01
N ILE A 880 -12.47 -29.94 1.80
CA ILE A 880 -11.96 -31.04 1.00
C ILE A 880 -10.81 -31.68 1.77
N ALA A 881 -11.01 -32.92 2.20
CA ALA A 881 -9.91 -33.73 2.69
C ALA A 881 -9.38 -34.60 1.56
N GLY A 882 -8.12 -34.99 1.68
CA GLY A 882 -7.44 -35.69 0.60
C GLY A 882 -6.59 -34.74 -0.20
N ALA A 883 -7.14 -33.57 -0.52
CA ALA A 883 -6.42 -32.48 -1.17
C ALA A 883 -5.56 -32.96 -2.33
N SER A 884 -6.14 -32.98 -3.53
CA SER A 884 -5.40 -33.21 -4.76
C SER A 884 -5.93 -32.25 -5.81
N GLY A 885 -5.06 -31.87 -6.75
CA GLY A 885 -5.52 -31.10 -7.88
C GLY A 885 -6.62 -31.79 -8.65
N LYS A 886 -6.58 -33.12 -8.71
CA LYS A 886 -7.66 -33.88 -9.32
C LYS A 886 -8.97 -33.68 -8.57
N LYS A 887 -8.92 -33.74 -7.24
CA LYS A 887 -10.15 -33.58 -6.45
C LYS A 887 -10.67 -32.15 -6.52
N LEU A 888 -9.77 -31.16 -6.58
CA LEU A 888 -10.23 -29.78 -6.76
C LEU A 888 -10.86 -29.59 -8.13
N ASP A 889 -10.32 -30.26 -9.15
CA ASP A 889 -10.89 -30.14 -10.49
C ASP A 889 -12.33 -30.62 -10.52
N VAL A 890 -12.57 -31.86 -10.06
CA VAL A 890 -13.92 -32.42 -10.09
C VAL A 890 -14.87 -31.59 -9.24
N THR A 891 -14.38 -31.03 -8.13
CA THR A 891 -15.25 -30.27 -7.25
C THR A 891 -15.73 -28.98 -7.92
N TYR A 892 -14.79 -28.17 -8.41
CA TYR A 892 -15.17 -26.85 -8.94
C TYR A 892 -15.71 -26.94 -10.36
N ARG A 893 -15.46 -28.03 -11.07
CA ARG A 893 -16.26 -28.34 -12.26
C ARG A 893 -17.71 -28.60 -11.88
N MET A 894 -17.93 -29.38 -10.83
CA MET A 894 -19.28 -29.69 -10.37
C MET A 894 -20.01 -28.43 -9.93
N ALA A 895 -19.32 -27.56 -9.19
CA ALA A 895 -19.94 -26.31 -8.74
C ALA A 895 -20.46 -25.50 -9.93
N TRP A 896 -19.66 -25.39 -10.98
CA TRP A 896 -20.09 -24.69 -12.18
C TRP A 896 -21.18 -25.47 -12.90
N PHE A 897 -20.99 -26.79 -13.04
CA PHE A 897 -21.96 -27.63 -13.75
C PHE A 897 -23.33 -27.58 -13.09
N ARG A 898 -23.40 -27.29 -11.79
CA ARG A 898 -24.64 -27.30 -11.03
C ARG A 898 -25.25 -25.91 -10.89
N GLY A 899 -24.79 -24.95 -11.67
CA GLY A 899 -25.44 -23.65 -11.70
C GLY A 899 -25.14 -22.76 -10.52
N LEU A 900 -24.05 -22.98 -9.80
CA LEU A 900 -23.70 -22.10 -8.70
C LEU A 900 -23.14 -20.79 -9.25
N LYS A 901 -23.45 -19.70 -8.54
CA LYS A 901 -22.95 -18.38 -8.93
C LYS A 901 -21.59 -18.08 -8.32
N THR A 902 -21.32 -18.55 -7.11
CA THR A 902 -20.09 -18.19 -6.42
C THR A 902 -19.60 -19.37 -5.58
N THR A 903 -18.29 -19.37 -5.33
CA THR A 903 -17.70 -20.17 -4.27
C THR A 903 -16.85 -19.24 -3.43
N TYR A 904 -16.54 -19.69 -2.21
CA TYR A 904 -15.89 -18.85 -1.23
C TYR A 904 -14.57 -19.48 -0.82
N TYR A 905 -14.26 -19.53 0.48
CA TYR A 905 -13.01 -20.11 0.93
C TYR A 905 -12.92 -21.58 0.56
N LEU A 906 -11.70 -22.03 0.28
CA LEU A 906 -11.38 -23.45 0.20
C LEU A 906 -10.65 -23.83 1.48
N ARG A 907 -11.19 -24.81 2.20
CA ARG A 907 -10.53 -25.41 3.35
C ARG A 907 -10.05 -26.79 2.93
N ALA A 908 -8.74 -26.96 2.84
CA ALA A 908 -8.15 -28.17 2.28
C ALA A 908 -7.19 -28.82 3.28
N LEU A 909 -7.26 -30.15 3.38
CA LEU A 909 -6.36 -30.94 4.19
C LEU A 909 -5.71 -31.98 3.30
N ALA A 910 -4.37 -32.03 3.33
CA ALA A 910 -3.61 -33.02 2.57
C ALA A 910 -3.25 -34.24 3.41
N ALA A 911 -3.81 -34.37 4.62
CA ALA A 911 -3.50 -35.51 5.47
C ALA A 911 -4.19 -36.78 4.99
N THR A 912 -5.46 -36.68 4.60
CA THR A 912 -6.21 -37.83 4.13
C THR A 912 -5.79 -38.22 2.71
N GLY B 30 22.85 -4.13 -32.08
CA GLY B 30 24.08 -3.75 -32.75
C GLY B 30 24.96 -4.94 -33.07
N GLN B 31 25.87 -4.76 -34.02
CA GLN B 31 26.75 -5.84 -34.49
C GLN B 31 28.19 -5.49 -34.13
N LEU B 32 28.84 -6.37 -33.39
CA LEU B 32 30.25 -6.23 -33.05
C LEU B 32 31.07 -6.81 -34.19
N ARG B 33 31.81 -5.95 -34.89
CA ARG B 33 32.59 -6.35 -36.06
C ARG B 33 34.08 -6.19 -35.76
N VAL B 34 34.86 -7.21 -36.12
CA VAL B 34 36.31 -7.20 -35.89
C VAL B 34 37.01 -6.92 -37.21
N ILE B 35 37.94 -5.98 -37.19
CA ILE B 35 38.75 -5.64 -38.35
C ILE B 35 40.05 -6.42 -38.26
N LYS B 36 40.30 -7.27 -39.26
CA LYS B 36 41.49 -8.10 -39.28
C LYS B 36 42.73 -7.22 -39.44
N ARG B 37 43.90 -7.87 -39.45
CA ARG B 37 45.14 -7.12 -39.61
C ARG B 37 45.32 -6.59 -41.03
N ASN B 38 44.65 -7.19 -42.02
CA ASN B 38 44.73 -6.71 -43.40
C ASN B 38 43.37 -6.20 -43.88
N GLY B 39 42.72 -5.38 -43.07
CA GLY B 39 41.53 -4.65 -43.50
C GLY B 39 40.21 -5.39 -43.44
N THR B 40 40.21 -6.68 -43.76
CA THR B 40 38.97 -7.43 -43.88
C THR B 40 38.18 -7.39 -42.57
N VAL B 41 36.89 -7.72 -42.67
CA VAL B 41 35.95 -7.62 -41.54
C VAL B 41 35.29 -8.97 -41.33
N VAL B 42 35.14 -9.34 -40.06
CA VAL B 42 34.46 -10.58 -39.69
C VAL B 42 33.60 -10.32 -38.46
N PRO B 43 32.61 -11.19 -38.21
CA PRO B 43 31.82 -11.05 -36.98
C PRO B 43 32.66 -11.37 -35.75
N TYR B 44 32.26 -10.78 -34.63
CA TYR B 44 32.93 -11.04 -33.36
C TYR B 44 32.55 -12.44 -32.85
N THR B 45 33.56 -13.22 -32.46
CA THR B 45 33.35 -14.60 -32.03
C THR B 45 34.17 -14.86 -30.78
N ASP B 46 33.49 -15.12 -29.66
CA ASP B 46 34.19 -15.44 -28.41
C ASP B 46 35.19 -16.58 -28.60
N ASP B 47 34.86 -17.54 -29.46
CA ASP B 47 35.67 -18.76 -29.56
C ASP B 47 37.10 -18.44 -29.95
N LYS B 48 37.30 -17.45 -30.83
CA LYS B 48 38.65 -17.10 -31.25
C LYS B 48 39.50 -16.70 -30.05
N ILE B 49 38.93 -15.97 -29.11
CA ILE B 49 39.64 -15.59 -27.90
C ILE B 49 39.90 -16.80 -27.02
N THR B 50 38.88 -17.66 -26.88
CA THR B 50 39.02 -18.85 -26.05
C THR B 50 40.16 -19.74 -26.57
N VAL B 51 40.21 -19.96 -27.89
CA VAL B 51 41.25 -20.80 -28.46
C VAL B 51 42.62 -20.21 -28.19
N ALA B 52 42.77 -18.90 -28.40
CA ALA B 52 44.06 -18.25 -28.22
C ALA B 52 44.54 -18.35 -26.78
N ILE B 53 43.65 -18.01 -25.83
CA ILE B 53 44.03 -18.07 -24.42
C ILE B 53 44.34 -19.51 -24.01
N THR B 54 43.60 -20.47 -24.57
CA THR B 54 43.83 -21.86 -24.20
C THR B 54 45.20 -22.35 -24.66
N LYS B 55 45.61 -21.97 -25.87
CA LYS B 55 46.94 -22.35 -26.34
C LYS B 55 48.02 -21.88 -25.38
N ALA B 56 47.84 -20.69 -24.79
CA ALA B 56 48.84 -20.17 -23.86
C ALA B 56 48.83 -20.96 -22.56
N PHE B 57 47.64 -21.31 -22.05
CA PHE B 57 47.57 -22.18 -20.88
C PHE B 57 48.24 -23.52 -21.15
N LEU B 58 47.97 -24.12 -22.32
CA LEU B 58 48.55 -25.43 -22.63
C LEU B 58 50.05 -25.34 -22.84
N ALA B 59 50.57 -24.17 -23.25
CA ALA B 59 52.00 -24.02 -23.42
C ALA B 59 52.74 -24.08 -22.09
N VAL B 60 52.07 -23.78 -20.98
CA VAL B 60 52.70 -23.82 -19.67
C VAL B 60 52.73 -25.26 -19.14
N GLU B 61 51.56 -25.82 -18.88
CA GLU B 61 51.46 -27.21 -18.42
C GLU B 61 51.11 -28.14 -19.57
N ALA B 65 50.03 -31.76 -16.15
CA ALA B 65 49.26 -32.56 -17.11
C ALA B 65 47.91 -32.96 -16.51
N ALA B 66 47.89 -33.21 -15.20
CA ALA B 66 46.65 -33.55 -14.51
C ALA B 66 45.90 -32.31 -14.04
N ALA B 67 46.62 -31.29 -13.58
CA ALA B 67 46.00 -30.02 -13.20
C ALA B 67 45.56 -29.20 -14.41
N SER B 68 45.72 -29.74 -15.63
CA SER B 68 45.21 -29.09 -16.83
C SER B 68 43.69 -29.18 -16.94
N SER B 69 43.04 -29.87 -16.00
CA SER B 69 41.58 -30.02 -16.07
C SER B 69 40.87 -28.70 -15.81
N ARG B 70 41.48 -27.80 -15.04
CA ARG B 70 40.85 -26.53 -14.71
C ARG B 70 41.02 -25.48 -15.81
N ILE B 71 41.70 -25.80 -16.90
CA ILE B 71 41.94 -24.81 -17.94
C ILE B 71 40.63 -24.36 -18.58
N HIS B 72 39.80 -25.31 -18.98
CA HIS B 72 38.59 -24.98 -19.73
C HIS B 72 37.71 -23.99 -18.96
N ASP B 73 37.61 -24.17 -17.64
CA ASP B 73 36.73 -23.32 -16.84
C ASP B 73 37.30 -21.92 -16.70
N THR B 74 38.58 -21.81 -16.30
CA THR B 74 39.17 -20.50 -16.08
C THR B 74 39.27 -19.69 -17.36
N VAL B 75 39.51 -20.35 -18.49
CA VAL B 75 39.60 -19.66 -19.77
C VAL B 75 38.25 -19.06 -20.15
N ARG B 76 37.16 -19.79 -19.87
CA ARG B 76 35.84 -19.29 -20.22
C ARG B 76 35.49 -18.06 -19.41
N ARG B 77 35.93 -17.97 -18.16
CA ARG B 77 35.75 -16.75 -17.38
C ARG B 77 36.52 -15.61 -18.02
N LEU B 78 37.79 -15.84 -18.38
CA LEU B 78 38.61 -14.79 -18.97
C LEU B 78 38.03 -14.30 -20.28
N THR B 79 37.52 -15.22 -21.11
CA THR B 79 36.85 -14.81 -22.34
C THR B 79 35.62 -13.97 -22.05
N GLU B 80 34.83 -14.37 -21.05
CA GLU B 80 33.63 -13.61 -20.70
C GLU B 80 33.98 -12.20 -20.26
N GLN B 81 35.03 -12.05 -19.46
CA GLN B 81 35.48 -10.72 -19.05
C GLN B 81 35.78 -9.85 -20.27
N VAL B 82 36.56 -10.38 -21.22
CA VAL B 82 36.94 -9.61 -22.40
C VAL B 82 35.70 -9.22 -23.19
N THR B 83 34.79 -10.18 -23.42
CA THR B 83 33.58 -9.89 -24.18
C THR B 83 32.72 -8.84 -23.47
N ALA B 84 32.66 -8.90 -22.14
CA ALA B 84 31.88 -7.91 -21.39
C ALA B 84 32.50 -6.53 -21.49
N THR B 85 33.83 -6.45 -21.61
CA THR B 85 34.48 -5.15 -21.73
C THR B 85 34.11 -4.46 -23.05
N PHE B 86 34.06 -5.23 -24.14
CA PHE B 86 33.70 -4.63 -25.42
C PHE B 86 32.20 -4.32 -25.48
N LYS B 87 31.38 -5.12 -24.81
CA LYS B 87 29.96 -4.79 -24.70
C LYS B 87 29.77 -3.49 -23.92
N ARG B 88 30.48 -3.35 -22.81
CA ARG B 88 30.37 -2.12 -22.01
C ARG B 88 30.93 -0.93 -22.76
N ARG B 89 31.92 -1.14 -23.63
CA ARG B 89 32.49 -0.05 -24.41
C ARG B 89 31.65 0.27 -25.65
N MET B 90 30.96 -0.72 -26.21
CA MET B 90 30.14 -0.54 -27.40
C MET B 90 28.80 -1.22 -27.21
N PRO B 91 27.92 -0.65 -26.38
CA PRO B 91 26.62 -1.29 -26.12
C PRO B 91 25.75 -1.42 -27.36
N SER B 92 25.90 -0.51 -28.32
CA SER B 92 25.12 -0.55 -29.56
C SER B 92 25.92 -1.14 -30.72
N GLY B 93 27.01 -1.85 -30.42
CA GLY B 93 27.83 -2.44 -31.46
C GLY B 93 28.83 -1.46 -32.03
N GLY B 94 29.63 -1.97 -32.95
CA GLY B 94 30.65 -1.16 -33.59
C GLY B 94 31.76 -2.04 -34.13
N THR B 95 32.84 -1.38 -34.54
CA THR B 95 34.01 -2.05 -35.07
C THR B 95 35.13 -2.08 -34.04
N ILE B 96 36.08 -3.00 -34.25
CA ILE B 96 37.18 -3.18 -33.30
C ILE B 96 38.32 -3.85 -34.06
N HIS B 97 39.55 -3.61 -33.59
CA HIS B 97 40.74 -4.12 -34.25
C HIS B 97 41.33 -5.30 -33.49
N ILE B 98 42.06 -6.14 -34.24
CA ILE B 98 42.67 -7.33 -33.65
C ILE B 98 43.58 -6.95 -32.49
N GLU B 99 44.48 -6.00 -32.72
CA GLU B 99 45.46 -5.65 -31.68
C GLU B 99 44.78 -5.07 -30.45
N GLU B 100 43.62 -4.44 -30.61
CA GLU B 100 42.86 -4.00 -29.45
C GLU B 100 42.36 -5.19 -28.64
N ILE B 101 41.85 -6.22 -29.31
CA ILE B 101 41.45 -7.44 -28.62
C ILE B 101 42.65 -8.06 -27.90
N GLN B 102 43.77 -8.19 -28.61
CA GLN B 102 44.96 -8.79 -28.03
C GLN B 102 45.35 -8.11 -26.73
N ASP B 103 45.23 -6.79 -26.68
CA ASP B 103 45.58 -6.05 -25.47
C ASP B 103 44.60 -6.35 -24.33
N GLN B 104 43.32 -6.49 -24.65
CA GLN B 104 42.34 -6.82 -23.62
C GLN B 104 42.52 -8.24 -23.11
N VAL B 105 42.91 -9.17 -24.00
CA VAL B 105 43.22 -10.52 -23.56
C VAL B 105 44.37 -10.49 -22.57
N GLU B 106 45.44 -9.77 -22.90
CA GLU B 106 46.59 -9.68 -22.01
C GLU B 106 46.18 -9.08 -20.67
N LEU B 107 45.47 -7.95 -20.70
CA LEU B 107 45.03 -7.31 -19.47
C LEU B 107 44.18 -8.25 -18.63
N ALA B 108 43.30 -9.03 -19.27
CA ALA B 108 42.46 -9.96 -18.52
C ALA B 108 43.32 -11.01 -17.82
N LEU B 109 44.27 -11.61 -18.55
CA LEU B 109 45.17 -12.57 -17.94
C LEU B 109 45.96 -11.94 -16.80
N MET B 110 46.40 -10.70 -16.98
CA MET B 110 47.23 -10.04 -15.99
C MET B 110 46.45 -9.74 -14.71
N ARG B 111 45.22 -9.25 -14.83
CA ARG B 111 44.43 -8.96 -13.64
C ARG B 111 44.09 -10.23 -12.87
N ALA B 112 43.87 -11.35 -13.57
CA ALA B 112 43.57 -12.62 -12.91
C ALA B 112 44.76 -13.19 -12.17
N GLY B 113 45.96 -12.63 -12.34
CA GLY B 113 47.14 -13.15 -11.69
C GLY B 113 47.83 -14.29 -12.41
N GLU B 114 47.46 -14.55 -13.67
CA GLU B 114 48.06 -15.63 -14.46
C GLU B 114 49.39 -15.12 -15.05
N GLN B 115 50.37 -14.98 -14.16
CA GLN B 115 51.65 -14.39 -14.55
C GLN B 115 52.39 -15.26 -15.56
N LYS B 116 52.42 -16.57 -15.33
CA LYS B 116 53.09 -17.48 -16.26
C LYS B 116 52.42 -17.42 -17.63
N VAL B 117 51.09 -17.57 -17.67
CA VAL B 117 50.39 -17.59 -18.95
C VAL B 117 50.47 -16.23 -19.63
N ALA B 118 50.36 -15.15 -18.85
CA ALA B 118 50.38 -13.81 -19.43
C ALA B 118 51.72 -13.53 -20.10
N ARG B 119 52.82 -13.82 -19.40
CA ARG B 119 54.13 -13.54 -19.98
C ARG B 119 54.36 -14.40 -21.21
N ASP B 120 53.91 -15.66 -21.19
CA ASP B 120 54.04 -16.52 -22.36
C ASP B 120 53.16 -16.04 -23.51
N TYR B 121 51.99 -15.50 -23.19
CA TYR B 121 51.15 -14.91 -24.22
C TYR B 121 51.83 -13.71 -24.87
N VAL B 122 52.49 -12.88 -24.07
CA VAL B 122 53.20 -11.72 -24.59
C VAL B 122 54.36 -12.17 -25.49
N ILE B 123 55.20 -13.06 -24.97
CA ILE B 123 56.38 -13.47 -25.73
C ILE B 123 55.98 -14.05 -27.07
N TYR B 124 54.97 -14.92 -27.08
CA TYR B 124 54.55 -15.54 -28.32
C TYR B 124 53.99 -14.49 -29.28
N ARG B 125 53.14 -13.60 -28.77
CA ARG B 125 52.53 -12.57 -29.61
C ARG B 125 53.58 -11.67 -30.25
N GLU B 126 54.61 -11.32 -29.49
CA GLU B 126 55.70 -10.52 -30.05
C GLU B 126 56.48 -11.31 -31.08
N ALA B 127 56.72 -12.59 -30.83
CA ALA B 127 57.42 -13.43 -31.79
C ALA B 127 56.70 -13.44 -33.13
N ARG B 128 55.38 -13.63 -33.12
CA ARG B 128 54.62 -13.64 -34.37
C ARG B 128 54.62 -12.26 -35.02
N ALA B 129 54.56 -11.20 -34.23
CA ALA B 129 54.64 -9.85 -34.79
C ALA B 129 55.99 -9.65 -35.46
N ALA B 130 57.06 -10.18 -34.87
CA ALA B 130 58.37 -10.12 -35.50
C ALA B 130 58.37 -10.86 -36.84
N GLU B 131 57.79 -12.06 -36.86
CA GLU B 131 57.72 -12.83 -38.11
C GLU B 131 56.97 -12.05 -39.18
N ARG B 132 55.80 -11.53 -38.83
CA ARG B 132 54.98 -10.84 -39.83
C ARG B 132 55.72 -9.66 -40.45
N LYS B 133 56.41 -8.86 -39.62
CA LYS B 133 57.05 -7.66 -40.13
C LYS B 133 58.13 -7.98 -41.16
N ASN B 134 58.83 -9.11 -41.00
CA ASN B 134 59.89 -9.47 -41.93
C ASN B 134 59.32 -10.05 -43.23
N ALA B 135 58.57 -11.13 -43.12
CA ALA B 135 58.00 -11.78 -44.30
C ALA B 135 56.82 -10.98 -44.85
N SER B 147 40.22 0.13 -51.55
CA SER B 147 39.12 1.00 -51.93
C SER B 147 37.92 0.74 -51.02
N ILE B 148 37.00 1.71 -50.94
CA ILE B 148 35.86 1.62 -50.03
C ILE B 148 34.61 2.09 -50.74
N ARG B 149 33.53 1.31 -50.60
CA ARG B 149 32.21 1.70 -51.06
C ARG B 149 31.25 1.73 -49.88
N ILE B 150 30.16 2.45 -50.06
CA ILE B 150 29.14 2.61 -49.02
C ILE B 150 27.89 1.85 -49.42
N THR B 151 27.20 1.29 -48.44
CA THR B 151 25.92 0.62 -48.66
C THR B 151 24.81 1.59 -48.28
N ARG B 152 24.22 2.22 -49.30
CA ARG B 152 23.12 3.13 -49.10
C ARG B 152 21.93 2.39 -48.48
N ALA B 153 21.05 3.15 -47.83
CA ALA B 153 19.91 2.56 -47.15
C ALA B 153 19.09 1.67 -48.08
N ASP B 154 19.02 2.03 -49.36
CA ASP B 154 18.31 1.22 -50.35
C ASP B 154 19.11 0.02 -50.83
N GLY B 155 20.25 -0.26 -50.20
CA GLY B 155 21.03 -1.45 -50.52
C GLY B 155 21.99 -1.31 -51.69
N SER B 156 21.97 -0.18 -52.40
CA SER B 156 22.90 0.01 -53.50
C SER B 156 24.26 0.47 -52.97
N LEU B 157 25.29 0.29 -53.81
CA LEU B 157 26.66 0.60 -53.46
C LEU B 157 27.15 1.82 -54.24
N SER B 158 28.07 2.57 -53.62
CA SER B 158 28.65 3.76 -54.21
C SER B 158 29.96 4.08 -53.51
N PRO B 159 30.99 4.53 -54.23
CA PRO B 159 32.27 4.82 -53.57
C PRO B 159 32.13 5.97 -52.57
N LEU B 160 32.99 5.94 -51.56
CA LEU B 160 32.96 6.95 -50.52
C LEU B 160 33.31 8.32 -51.10
N ASP B 161 32.42 9.29 -50.91
CA ASP B 161 32.64 10.65 -51.38
C ASP B 161 33.72 11.31 -50.53
N MET B 162 34.99 11.15 -50.92
CA MET B 162 36.08 11.78 -50.17
C MET B 162 35.94 13.29 -50.15
N GLY B 163 35.47 13.87 -51.25
CA GLY B 163 35.32 15.32 -51.30
C GLY B 163 34.38 15.84 -50.24
N ARG B 164 33.20 15.22 -50.11
CA ARG B 164 32.25 15.64 -49.09
C ARG B 164 32.76 15.34 -47.69
N LEU B 165 33.49 14.23 -47.53
CA LEU B 165 34.05 13.91 -46.22
C LEU B 165 35.06 14.96 -45.78
N ASN B 166 35.85 15.48 -46.72
CA ASN B 166 36.78 16.55 -46.39
C ASN B 166 36.05 17.81 -45.93
N THR B 167 34.91 18.11 -46.55
CA THR B 167 34.21 19.36 -46.25
C THR B 167 33.53 19.30 -44.89
N ILE B 168 32.88 18.17 -44.55
CA ILE B 168 32.18 18.11 -43.27
C ILE B 168 33.18 18.11 -42.12
N ILE B 169 34.35 17.50 -42.32
CA ILE B 169 35.37 17.53 -41.28
C ILE B 169 35.96 18.94 -41.17
N SER B 170 36.27 19.55 -42.32
CA SER B 170 36.86 20.88 -42.32
C SER B 170 35.91 21.91 -41.74
N GLU B 171 34.62 21.82 -42.07
CA GLU B 171 33.63 22.75 -41.52
C GLU B 171 33.40 22.49 -40.04
N ALA B 172 33.64 21.26 -39.57
CA ALA B 172 33.47 20.96 -38.15
C ALA B 172 34.62 21.46 -37.31
N CYS B 173 35.77 21.75 -37.91
CA CYS B 173 36.92 22.28 -37.19
C CYS B 173 36.95 23.80 -37.21
N GLU B 174 36.01 24.45 -37.90
CA GLU B 174 36.05 25.91 -38.05
C GLU B 174 36.10 26.61 -36.70
N GLY B 175 37.04 27.54 -36.55
CA GLY B 175 37.11 28.41 -35.40
C GLY B 175 37.64 27.79 -34.13
N LEU B 176 38.22 26.60 -34.21
CA LEU B 176 38.69 25.89 -33.02
C LEU B 176 40.19 25.71 -33.08
N ALA B 177 40.84 25.90 -31.93
CA ALA B 177 42.27 25.71 -31.82
C ALA B 177 42.61 24.28 -31.41
N GLU B 178 43.81 23.85 -31.77
CA GLU B 178 44.36 22.53 -31.42
C GLU B 178 43.53 21.38 -31.97
N VAL B 179 42.78 21.61 -33.04
CA VAL B 179 41.98 20.58 -33.69
C VAL B 179 42.60 20.25 -35.04
N ASP B 180 42.64 18.96 -35.37
CA ASP B 180 43.40 18.45 -36.51
C ASP B 180 42.46 17.65 -37.41
N GLY B 181 41.96 18.30 -38.47
CA GLY B 181 41.03 17.63 -39.36
C GLY B 181 41.64 16.42 -40.06
N ALA B 182 42.94 16.52 -40.40
CA ALA B 182 43.60 15.40 -41.06
C ALA B 182 43.64 14.19 -40.15
N LEU B 183 43.93 14.40 -38.86
CA LEU B 183 43.93 13.28 -37.92
C LEU B 183 42.57 12.62 -37.84
N ILE B 184 41.49 13.42 -37.82
CA ILE B 184 40.15 12.84 -37.77
C ILE B 184 39.90 11.96 -38.99
N GLU B 185 40.29 12.44 -40.17
CA GLU B 185 40.03 11.68 -41.39
C GLU B 185 40.83 10.38 -41.40
N ARG B 186 42.13 10.46 -41.07
CA ARG B 186 42.96 9.26 -41.09
C ARG B 186 42.48 8.24 -40.05
N GLU B 187 42.19 8.71 -38.83
CA GLU B 187 41.77 7.78 -37.79
C GLU B 187 40.40 7.20 -38.08
N THR B 188 39.52 7.96 -38.74
CA THR B 188 38.21 7.42 -39.09
C THR B 188 38.31 6.40 -40.20
N LEU B 189 39.18 6.64 -41.19
CA LEU B 189 39.35 5.70 -42.29
C LEU B 189 39.82 4.33 -41.80
N LYS B 190 40.66 4.31 -40.77
CA LYS B 190 41.10 3.04 -40.20
C LYS B 190 39.92 2.20 -39.71
N ASN B 191 38.82 2.84 -39.36
CA ASN B 191 37.66 2.14 -38.82
C ASN B 191 36.59 1.86 -39.86
N LEU B 192 36.79 2.25 -41.12
CA LEU B 192 35.84 1.97 -42.17
C LEU B 192 36.23 0.70 -42.92
N TYR B 193 35.40 0.31 -43.86
CA TYR B 193 35.62 -0.92 -44.63
C TYR B 193 34.65 -0.91 -45.81
N ASP B 194 34.93 -1.80 -46.76
CA ASP B 194 34.11 -1.90 -47.97
C ASP B 194 32.73 -2.45 -47.61
N GLY B 195 31.69 -1.75 -48.07
CA GLY B 195 30.33 -2.14 -47.75
C GLY B 195 29.81 -1.62 -46.44
N VAL B 196 30.51 -0.67 -45.81
CA VAL B 196 30.06 -0.10 -44.55
C VAL B 196 28.76 0.68 -44.79
N ALA B 197 27.82 0.55 -43.87
CA ALA B 197 26.55 1.24 -44.01
C ALA B 197 26.75 2.75 -44.00
N GLU B 198 25.85 3.46 -44.68
CA GLU B 198 25.93 4.91 -44.75
C GLU B 198 25.99 5.53 -43.36
N LYS B 199 25.03 5.17 -42.49
CA LYS B 199 24.98 5.74 -41.15
C LYS B 199 26.26 5.45 -40.37
N ASP B 200 26.83 4.26 -40.58
CA ASP B 200 28.00 3.86 -39.79
C ASP B 200 29.22 4.71 -40.10
N VAL B 201 29.25 5.39 -41.25
CA VAL B 201 30.34 6.30 -41.55
C VAL B 201 30.32 7.47 -40.58
N ASN B 202 29.14 8.09 -40.42
CA ASN B 202 29.01 9.17 -39.44
C ASN B 202 29.33 8.66 -38.04
N THR B 203 28.79 7.50 -37.68
CA THR B 203 29.12 6.92 -36.38
C THR B 203 30.63 6.80 -36.19
N ALA B 204 31.33 6.35 -37.24
CA ALA B 204 32.79 6.27 -37.16
C ALA B 204 33.39 7.64 -36.93
N LEU B 205 32.93 8.65 -37.66
CA LEU B 205 33.41 10.01 -37.46
C LEU B 205 33.19 10.47 -36.02
N VAL B 206 31.99 10.24 -35.50
CA VAL B 206 31.67 10.70 -34.16
C VAL B 206 32.54 9.97 -33.12
N MET B 207 32.68 8.65 -33.28
CA MET B 207 33.50 7.89 -32.33
C MET B 207 34.95 8.34 -32.37
N THR B 208 35.49 8.57 -33.57
CA THR B 208 36.88 9.03 -33.68
C THR B 208 37.07 10.36 -32.97
N ALA B 209 36.23 11.35 -33.30
CA ALA B 209 36.36 12.66 -32.67
C ALA B 209 36.16 12.58 -31.16
N ARG B 210 35.26 11.71 -30.71
CA ARG B 210 34.91 11.64 -29.31
C ARG B 210 36.07 11.15 -28.45
N THR B 211 36.90 10.25 -28.96
CA THR B 211 38.05 9.78 -28.20
C THR B 211 39.12 10.84 -28.06
N LEU B 212 39.16 11.80 -28.98
CA LEU B 212 40.15 12.88 -28.92
C LEU B 212 39.76 13.97 -27.94
N VAL B 213 38.57 13.90 -27.34
CA VAL B 213 38.13 14.92 -26.40
C VAL B 213 39.05 14.98 -25.20
N GLU B 214 39.62 13.85 -24.78
CA GLU B 214 40.50 13.83 -23.62
C GLU B 214 41.86 14.46 -23.92
N ARG B 215 42.23 14.60 -25.20
CA ARG B 215 43.47 15.27 -25.56
C ARG B 215 43.27 16.76 -25.79
N GLU B 216 42.12 17.15 -26.31
CA GLU B 216 41.83 18.56 -26.57
C GLU B 216 40.32 18.76 -26.44
N PRO B 217 39.85 19.53 -25.46
CA PRO B 217 38.40 19.61 -25.23
C PRO B 217 37.62 20.16 -26.40
N ASN B 218 38.22 20.99 -27.25
CA ASN B 218 37.50 21.53 -28.40
C ASN B 218 36.97 20.43 -29.31
N TYR B 219 37.53 19.22 -29.25
CA TYR B 219 36.99 18.12 -30.03
C TYR B 219 35.57 17.78 -29.64
N SER B 220 35.12 18.19 -28.45
CA SER B 220 33.71 18.03 -28.10
C SER B 220 32.83 18.76 -29.10
N TYR B 221 33.22 19.98 -29.48
CA TYR B 221 32.47 20.71 -30.50
C TYR B 221 32.56 20.03 -31.85
N VAL B 222 33.75 19.52 -32.20
CA VAL B 222 33.89 18.79 -33.45
C VAL B 222 32.95 17.59 -33.47
N THR B 223 32.96 16.80 -32.39
CA THR B 223 32.11 15.61 -32.32
C THR B 223 30.65 15.99 -32.55
N ALA B 224 30.18 17.07 -31.91
CA ALA B 224 28.80 17.50 -32.07
C ALA B 224 28.52 17.91 -33.51
N ARG B 225 29.42 18.71 -34.10
CA ARG B 225 29.21 19.16 -35.47
C ARG B 225 29.21 18.00 -36.46
N LEU B 226 30.05 16.99 -36.24
CA LEU B 226 30.01 15.82 -37.10
C LEU B 226 28.71 15.05 -36.91
N LEU B 227 28.23 14.93 -35.66
CA LEU B 227 26.94 14.28 -35.42
C LEU B 227 25.82 15.01 -36.14
N MET B 228 25.92 16.33 -36.26
CA MET B 228 24.87 17.11 -36.93
C MET B 228 24.61 16.62 -38.35
N ASP B 229 25.62 16.03 -39.00
CA ASP B 229 25.43 15.64 -40.39
C ASP B 229 24.33 14.60 -40.54
N THR B 230 24.26 13.65 -39.61
CA THR B 230 23.21 12.64 -39.68
C THR B 230 21.87 13.20 -39.24
N LEU B 231 21.87 14.21 -38.35
CA LEU B 231 20.63 14.88 -37.98
C LEU B 231 20.04 15.65 -39.16
N ARG B 232 20.90 16.30 -39.94
CA ARG B 232 20.42 17.04 -41.11
C ARG B 232 19.82 16.09 -42.14
N ALA B 233 20.52 15.00 -42.46
CA ALA B 233 20.00 14.05 -43.42
C ALA B 233 18.71 13.39 -42.92
N GLU B 234 18.66 13.07 -41.63
CA GLU B 234 17.47 12.45 -41.06
C GLU B 234 16.28 13.42 -41.09
N ALA B 235 16.50 14.68 -40.71
CA ALA B 235 15.41 15.65 -40.65
C ALA B 235 15.02 16.15 -42.04
N LEU B 236 15.99 16.65 -42.81
CA LEU B 236 15.66 17.23 -44.10
C LEU B 236 15.10 16.19 -45.07
N GLY B 237 15.58 14.95 -44.98
CA GLY B 237 15.00 13.90 -45.81
C GLY B 237 13.57 13.60 -45.43
N PHE B 238 13.26 13.61 -44.14
CA PHE B 238 11.88 13.41 -43.70
C PHE B 238 10.98 14.52 -44.20
N LEU B 239 11.39 15.78 -44.00
CA LEU B 239 10.62 16.92 -44.48
C LEU B 239 10.66 17.04 -46.00
N GLY B 240 11.63 16.41 -46.66
CA GLY B 240 11.71 16.42 -48.10
C GLY B 240 12.33 17.66 -48.71
N VAL B 241 13.01 18.50 -47.91
CA VAL B 241 13.64 19.69 -48.46
C VAL B 241 15.01 19.38 -49.06
N ALA B 242 15.62 18.27 -48.65
CA ALA B 242 16.92 17.85 -49.18
C ALA B 242 17.20 16.46 -48.64
N GLU B 243 17.98 15.70 -49.40
CA GLU B 243 18.36 14.36 -48.95
C GLU B 243 19.59 14.40 -48.05
N SER B 244 20.44 15.40 -48.23
CA SER B 244 21.56 15.64 -47.33
C SER B 244 21.87 17.13 -47.37
N ALA B 245 22.75 17.55 -46.45
CA ALA B 245 23.14 18.94 -46.40
C ALA B 245 24.38 19.07 -45.52
N THR B 246 25.25 20.01 -45.91
CA THR B 246 26.38 20.39 -45.08
C THR B 246 25.97 21.53 -44.15
N HIS B 247 26.88 21.90 -43.24
CA HIS B 247 26.61 23.00 -42.33
C HIS B 247 26.46 24.32 -43.09
N HIS B 248 27.39 24.59 -44.01
CA HIS B 248 27.30 25.83 -44.79
C HIS B 248 25.99 25.92 -45.56
N GLU B 249 25.47 24.77 -46.01
CA GLU B 249 24.22 24.77 -46.78
C GLU B 249 23.00 25.09 -45.92
N MET B 250 23.12 24.94 -44.59
CA MET B 250 21.99 25.26 -43.72
C MET B 250 21.69 26.75 -43.68
N ALA B 251 22.63 27.59 -44.11
CA ALA B 251 22.37 29.02 -44.16
C ALA B 251 21.15 29.35 -44.99
N GLU B 252 20.91 28.57 -46.05
CA GLU B 252 19.72 28.74 -46.88
C GLU B 252 18.63 27.72 -46.56
N LEU B 253 19.00 26.53 -46.10
CA LEU B 253 18.02 25.45 -45.92
C LEU B 253 17.22 25.58 -44.63
N TYR B 254 17.72 26.28 -43.62
CA TYR B 254 16.96 26.43 -42.40
C TYR B 254 15.66 27.18 -42.66
N ALA B 255 15.73 28.27 -43.43
CA ALA B 255 14.52 29.02 -43.76
C ALA B 255 13.53 28.18 -44.54
N LYS B 256 14.03 27.31 -45.42
CA LYS B 256 13.16 26.42 -46.17
C LYS B 256 12.59 25.32 -45.28
N ALA B 257 13.33 24.90 -44.26
CA ALA B 257 12.91 23.78 -43.43
C ALA B 257 11.95 24.19 -42.33
N LEU B 258 11.89 25.47 -41.96
CA LEU B 258 10.98 25.87 -40.89
C LEU B 258 9.53 25.74 -41.31
N PRO B 259 9.08 26.29 -42.45
CA PRO B 259 7.68 26.08 -42.84
C PRO B 259 7.34 24.62 -43.03
N ALA B 260 8.22 23.84 -43.66
CA ALA B 260 7.97 22.42 -43.83
C ALA B 260 7.82 21.72 -42.49
N TYR B 261 8.61 22.13 -41.49
CA TYR B 261 8.54 21.52 -40.18
C TYR B 261 7.20 21.80 -39.51
N ILE B 262 6.78 23.08 -39.50
CA ILE B 262 5.53 23.44 -38.85
C ILE B 262 4.37 22.70 -39.50
N GLU B 263 4.35 22.64 -40.84
CA GLU B 263 3.23 22.02 -41.54
C GLU B 263 3.17 20.53 -41.27
N LYS B 264 4.29 19.83 -41.45
CA LYS B 264 4.31 18.38 -41.21
C LYS B 264 4.04 18.06 -39.75
N GLY B 265 4.56 18.89 -38.85
CA GLY B 265 4.31 18.67 -37.43
C GLY B 265 2.88 18.95 -37.04
N ALA B 266 2.29 20.03 -37.56
CA ALA B 266 0.89 20.30 -37.28
C ALA B 266 0.00 19.20 -37.82
N GLU B 267 0.36 18.65 -38.98
CA GLU B 267 -0.45 17.59 -39.59
C GLU B 267 -0.51 16.35 -38.71
N PHE B 268 0.58 16.04 -38.01
CA PHE B 268 0.67 14.86 -37.15
C PHE B 268 0.29 15.16 -35.70
N GLU B 269 -0.25 16.35 -35.43
CA GLU B 269 -0.68 16.74 -34.08
C GLU B 269 0.48 16.71 -33.08
N LEU B 270 1.71 16.86 -33.57
CA LEU B 270 2.88 17.00 -32.71
C LEU B 270 3.24 18.46 -32.46
N VAL B 271 2.61 19.39 -33.17
CA VAL B 271 2.81 20.82 -32.99
C VAL B 271 1.45 21.47 -32.92
N ASP B 272 1.29 22.44 -32.02
CA ASP B 272 0.08 23.22 -31.96
C ASP B 272 -0.19 23.87 -33.31
N ALA B 273 -1.42 23.74 -33.79
CA ALA B 273 -1.78 24.32 -35.10
C ALA B 273 -1.73 25.83 -35.11
N LYS B 274 -1.76 26.48 -33.93
CA LYS B 274 -1.69 27.94 -33.90
C LYS B 274 -0.34 28.45 -34.40
N LEU B 275 0.71 27.64 -34.36
CA LEU B 275 2.00 28.10 -34.85
C LEU B 275 1.97 28.39 -36.34
N LYS B 276 0.95 27.91 -37.05
CA LYS B 276 0.76 28.28 -38.45
C LYS B 276 0.43 29.75 -38.62
N GLU B 277 -0.07 30.40 -37.57
CA GLU B 277 -0.46 31.81 -37.66
C GLU B 277 0.74 32.75 -37.69
N PHE B 278 1.90 32.30 -37.25
CA PHE B 278 3.10 33.13 -37.35
C PHE B 278 3.49 33.32 -38.81
N ASP B 279 4.19 34.42 -39.07
CA ASP B 279 4.81 34.66 -40.36
C ASP B 279 6.05 33.77 -40.47
N LEU B 280 5.87 32.54 -40.98
CA LEU B 280 6.98 31.59 -40.99
C LEU B 280 8.11 32.03 -41.90
N GLU B 281 7.85 32.86 -42.90
CA GLU B 281 8.93 33.39 -43.73
C GLU B 281 9.84 34.31 -42.91
N LYS B 282 9.23 35.23 -42.15
CA LYS B 282 10.02 36.15 -41.34
C LYS B 282 10.80 35.42 -40.26
N LEU B 283 10.20 34.38 -39.66
CA LEU B 283 10.90 33.62 -38.64
C LEU B 283 11.96 32.73 -39.24
N GLY B 284 11.76 32.26 -40.48
CA GLY B 284 12.78 31.46 -41.13
C GLY B 284 14.04 32.25 -41.41
N LYS B 285 13.90 33.52 -41.79
CA LYS B 285 15.05 34.38 -42.02
C LYS B 285 15.79 34.72 -40.74
N ALA B 286 15.11 34.68 -39.59
CA ALA B 286 15.74 35.01 -38.32
C ALA B 286 16.60 33.88 -37.76
N ILE B 287 16.49 32.67 -38.31
CA ILE B 287 17.27 31.55 -37.79
C ILE B 287 18.75 31.76 -38.14
N ASP B 288 19.62 31.52 -37.16
CA ASP B 288 21.06 31.70 -37.32
C ASP B 288 21.72 30.32 -37.34
N HIS B 289 22.10 29.88 -38.54
CA HIS B 289 22.65 28.53 -38.67
C HIS B 289 23.98 28.38 -37.94
N GLU B 290 24.71 29.47 -37.76
CA GLU B 290 26.01 29.38 -37.10
C GLU B 290 25.90 29.00 -35.63
N ARG B 291 24.71 29.11 -35.03
CA ARG B 291 24.56 28.78 -33.62
C ARG B 291 24.58 27.28 -33.36
N ASP B 292 24.40 26.45 -34.41
CA ASP B 292 24.60 25.02 -34.25
C ASP B 292 26.04 24.68 -33.90
N GLN B 293 26.99 25.55 -34.25
CA GLN B 293 28.40 25.31 -33.95
C GLN B 293 28.72 25.49 -32.47
N GLN B 294 27.75 25.90 -31.64
CA GLN B 294 27.98 26.09 -30.22
C GLN B 294 27.91 24.79 -29.43
N PHE B 295 27.25 23.77 -29.96
CA PHE B 295 26.89 22.62 -29.14
C PHE B 295 28.11 21.81 -28.73
N THR B 296 28.11 21.38 -27.47
CA THR B 296 28.94 20.27 -27.06
C THR B 296 28.27 18.97 -27.48
N TYR B 297 29.06 17.89 -27.51
CA TYR B 297 28.52 16.58 -27.86
C TYR B 297 27.41 16.16 -26.90
N LEU B 298 27.65 16.29 -25.60
CA LEU B 298 26.65 15.88 -24.62
C LEU B 298 25.38 16.69 -24.76
N GLY B 299 25.50 18.00 -24.96
CA GLY B 299 24.31 18.84 -25.07
C GLY B 299 23.46 18.51 -26.27
N LEU B 300 24.10 18.36 -27.43
CA LEU B 300 23.35 17.99 -28.64
C LEU B 300 22.76 16.60 -28.51
N GLN B 301 23.53 15.66 -27.97
CA GLN B 301 23.03 14.31 -27.76
C GLN B 301 21.83 14.29 -26.83
N THR B 302 21.84 15.15 -25.80
CA THR B 302 20.73 15.22 -24.87
C THR B 302 19.46 15.71 -25.58
N LEU B 303 19.58 16.76 -26.39
CA LEU B 303 18.41 17.28 -27.11
C LEU B 303 17.89 16.25 -28.10
N TYR B 304 18.79 15.59 -28.82
CA TYR B 304 18.36 14.66 -29.87
C TYR B 304 17.67 13.45 -29.28
N ASP B 305 18.17 12.94 -28.16
CA ASP B 305 17.61 11.71 -27.60
C ASP B 305 16.25 11.93 -26.96
N ARG B 306 16.00 13.11 -26.38
CA ARG B 306 14.86 13.29 -25.48
C ARG B 306 14.00 14.51 -25.78
N TYR B 307 14.37 15.38 -26.72
CA TYR B 307 13.61 16.63 -26.89
C TYR B 307 13.13 16.86 -28.31
N PHE B 308 13.97 16.64 -29.32
CA PHE B 308 13.56 16.92 -30.69
C PHE B 308 12.34 16.08 -31.06
N ILE B 309 11.34 16.74 -31.65
CA ILE B 309 10.12 16.05 -32.05
C ILE B 309 10.46 14.91 -33.00
N HIS B 310 9.77 13.78 -32.82
CA HIS B 310 10.02 12.60 -33.64
C HIS B 310 8.70 11.98 -34.08
N LYS B 311 8.78 11.22 -35.17
CA LYS B 311 7.64 10.54 -35.74
C LYS B 311 8.15 9.22 -36.31
N ASP B 312 7.61 8.10 -35.79
CA ASP B 312 8.04 6.77 -36.20
C ASP B 312 9.54 6.59 -35.99
N GLY B 313 10.04 7.08 -34.86
CA GLY B 313 11.45 6.97 -34.53
C GLY B 313 12.37 7.92 -35.28
N ILE B 314 11.83 8.85 -36.06
CA ILE B 314 12.60 9.75 -36.89
C ILE B 314 12.48 11.16 -36.32
N ARG B 315 13.60 11.74 -35.89
CA ARG B 315 13.63 13.14 -35.48
C ARG B 315 13.67 14.02 -36.72
N PHE B 316 12.66 14.88 -36.87
CA PHE B 316 12.62 15.82 -37.98
C PHE B 316 12.67 17.27 -37.51
N GLU B 317 13.05 17.50 -36.26
CA GLU B 317 13.19 18.83 -35.68
C GLU B 317 14.67 19.11 -35.46
N LEU B 318 15.23 20.05 -36.24
CA LEU B 318 16.63 20.41 -36.14
C LEU B 318 16.86 21.39 -34.98
N PRO B 319 18.11 21.54 -34.54
CA PRO B 319 18.36 22.29 -33.29
C PRO B 319 17.82 23.71 -33.31
N GLN B 320 18.12 24.50 -34.34
CA GLN B 320 17.63 25.88 -34.37
C GLN B 320 16.12 25.92 -34.54
N ILE B 321 15.56 24.96 -35.28
CA ILE B 321 14.10 24.88 -35.38
C ILE B 321 13.50 24.53 -34.02
N PHE B 322 14.17 23.69 -33.25
CA PHE B 322 13.71 23.35 -31.91
C PHE B 322 13.58 24.60 -31.07
N PHE B 323 14.61 25.45 -31.05
CA PHE B 323 14.57 26.66 -30.25
C PHE B 323 13.52 27.64 -30.77
N MET B 324 13.29 27.65 -32.08
CA MET B 324 12.27 28.53 -32.63
C MET B 324 10.86 28.04 -32.28
N ARG B 325 10.65 26.72 -32.25
CA ARG B 325 9.34 26.21 -31.83
C ARG B 325 9.04 26.64 -30.40
N VAL B 326 9.99 26.43 -29.49
CA VAL B 326 9.82 26.84 -28.09
C VAL B 326 9.51 28.33 -28.01
N ALA B 327 10.30 29.14 -28.73
CA ALA B 327 10.07 30.58 -28.74
C ALA B 327 8.66 30.91 -29.22
N MET B 328 8.25 30.32 -30.34
CA MET B 328 6.91 30.55 -30.86
C MET B 328 5.86 30.08 -29.85
N GLY B 329 6.12 28.95 -29.19
CA GLY B 329 5.18 28.46 -28.20
C GLY B 329 5.00 29.41 -27.04
N LEU B 330 6.07 30.08 -26.64
CA LEU B 330 6.01 31.04 -25.54
C LEU B 330 5.49 32.40 -25.98
N ALA B 331 5.50 32.71 -27.27
CA ALA B 331 5.02 33.98 -27.79
C ALA B 331 3.62 33.88 -28.38
N ILE B 332 2.94 32.76 -28.16
CA ILE B 332 1.70 32.48 -28.88
C ILE B 332 0.56 33.42 -28.49
N GLU B 333 0.60 34.04 -27.32
CA GLU B 333 -0.45 34.94 -26.89
C GLU B 333 0.00 36.40 -26.93
N GLU B 334 1.15 36.68 -27.52
CA GLU B 334 1.70 38.03 -27.47
C GLU B 334 1.16 38.89 -28.61
N LYS B 335 1.09 40.20 -28.33
CA LYS B 335 0.58 41.15 -29.33
C LYS B 335 1.42 41.09 -30.60
N ASP B 336 2.73 41.27 -30.47
CA ASP B 336 3.65 41.23 -31.61
C ASP B 336 4.31 39.86 -31.60
N ARG B 337 3.65 38.89 -32.23
CA ARG B 337 4.06 37.49 -32.13
C ARG B 337 5.47 37.29 -32.66
N GLU B 338 5.75 37.82 -33.86
CA GLU B 338 7.03 37.54 -34.50
C GLU B 338 8.18 38.20 -33.77
N ALA B 339 8.02 39.45 -33.33
CA ALA B 339 9.10 40.15 -32.67
C ALA B 339 9.47 39.49 -31.36
N ARG B 340 8.48 39.04 -30.59
CA ARG B 340 8.78 38.37 -29.34
C ARG B 340 9.33 36.98 -29.57
N ALA B 341 8.80 36.26 -30.56
CA ALA B 341 9.36 34.94 -30.88
C ALA B 341 10.83 35.06 -31.26
N ILE B 342 11.16 36.03 -32.11
CA ILE B 342 12.57 36.24 -32.47
C ILE B 342 13.38 36.59 -31.22
N GLU B 343 12.82 37.42 -30.35
CA GLU B 343 13.49 37.79 -29.12
C GLU B 343 13.76 36.57 -28.25
N PHE B 344 12.76 35.68 -28.11
CA PHE B 344 12.94 34.47 -27.30
C PHE B 344 13.88 33.49 -27.99
N TYR B 345 13.78 33.38 -29.32
CA TYR B 345 14.68 32.48 -30.04
C TYR B 345 16.14 32.90 -29.86
N ASN B 346 16.41 34.21 -29.94
CA ASN B 346 17.78 34.67 -29.78
C ASN B 346 18.30 34.38 -28.37
N LEU B 347 17.43 34.47 -27.37
CA LEU B 347 17.87 34.19 -26.00
C LEU B 347 18.18 32.71 -25.81
N LEU B 348 17.30 31.84 -26.26
CA LEU B 348 17.50 30.41 -26.08
C LEU B 348 18.65 29.89 -26.95
N SER B 349 18.64 30.21 -28.24
CA SER B 349 19.62 29.63 -29.16
C SER B 349 21.04 30.10 -28.87
N SER B 350 21.19 31.28 -28.26
CA SER B 350 22.50 31.74 -27.84
C SER B 350 22.99 31.08 -26.55
N PHE B 351 22.13 30.36 -25.85
CA PHE B 351 22.44 29.73 -24.56
C PHE B 351 22.58 30.74 -23.43
N ASP B 352 22.19 32.00 -23.64
CA ASP B 352 22.28 32.98 -22.55
C ASP B 352 21.32 32.63 -21.43
N TYR B 353 20.21 31.97 -21.76
CA TYR B 353 19.20 31.54 -20.81
C TYR B 353 18.56 30.29 -21.38
N MET B 354 18.14 29.39 -20.50
CA MET B 354 17.49 28.16 -20.94
C MET B 354 16.27 27.92 -20.09
N SER B 355 15.13 27.72 -20.77
CA SER B 355 13.89 27.39 -20.09
C SER B 355 14.01 26.03 -19.42
N SER B 356 13.06 25.74 -18.54
CA SER B 356 13.00 24.47 -17.85
C SER B 356 12.66 23.35 -18.84
N THR B 357 13.05 22.14 -18.45
CA THR B 357 12.79 20.95 -19.26
C THR B 357 11.34 20.83 -19.72
N PRO B 358 10.34 20.93 -18.85
CA PRO B 358 8.96 20.81 -19.33
C PRO B 358 8.58 21.87 -20.36
N THR B 359 9.09 23.09 -20.20
CA THR B 359 8.85 24.12 -21.19
C THR B 359 9.50 23.75 -22.53
N LEU B 360 10.75 23.32 -22.49
CA LEU B 360 11.42 22.90 -23.72
C LEU B 360 10.69 21.74 -24.38
N PHE B 361 10.17 20.81 -23.56
CA PHE B 361 9.47 19.66 -24.07
C PHE B 361 8.20 20.03 -24.81
N ASN B 362 7.40 20.91 -24.19
CA ASN B 362 5.99 21.03 -24.52
C ASN B 362 5.57 22.39 -25.05
N ALA B 363 6.42 23.40 -24.98
CA ALA B 363 6.08 24.67 -25.58
C ALA B 363 5.85 24.49 -27.07
N GLY B 364 4.78 25.07 -27.59
CA GLY B 364 4.45 24.92 -28.99
C GLY B 364 3.70 23.66 -29.34
N THR B 365 3.35 22.83 -28.36
CA THR B 365 2.53 21.64 -28.58
C THR B 365 1.16 21.84 -27.95
N LEU B 366 0.26 20.89 -28.21
CA LEU B 366 -1.11 20.99 -27.73
C LEU B 366 -1.18 20.73 -26.24
N ARG B 367 -1.99 21.54 -25.54
CA ARG B 367 -2.16 21.46 -24.09
C ARG B 367 -0.79 21.37 -23.41
N PRO B 368 0.02 22.43 -23.49
CA PRO B 368 1.43 22.35 -23.09
C PRO B 368 1.60 22.41 -21.59
N GLN B 369 2.22 21.38 -21.02
CA GLN B 369 2.61 21.34 -19.62
C GLN B 369 3.98 22.00 -19.52
N LEU B 370 3.97 23.32 -19.32
CA LEU B 370 5.20 24.10 -19.28
C LEU B 370 5.85 24.11 -17.92
N SER B 371 5.10 23.77 -16.88
CA SER B 371 5.61 23.66 -15.53
C SER B 371 5.22 22.28 -15.02
N SER B 372 6.10 21.68 -14.22
CA SER B 372 5.84 20.34 -13.72
C SER B 372 6.35 20.16 -12.29
N CYS B 373 6.35 21.24 -11.52
N CYS B 373 6.37 21.23 -11.52
CA CYS B 373 6.84 21.28 -10.15
CA CYS B 373 6.82 21.16 -10.14
C CYS B 373 5.73 21.86 -9.28
C CYS B 373 5.77 21.84 -9.27
N TYR B 374 5.32 21.12 -8.24
CA TYR B 374 4.17 21.53 -7.44
C TYR B 374 4.43 21.35 -5.96
N LEU B 375 3.71 22.13 -5.17
CA LEU B 375 3.67 22.01 -3.71
C LEU B 375 2.21 21.86 -3.28
N THR B 376 1.97 20.96 -2.32
CA THR B 376 0.64 20.76 -1.78
C THR B 376 0.72 20.73 -0.26
N THR B 377 -0.44 20.88 0.37
CA THR B 377 -0.58 20.68 1.79
C THR B 377 -1.73 19.71 2.03
N VAL B 378 -1.50 18.76 2.93
CA VAL B 378 -2.43 17.66 3.15
C VAL B 378 -3.24 17.97 4.40
N PRO B 379 -4.56 17.99 4.34
CA PRO B 379 -5.37 18.30 5.54
C PRO B 379 -5.58 17.06 6.38
N ASP B 380 -6.02 17.29 7.62
CA ASP B 380 -6.17 16.23 8.62
C ASP B 380 -7.57 15.60 8.59
N ASP B 381 -8.00 15.16 7.40
CA ASP B 381 -9.23 14.40 7.30
C ASP B 381 -9.04 13.38 6.18
N LEU B 382 -9.68 12.21 6.34
CA LEU B 382 -9.38 11.09 5.45
C LEU B 382 -9.74 11.43 4.00
N SER B 383 -10.87 12.13 3.80
CA SER B 383 -11.26 12.47 2.43
C SER B 383 -10.23 13.40 1.78
N GLY B 384 -9.72 14.37 2.54
CA GLY B 384 -8.70 15.24 1.99
C GLY B 384 -7.35 14.56 1.85
N ILE B 385 -7.05 13.60 2.72
CA ILE B 385 -5.82 12.84 2.58
C ILE B 385 -5.82 12.11 1.24
N TYR B 386 -6.95 11.47 0.90
CA TYR B 386 -7.02 10.75 -0.36
C TYR B 386 -7.32 11.66 -1.54
N GLY B 387 -7.88 12.84 -1.30
CA GLY B 387 -7.87 13.87 -2.32
C GLY B 387 -6.45 14.31 -2.64
N ALA B 388 -5.63 14.46 -1.59
CA ALA B 388 -4.24 14.85 -1.79
C ALA B 388 -3.48 13.76 -2.55
N ILE B 389 -3.76 12.50 -2.24
CA ILE B 389 -3.13 11.39 -2.97
C ILE B 389 -3.61 11.35 -4.41
N HIS B 390 -4.90 11.65 -4.64
CA HIS B 390 -5.41 11.77 -5.99
C HIS B 390 -4.69 12.87 -6.76
N ASP B 391 -4.46 14.01 -6.10
CA ASP B 391 -3.72 15.09 -6.73
C ASP B 391 -2.30 14.65 -7.11
N ASN B 392 -1.63 13.91 -6.23
CA ASN B 392 -0.28 13.45 -6.52
C ASN B 392 -0.25 12.66 -7.82
N ALA B 393 -1.19 11.72 -7.98
CA ALA B 393 -1.22 10.91 -9.18
C ALA B 393 -1.48 11.76 -10.42
N MET B 394 -2.41 12.71 -10.33
CA MET B 394 -2.75 13.55 -11.48
C MET B 394 -1.60 14.47 -11.87
N LEU B 395 -0.93 15.07 -10.88
CA LEU B 395 0.16 15.99 -11.16
C LEU B 395 1.43 15.28 -11.61
N SER B 396 1.59 14.01 -11.24
CA SER B 396 2.73 13.20 -11.67
C SER B 396 2.47 12.47 -12.97
N LYS B 397 1.28 12.64 -13.56
CA LYS B 397 0.92 11.86 -14.74
C LYS B 397 1.92 12.06 -15.87
N PHE B 398 2.59 13.23 -15.92
CA PHE B 398 3.58 13.54 -16.96
C PHE B 398 4.89 13.98 -16.31
N ALA B 399 5.44 13.13 -15.45
CA ALA B 399 6.76 13.27 -14.84
C ALA B 399 6.88 14.44 -13.86
N GLY B 400 5.78 15.05 -13.46
CA GLY B 400 5.87 16.18 -12.54
C GLY B 400 6.45 15.78 -11.19
N GLY B 401 7.10 16.75 -10.54
CA GLY B 401 7.64 16.56 -9.21
C GLY B 401 6.78 17.25 -8.16
N LEU B 402 6.80 16.68 -6.94
CA LEU B 402 5.85 17.07 -5.91
C LEU B 402 6.54 17.25 -4.57
N GLY B 403 6.15 18.30 -3.86
CA GLY B 403 6.41 18.43 -2.44
C GLY B 403 5.12 18.39 -1.65
N ASN B 404 5.01 17.46 -0.71
CA ASN B 404 3.80 17.26 0.10
C ASN B 404 4.07 17.65 1.55
N ASP B 405 3.25 18.57 2.08
CA ASP B 405 3.28 18.89 3.49
C ASP B 405 2.31 17.94 4.22
N TRP B 406 2.84 17.10 5.10
CA TRP B 406 2.04 16.15 5.85
C TRP B 406 1.94 16.48 7.33
N THR B 407 2.50 17.60 7.76
CA THR B 407 2.46 17.96 9.17
C THR B 407 1.05 18.03 9.75
N PRO B 408 0.00 18.45 9.03
CA PRO B 408 -1.32 18.57 9.68
C PRO B 408 -1.95 17.24 10.03
N VAL B 409 -1.51 16.13 9.43
CA VAL B 409 -2.12 14.83 9.69
C VAL B 409 -1.71 14.33 11.06
N ARG B 410 -2.69 13.91 11.85
CA ARG B 410 -2.46 13.63 13.26
C ARG B 410 -1.66 12.35 13.47
N ALA B 411 -0.93 12.32 14.58
CA ALA B 411 0.15 11.37 14.80
C ALA B 411 -0.33 10.12 15.52
N LEU B 412 0.58 9.17 15.67
CA LEU B 412 0.29 7.94 16.40
C LEU B 412 -0.25 8.27 17.78
N GLY B 413 -1.37 7.65 18.13
CA GLY B 413 -1.98 7.80 19.44
C GLY B 413 -3.11 8.82 19.50
N SER B 414 -3.26 9.64 18.47
CA SER B 414 -4.31 10.66 18.46
C SER B 414 -5.68 10.00 18.43
N TYR B 415 -6.64 10.67 19.07
CA TYR B 415 -8.01 10.19 19.05
C TYR B 415 -8.64 10.44 17.69
N ILE B 416 -9.47 9.50 17.25
CA ILE B 416 -10.24 9.62 16.02
C ILE B 416 -11.71 9.44 16.37
N LYS B 417 -12.49 10.49 16.12
CA LYS B 417 -13.93 10.40 16.35
C LYS B 417 -14.65 9.66 15.23
N GLY B 418 -13.98 9.41 14.10
CA GLY B 418 -14.54 8.51 13.10
C GLY B 418 -14.96 7.19 13.72
N THR B 419 -14.06 6.56 14.47
CA THR B 419 -14.35 5.41 15.29
C THR B 419 -14.18 5.80 16.76
N ASN B 420 -13.81 4.85 17.61
CA ASN B 420 -13.30 5.12 18.95
C ASN B 420 -11.97 4.42 19.14
N GLY B 421 -11.05 4.67 18.21
CA GLY B 421 -9.73 4.08 18.24
C GLY B 421 -8.65 5.13 18.17
N LYS B 422 -7.41 4.71 17.95
CA LYS B 422 -6.26 5.61 17.90
C LYS B 422 -5.68 5.63 16.50
N SER B 423 -5.19 6.80 16.10
CA SER B 423 -4.52 6.92 14.81
C SER B 423 -3.18 6.19 14.85
N GLN B 424 -2.81 5.59 13.72
CA GLN B 424 -1.51 4.97 13.55
C GLN B 424 -0.49 5.91 12.95
N GLY B 425 -0.83 7.18 12.77
CA GLY B 425 0.12 8.17 12.34
C GLY B 425 0.09 8.40 10.84
N VAL B 426 1.08 9.16 10.40
CA VAL B 426 1.14 9.57 9.01
C VAL B 426 1.78 8.49 8.13
N VAL B 427 2.65 7.65 8.71
CA VAL B 427 3.45 6.73 7.89
C VAL B 427 2.58 5.75 7.11
N PRO B 428 1.48 5.21 7.66
CA PRO B 428 0.66 4.33 6.82
C PRO B 428 0.11 5.01 5.58
N PHE B 429 -0.13 6.32 5.63
CA PHE B 429 -0.56 7.04 4.44
C PHE B 429 0.60 7.39 3.52
N LEU B 430 1.77 7.65 4.09
CA LEU B 430 2.96 7.85 3.28
C LEU B 430 3.28 6.59 2.48
N LYS B 431 2.92 5.42 3.00
CA LYS B 431 3.07 4.18 2.27
C LYS B 431 2.21 4.19 1.01
N VAL B 432 1.00 4.75 1.10
CA VAL B 432 0.15 4.91 -0.07
C VAL B 432 0.75 5.92 -1.04
N VAL B 433 1.35 6.99 -0.51
CA VAL B 433 2.04 7.95 -1.37
C VAL B 433 3.19 7.25 -2.10
N ASN B 434 3.95 6.45 -1.36
CA ASN B 434 5.07 5.72 -1.95
C ASN B 434 4.61 4.81 -3.09
N ASP B 435 3.56 4.02 -2.84
CA ASP B 435 3.07 3.12 -3.88
C ASP B 435 2.52 3.88 -5.07
N THR B 436 2.01 5.10 -4.84
CA THR B 436 1.48 5.92 -5.92
C THR B 436 2.61 6.48 -6.78
N ALA B 437 3.68 6.95 -6.15
CA ALA B 437 4.86 7.35 -6.92
C ALA B 437 5.34 6.21 -7.80
N VAL B 438 5.39 4.99 -7.25
CA VAL B 438 5.83 3.83 -8.03
C VAL B 438 4.86 3.56 -9.18
N ALA B 439 3.56 3.57 -8.90
CA ALA B 439 2.58 3.18 -9.91
C ALA B 439 2.47 4.21 -11.04
N VAL B 440 2.69 5.49 -10.74
CA VAL B 440 2.56 6.53 -11.75
C VAL B 440 3.87 6.80 -12.48
N ASN B 441 5.01 6.38 -11.92
CA ASN B 441 6.31 6.55 -12.55
C ASN B 441 6.32 6.03 -13.97
N ALA B 449 10.43 11.57 -7.05
CA ALA B 449 9.43 12.41 -7.69
C ALA B 449 8.45 13.00 -6.67
N VAL B 450 8.51 12.54 -5.42
CA VAL B 450 7.68 13.07 -4.34
C VAL B 450 8.54 13.22 -3.09
N CYS B 451 8.45 14.37 -2.44
CA CYS B 451 9.12 14.61 -1.16
C CYS B 451 8.10 14.98 -0.11
N ALA B 452 8.05 14.20 0.97
CA ALA B 452 7.17 14.48 2.10
C ALA B 452 7.90 15.31 3.15
N TYR B 453 7.19 16.31 3.70
CA TYR B 453 7.72 17.20 4.71
C TYR B 453 6.99 17.01 6.03
N LEU B 454 7.73 17.02 7.13
CA LEU B 454 7.15 16.87 8.46
C LEU B 454 7.85 17.80 9.43
N GLU B 455 7.08 18.54 10.22
CA GLU B 455 7.66 19.50 11.15
C GLU B 455 8.24 18.77 12.36
N THR B 456 9.21 19.40 13.00
CA THR B 456 10.10 18.72 13.94
C THR B 456 9.44 18.41 15.29
N TRP B 457 8.35 19.09 15.65
CA TRP B 457 7.61 18.74 16.86
C TRP B 457 6.58 17.64 16.61
N HIS B 458 6.42 17.19 15.38
CA HIS B 458 5.41 16.18 15.06
C HIS B 458 5.75 14.87 15.76
N LEU B 459 4.74 14.25 16.37
CA LEU B 459 4.98 13.09 17.22
C LEU B 459 5.39 11.85 16.44
N ASP B 460 5.20 11.84 15.13
CA ASP B 460 5.66 10.77 14.26
C ASP B 460 7.06 11.01 13.70
N ILE B 461 7.78 12.02 14.21
CA ILE B 461 8.99 12.45 13.55
C ILE B 461 10.07 11.37 13.60
N GLU B 462 10.12 10.63 14.71
CA GLU B 462 11.19 9.64 14.88
C GLU B 462 11.04 8.49 13.89
N GLU B 463 9.80 8.07 13.62
CA GLU B 463 9.58 7.11 12.55
C GLU B 463 9.89 7.72 11.20
N PHE B 464 9.53 9.00 11.03
CA PHE B 464 9.78 9.71 9.78
C PHE B 464 11.27 9.75 9.47
N LEU B 465 12.11 9.94 10.49
CA LEU B 465 13.55 10.06 10.29
C LEU B 465 14.18 8.78 9.75
N GLU B 466 13.50 7.64 9.87
CA GLU B 466 14.08 6.35 9.53
C GLU B 466 13.42 5.72 8.30
N LEU B 467 12.66 6.48 7.52
CA LEU B 467 11.91 5.90 6.41
C LEU B 467 12.81 5.41 5.27
N ARG B 468 14.08 5.81 5.23
CA ARG B 468 14.95 5.45 4.14
C ARG B 468 16.11 4.55 4.58
N LYS B 469 16.04 3.97 5.77
CA LYS B 469 17.02 2.96 6.16
C LYS B 469 16.87 1.75 5.25
N ASN B 470 18.01 1.11 4.95
CA ASN B 470 18.03 -0.01 4.02
C ASN B 470 17.46 -1.28 4.64
N THR B 471 17.57 -1.44 5.96
CA THR B 471 17.13 -2.64 6.65
C THR B 471 15.96 -2.31 7.57
N GLY B 472 15.28 -3.37 8.01
CA GLY B 472 14.22 -3.26 9.00
C GLY B 472 12.84 -3.48 8.39
N ASP B 473 11.85 -3.37 9.27
CA ASP B 473 10.46 -3.59 8.89
C ASP B 473 10.09 -2.69 7.72
N ASP B 474 9.72 -3.32 6.60
CA ASP B 474 9.39 -2.54 5.41
C ASP B 474 8.11 -1.74 5.58
N ARG B 475 7.22 -2.14 6.50
CA ARG B 475 6.05 -1.34 6.77
C ARG B 475 6.38 -0.01 7.43
N ARG B 476 7.63 0.17 7.87
CA ARG B 476 8.09 1.45 8.41
C ARG B 476 9.13 2.10 7.49
N ARG B 477 9.04 1.82 6.19
CA ARG B 477 9.99 2.34 5.20
C ARG B 477 9.22 2.77 3.95
N THR B 478 9.74 3.82 3.31
CA THR B 478 9.20 4.35 2.04
C THR B 478 10.40 4.56 1.11
N HIS B 479 10.83 3.49 0.44
CA HIS B 479 12.07 3.55 -0.31
C HIS B 479 11.97 4.34 -1.62
N ASP B 480 10.76 4.59 -2.10
CA ASP B 480 10.55 5.32 -3.35
C ASP B 480 10.06 6.74 -3.12
N MET B 481 10.15 7.25 -1.89
CA MET B 481 9.65 8.57 -1.53
C MET B 481 10.74 9.33 -0.80
N ASN B 482 10.94 10.59 -1.18
CA ASN B 482 11.88 11.45 -0.50
C ASN B 482 11.24 12.08 0.73
N THR B 483 12.09 12.55 1.64
CA THR B 483 11.66 13.10 2.92
C THR B 483 12.49 14.33 3.25
N ALA B 484 11.90 15.25 4.01
CA ALA B 484 12.59 16.46 4.41
C ALA B 484 12.04 16.96 5.73
N ASN B 485 12.93 17.46 6.58
CA ASN B 485 12.55 18.11 7.82
C ASN B 485 12.09 19.54 7.56
N TRP B 486 11.01 19.92 8.23
CA TRP B 486 10.49 21.29 8.23
C TRP B 486 10.78 21.82 9.63
N ILE B 487 11.92 22.48 9.77
CA ILE B 487 12.52 22.73 11.08
C ILE B 487 12.17 24.14 11.54
N PRO B 488 11.51 24.31 12.69
CA PRO B 488 11.33 25.66 13.24
C PRO B 488 12.60 26.20 13.87
N ASP B 489 12.74 27.52 13.85
CA ASP B 489 13.91 28.15 14.45
C ASP B 489 14.02 27.80 15.93
N LEU B 490 12.89 27.66 16.63
CA LEU B 490 12.94 27.37 18.06
C LEU B 490 13.67 26.07 18.33
N PHE B 491 13.49 25.07 17.46
CA PHE B 491 14.18 23.80 17.65
C PHE B 491 15.69 23.98 17.60
N MET B 492 16.18 24.76 16.64
CA MET B 492 17.62 25.00 16.55
C MET B 492 18.13 25.81 17.74
N LYS B 493 17.33 26.77 18.21
CA LYS B 493 17.69 27.49 19.43
C LYS B 493 17.88 26.52 20.59
N ARG B 494 17.01 25.51 20.68
CA ARG B 494 17.14 24.50 21.74
C ARG B 494 18.41 23.70 21.57
N VAL B 495 18.81 23.42 20.32
CA VAL B 495 20.06 22.71 20.08
C VAL B 495 21.25 23.55 20.52
N PHE B 496 21.28 24.82 20.10
CA PHE B 496 22.37 25.71 20.48
C PHE B 496 22.48 25.83 22.00
N ASP B 497 21.34 25.80 22.70
CA ASP B 497 21.32 26.01 24.14
C ASP B 497 21.16 24.71 24.92
N ASP B 498 21.19 23.56 24.25
CA ASP B 498 21.01 22.26 24.90
C ASP B 498 19.77 22.24 25.77
N GLY B 499 18.65 22.65 25.18
CA GLY B 499 17.36 22.59 25.85
C GLY B 499 16.58 21.33 25.47
N SER B 500 15.37 21.24 26.00
CA SER B 500 14.48 20.14 25.70
C SER B 500 13.59 20.49 24.52
N TRP B 501 12.83 19.50 24.06
CA TRP B 501 11.96 19.65 22.90
C TRP B 501 10.80 18.69 23.06
N THR B 502 9.58 19.19 22.86
CA THR B 502 8.38 18.38 23.09
C THR B 502 7.70 18.07 21.77
N LEU B 503 7.28 16.82 21.63
CA LEU B 503 6.57 16.36 20.45
C LEU B 503 5.07 16.34 20.72
N PHE B 504 4.29 16.75 19.73
CA PHE B 504 2.84 16.79 19.86
C PHE B 504 2.21 16.17 18.62
N SER B 505 0.97 15.77 18.76
CA SER B 505 0.17 15.48 17.59
C SER B 505 -0.51 16.76 17.10
N PRO B 506 -0.51 17.04 15.80
CA PRO B 506 -1.10 18.29 15.32
C PRO B 506 -2.58 18.42 15.65
N SER B 507 -3.27 17.32 15.95
CA SER B 507 -4.69 17.42 16.28
C SER B 507 -4.92 18.11 17.62
N ASP B 508 -3.93 18.10 18.53
CA ASP B 508 -4.04 18.83 19.78
C ASP B 508 -3.44 20.22 19.71
N VAL B 509 -2.63 20.50 18.69
CA VAL B 509 -1.99 21.81 18.55
C VAL B 509 -2.14 22.24 17.09
N PRO B 510 -3.35 22.32 16.57
CA PRO B 510 -3.53 22.49 15.12
C PRO B 510 -3.17 23.87 14.59
N ASP B 511 -2.77 24.81 15.46
CA ASP B 511 -2.37 26.14 15.02
C ASP B 511 -0.88 26.30 14.86
N LEU B 512 -0.08 25.41 15.43
CA LEU B 512 1.38 25.57 15.38
C LEU B 512 1.89 25.58 13.95
N HIS B 513 1.38 24.69 13.09
CA HIS B 513 1.95 24.52 11.76
C HIS B 513 1.90 25.82 10.95
N ASP B 514 0.82 26.58 11.11
CA ASP B 514 0.65 27.83 10.38
C ASP B 514 1.30 29.02 11.06
N LEU B 515 1.54 28.95 12.37
CA LEU B 515 2.27 29.99 13.06
C LEU B 515 3.75 29.87 12.73
N TYR B 516 4.46 30.99 12.79
CA TYR B 516 5.89 31.01 12.56
C TYR B 516 6.50 32.19 13.30
N GLY B 517 7.82 32.22 13.34
CA GLY B 517 8.51 33.32 14.01
C GLY B 517 8.17 33.38 15.48
N LYS B 518 8.05 34.61 15.99
CA LYS B 518 7.84 34.81 17.43
C LYS B 518 6.46 34.36 17.88
N ALA B 519 5.47 34.39 16.98
CA ALA B 519 4.15 33.91 17.35
C ALA B 519 4.16 32.40 17.56
N PHE B 520 4.92 31.68 16.74
CA PHE B 520 5.08 30.24 16.96
C PHE B 520 5.75 29.96 18.30
N GLU B 521 6.80 30.71 18.62
CA GLU B 521 7.57 30.45 19.84
C GLU B 521 6.72 30.70 21.08
N GLU B 522 5.94 31.79 21.10
CA GLU B 522 5.06 32.03 22.24
C GLU B 522 4.05 30.90 22.39
N ARG B 523 3.39 30.54 21.30
CA ARG B 523 2.35 29.52 21.37
C ARG B 523 2.92 28.14 21.68
N TYR B 524 4.08 27.81 21.08
CA TYR B 524 4.67 26.51 21.34
C TYR B 524 5.04 26.34 22.81
N GLU B 525 5.63 27.37 23.42
CA GLU B 525 6.00 27.31 24.82
C GLU B 525 4.77 27.30 25.73
N TYR B 526 3.64 27.82 25.26
CA TYR B 526 2.39 27.67 26.00
C TYR B 526 1.96 26.20 26.04
N TYR B 527 1.96 25.55 24.87
CA TYR B 527 1.65 24.12 24.83
C TYR B 527 2.68 23.32 25.59
N GLU B 528 3.94 23.75 25.57
CA GLU B 528 5.00 23.04 26.27
C GLU B 528 4.74 23.01 27.76
N ALA B 529 4.55 24.19 28.37
CA ALA B 529 4.22 24.26 29.79
C ALA B 529 2.89 23.57 30.08
N LEU B 530 1.92 23.74 29.19
CA LEU B 530 0.61 23.11 29.38
C LEU B 530 0.74 21.59 29.49
N ALA B 531 1.68 21.00 28.74
CA ALA B 531 1.83 19.56 28.75
C ALA B 531 2.61 19.06 29.97
N SER B 532 3.53 19.88 30.48
CA SER B 532 4.38 19.44 31.58
C SER B 532 3.56 19.04 32.81
N TYR B 533 2.37 19.62 32.98
CA TYR B 533 1.51 19.22 34.09
C TYR B 533 0.16 18.69 33.60
N GLY B 534 0.20 17.61 32.81
CA GLY B 534 -0.96 16.76 32.58
C GLY B 534 -2.09 17.36 31.76
N LYS B 535 -2.03 18.64 31.40
CA LYS B 535 -3.14 19.24 30.65
C LYS B 535 -3.10 18.91 29.17
N LEU B 536 -2.05 18.24 28.69
CA LEU B 536 -1.95 17.84 27.28
C LEU B 536 -1.60 16.36 27.22
N LYS B 537 -2.61 15.54 26.94
CA LYS B 537 -2.49 14.08 27.06
C LYS B 537 -1.27 13.56 26.30
N LEU B 538 -1.27 13.74 24.98
CA LEU B 538 -0.40 13.01 24.09
C LEU B 538 0.81 13.89 23.79
N HIS B 539 1.96 13.53 24.33
CA HIS B 539 3.18 14.29 24.09
C HIS B 539 4.39 13.44 24.45
N LYS B 540 5.57 13.93 24.08
CA LYS B 540 6.82 13.28 24.44
C LYS B 540 7.92 14.33 24.51
N VAL B 541 8.68 14.31 25.60
CA VAL B 541 9.80 15.23 25.79
C VAL B 541 11.08 14.51 25.38
N VAL B 542 11.96 15.23 24.67
CA VAL B 542 13.28 14.74 24.30
C VAL B 542 14.25 15.89 24.46
N GLN B 543 15.54 15.56 24.44
CA GLN B 543 16.58 16.57 24.35
C GLN B 543 16.78 16.96 22.90
N ALA B 544 16.79 18.27 22.63
CA ALA B 544 16.90 18.74 21.26
C ALA B 544 18.20 18.24 20.62
N LYS B 545 19.27 18.18 21.41
CA LYS B 545 20.55 17.71 20.87
C LYS B 545 20.46 16.26 20.43
N ASP B 546 19.69 15.43 21.13
CA ASP B 546 19.59 14.02 20.78
C ASP B 546 18.81 13.82 19.49
N LEU B 547 17.69 14.55 19.32
CA LEU B 547 16.96 14.47 18.06
C LEU B 547 17.79 15.02 16.92
N TRP B 548 18.49 16.13 17.16
CA TRP B 548 19.34 16.74 16.15
C TRP B 548 20.43 15.77 15.70
N ARG B 549 21.00 15.02 16.65
CA ARG B 549 22.02 14.04 16.31
C ARG B 549 21.43 12.91 15.47
N LYS B 550 20.19 12.51 15.78
CA LYS B 550 19.54 11.46 15.00
C LYS B 550 19.22 11.95 13.60
N MET B 551 18.75 13.20 13.47
CA MET B 551 18.48 13.75 12.15
C MET B 551 19.73 13.74 11.28
N LEU B 552 20.85 14.19 11.84
CA LEU B 552 22.09 14.24 11.06
C LEU B 552 22.60 12.83 10.78
N SER B 553 22.45 11.92 11.74
CA SER B 553 22.89 10.54 11.54
C SER B 553 22.10 9.87 10.42
N MET B 554 20.81 10.18 10.31
CA MET B 554 20.01 9.59 9.23
C MET B 554 20.33 10.22 7.89
N LEU B 555 20.59 11.54 7.88
CA LEU B 555 20.99 12.18 6.64
C LEU B 555 22.28 11.57 6.11
N PHE B 556 23.23 11.28 7.01
CA PHE B 556 24.50 10.72 6.59
C PHE B 556 24.36 9.27 6.15
N GLU B 557 23.61 8.47 6.91
CA GLU B 557 23.55 7.03 6.66
C GLU B 557 22.57 6.66 5.55
N THR B 558 21.48 7.41 5.39
CA THR B 558 20.47 7.08 4.40
C THR B 558 20.30 8.16 3.34
N GLY B 559 20.87 9.34 3.53
CA GLY B 559 20.66 10.45 2.63
C GLY B 559 19.40 11.25 2.89
N HIS B 560 18.61 10.89 3.90
CA HIS B 560 17.32 11.51 4.13
C HIS B 560 17.01 11.46 5.61
N PRO B 561 16.10 12.32 6.11
CA PRO B 561 15.49 13.43 5.36
C PRO B 561 16.38 14.65 5.27
N TRP B 562 16.13 15.49 4.27
CA TRP B 562 16.86 16.73 4.11
C TRP B 562 16.46 17.73 5.21
N LEU B 563 17.24 18.81 5.32
CA LEU B 563 17.04 19.81 6.36
C LEU B 563 16.62 21.13 5.71
N THR B 564 15.40 21.55 6.00
CA THR B 564 14.89 22.84 5.56
C THR B 564 14.33 23.58 6.76
N PHE B 565 14.28 24.92 6.66
CA PHE B 565 14.05 25.78 7.81
C PHE B 565 12.78 26.60 7.59
N LYS B 566 11.78 26.32 8.42
CA LYS B 566 10.42 26.83 8.20
C LYS B 566 10.33 28.34 8.35
N ASP B 567 11.07 28.91 9.29
CA ASP B 567 10.83 30.30 9.66
C ASP B 567 11.45 31.25 8.64
N PRO B 568 12.71 31.06 8.22
CA PRO B 568 13.22 31.92 7.14
C PRO B 568 12.33 31.90 5.91
N CYS B 569 11.77 30.73 5.58
CA CYS B 569 10.90 30.65 4.41
C CYS B 569 9.64 31.49 4.57
N ASN B 570 9.06 31.51 5.77
CA ASN B 570 7.83 32.26 5.97
C ASN B 570 8.10 33.74 6.21
N LEU B 571 9.07 34.05 7.08
CA LEU B 571 9.35 35.44 7.43
C LEU B 571 9.78 36.28 6.23
N ARG B 572 10.45 35.67 5.26
CA ARG B 572 10.94 36.40 4.10
C ARG B 572 10.06 36.20 2.87
N SER B 573 8.97 35.45 3.00
CA SER B 573 8.06 35.26 1.88
C SER B 573 7.32 36.56 1.59
N PRO B 574 7.29 37.04 0.34
CA PRO B 574 6.52 38.25 0.04
C PRO B 574 5.03 38.12 0.27
N GLN B 575 4.51 36.90 0.41
CA GLN B 575 3.07 36.64 0.41
C GLN B 575 2.54 36.29 1.80
N GLN B 576 3.21 36.75 2.85
CA GLN B 576 2.75 36.49 4.22
C GLN B 576 1.34 36.99 4.46
N HIS B 577 0.84 37.93 3.65
CA HIS B 577 -0.46 38.54 3.90
C HIS B 577 -1.63 37.68 3.41
N VAL B 578 -1.39 36.68 2.57
CA VAL B 578 -2.47 35.88 2.00
C VAL B 578 -2.29 34.38 2.23
N GLY B 579 -1.23 33.96 2.91
CA GLY B 579 -1.06 32.54 3.14
C GLY B 579 0.22 32.24 3.87
N VAL B 580 0.53 30.96 3.94
CA VAL B 580 1.64 30.44 4.73
C VAL B 580 2.40 29.41 3.90
N VAL B 581 3.73 29.44 4.00
CA VAL B 581 4.55 28.43 3.35
C VAL B 581 4.56 27.20 4.25
N HIS B 582 4.06 26.08 3.73
CA HIS B 582 3.92 24.85 4.48
C HIS B 582 5.05 23.85 4.24
N SER B 583 5.87 24.07 3.22
CA SER B 583 7.00 23.21 2.89
C SER B 583 7.70 23.81 1.69
N SER B 584 8.82 23.21 1.32
CA SER B 584 9.46 23.50 0.04
C SER B 584 9.04 22.41 -0.95
N ASN B 585 9.72 22.32 -2.07
CA ASN B 585 9.33 21.43 -3.14
C ASN B 585 10.25 20.21 -3.17
N LEU B 586 10.17 19.45 -4.25
CA LEU B 586 10.96 18.23 -4.37
C LEU B 586 12.45 18.53 -4.27
N CYS B 587 12.91 19.63 -4.85
CA CYS B 587 14.34 19.95 -4.92
C CYS B 587 14.76 21.03 -3.92
N THR B 588 13.85 21.50 -3.07
CA THR B 588 14.14 22.36 -1.92
C THR B 588 14.57 23.78 -2.31
N GLU B 589 14.11 24.30 -3.45
CA GLU B 589 14.41 25.69 -3.81
C GLU B 589 13.19 26.60 -3.79
N ILE B 590 11.98 26.05 -3.71
CA ILE B 590 10.75 26.82 -3.89
C ILE B 590 10.08 27.02 -2.53
N THR B 591 9.61 28.25 -2.28
CA THR B 591 8.91 28.60 -1.04
C THR B 591 7.65 29.36 -1.43
N LEU B 592 6.54 28.63 -1.61
CA LEU B 592 5.28 29.22 -2.07
C LEU B 592 4.15 28.72 -1.17
N ASN B 593 3.11 29.56 -1.06
CA ASN B 593 1.99 29.24 -0.18
C ASN B 593 1.14 28.12 -0.78
N THR B 594 0.47 27.38 0.12
CA THR B 594 -0.48 26.35 -0.26
C THR B 594 -1.64 26.36 0.72
N ASN B 595 -2.82 26.01 0.21
CA ASN B 595 -4.00 25.79 1.04
C ASN B 595 -4.92 24.86 0.26
N LYS B 596 -6.12 24.60 0.79
CA LYS B 596 -7.02 23.66 0.15
C LYS B 596 -7.47 24.14 -1.23
N ASP B 597 -7.29 25.42 -1.53
CA ASP B 597 -7.66 25.98 -2.83
C ASP B 597 -6.45 26.27 -3.72
N GLU B 598 -5.23 26.05 -3.23
CA GLU B 598 -4.03 26.51 -3.94
C GLU B 598 -2.96 25.43 -3.90
N ILE B 599 -2.70 24.80 -5.05
CA ILE B 599 -1.51 24.00 -5.27
C ILE B 599 -0.49 24.90 -5.98
N ALA B 600 0.68 25.09 -5.35
CA ALA B 600 1.66 26.00 -5.91
C ALA B 600 2.36 25.37 -7.11
N VAL B 601 2.77 26.22 -8.03
CA VAL B 601 3.37 25.80 -9.31
C VAL B 601 4.69 26.55 -9.46
N CYS B 602 5.75 25.82 -9.79
CA CYS B 602 7.07 26.42 -10.02
C CYS B 602 7.26 26.59 -11.52
N ASN B 603 7.39 27.82 -11.96
CA ASN B 603 7.64 28.16 -13.36
C ASN B 603 9.09 28.64 -13.43
N LEU B 604 9.95 27.83 -14.07
CA LEU B 604 11.39 27.91 -13.82
C LEU B 604 12.20 28.06 -15.10
N GLY B 605 13.31 28.80 -14.96
CA GLY B 605 14.33 28.93 -15.98
C GLY B 605 15.58 29.50 -15.34
N SER B 606 16.72 29.31 -16.02
CA SER B 606 18.00 29.67 -15.42
C SER B 606 18.88 30.48 -16.38
N ILE B 607 19.57 31.47 -15.80
CA ILE B 607 20.57 32.27 -16.52
C ILE B 607 21.87 31.48 -16.66
N ASN B 608 22.49 31.57 -17.83
CA ASN B 608 23.81 30.97 -18.05
C ASN B 608 24.87 32.02 -17.75
N LEU B 609 25.51 31.90 -16.59
CA LEU B 609 26.51 32.89 -16.18
C LEU B 609 27.74 32.89 -17.08
N VAL B 610 28.08 31.75 -17.67
CA VAL B 610 29.26 31.69 -18.52
C VAL B 610 29.17 32.71 -19.64
N ASN B 611 28.00 32.80 -20.28
CA ASN B 611 27.81 33.71 -21.40
C ASN B 611 27.74 35.16 -20.97
N HIS B 612 27.84 35.47 -19.68
CA HIS B 612 27.80 36.85 -19.20
C HIS B 612 29.10 37.28 -18.54
N ILE B 613 30.18 36.56 -18.81
CA ILE B 613 31.52 36.98 -18.41
C ILE B 613 32.32 37.24 -19.68
N VAL B 614 32.74 38.49 -19.86
CA VAL B 614 33.56 38.90 -21.00
C VAL B 614 34.82 39.55 -20.44
N ASP B 615 35.98 39.16 -20.98
CA ASP B 615 37.27 39.69 -20.54
C ASP B 615 37.45 39.51 -19.03
N GLY B 616 36.97 38.38 -18.51
CA GLY B 616 37.13 38.08 -17.11
C GLY B 616 36.25 38.86 -16.17
N LYS B 617 35.24 39.55 -16.68
CA LYS B 617 34.37 40.38 -15.86
C LYS B 617 32.92 40.13 -16.22
N LEU B 618 32.05 40.34 -15.24
CA LEU B 618 30.61 40.20 -15.48
C LEU B 618 30.11 41.32 -16.37
N ASP B 619 29.44 40.95 -17.46
CA ASP B 619 28.84 41.90 -18.41
C ASP B 619 27.42 42.22 -17.93
N THR B 620 27.29 43.31 -17.19
CA THR B 620 26.00 43.67 -16.63
C THR B 620 25.01 44.13 -17.70
N ALA B 621 25.50 44.76 -18.76
CA ALA B 621 24.60 45.21 -19.83
C ALA B 621 23.91 44.04 -20.49
N LYS B 622 24.68 43.03 -20.90
CA LYS B 622 24.09 41.82 -21.46
C LYS B 622 23.23 41.12 -20.43
N LEU B 623 23.71 41.06 -19.18
CA LEU B 623 22.94 40.42 -18.12
C LEU B 623 21.56 41.05 -17.96
N GLU B 624 21.51 42.39 -17.98
CA GLU B 624 20.23 43.09 -17.87
C GLU B 624 19.30 42.71 -19.02
N LYS B 625 19.83 42.67 -20.25
CA LYS B 625 19.02 42.27 -21.39
C LYS B 625 18.48 40.85 -21.21
N THR B 626 19.35 39.92 -20.81
CA THR B 626 18.92 38.53 -20.63
C THR B 626 17.82 38.42 -19.58
N VAL B 627 18.01 39.05 -18.42
CA VAL B 627 17.05 38.89 -17.33
C VAL B 627 15.68 39.41 -17.75
N LYS B 628 15.62 40.60 -18.35
CA LYS B 628 14.34 41.20 -18.71
C LYS B 628 13.55 40.28 -19.64
N THR B 629 14.21 39.74 -20.66
CA THR B 629 13.53 38.81 -21.56
C THR B 629 13.16 37.53 -20.85
N ALA B 630 14.02 37.04 -19.97
CA ALA B 630 13.76 35.78 -19.27
C ALA B 630 12.55 35.90 -18.36
N VAL B 631 12.44 37.01 -17.61
CA VAL B 631 11.29 37.17 -16.73
C VAL B 631 10.01 37.24 -17.53
N ARG B 632 10.04 37.91 -18.69
CA ARG B 632 8.86 37.94 -19.55
C ARG B 632 8.47 36.53 -19.98
N MET B 633 9.43 35.75 -20.48
CA MET B 633 9.15 34.39 -20.92
C MET B 633 8.53 33.58 -19.78
N LEU B 634 9.00 33.79 -18.56
CA LEU B 634 8.45 33.06 -17.42
C LEU B 634 7.04 33.52 -17.11
N ASP B 635 6.78 34.83 -17.18
CA ASP B 635 5.42 35.30 -16.98
C ASP B 635 4.48 34.77 -18.06
N ASN B 636 4.97 34.61 -19.28
CA ASN B 636 4.15 34.01 -20.34
C ASN B 636 3.83 32.55 -20.05
N VAL B 637 4.75 31.83 -19.40
CA VAL B 637 4.53 30.41 -19.11
C VAL B 637 3.25 30.23 -18.29
N ILE B 638 3.01 31.13 -17.34
CA ILE B 638 1.83 31.02 -16.49
C ILE B 638 0.56 31.01 -17.34
N ASP B 639 0.48 31.88 -18.34
CA ASP B 639 -0.74 32.02 -19.12
C ASP B 639 -0.90 30.91 -20.14
N ILE B 640 0.20 30.38 -20.67
CA ILE B 640 0.13 29.38 -21.71
C ILE B 640 -0.05 27.98 -21.12
N ASN B 641 0.41 27.77 -19.89
CA ASN B 641 0.44 26.43 -19.31
C ASN B 641 -0.95 25.85 -19.23
N TYR B 642 -1.07 24.56 -19.59
CA TYR B 642 -2.31 23.83 -19.45
C TYR B 642 -2.40 23.27 -18.04
N TYR B 643 -3.45 23.66 -17.31
CA TYR B 643 -3.65 23.22 -15.94
C TYR B 643 -4.71 22.12 -15.93
N SER B 644 -4.34 20.95 -15.42
CA SER B 644 -5.29 19.85 -15.25
C SER B 644 -5.94 19.85 -13.86
N VAL B 645 -5.31 20.47 -12.88
CA VAL B 645 -5.84 20.59 -11.53
C VAL B 645 -6.21 22.04 -11.29
N PRO B 646 -7.45 22.34 -10.87
CA PRO B 646 -7.84 23.76 -10.75
C PRO B 646 -7.17 24.50 -9.61
N GLN B 647 -6.76 23.80 -8.54
CA GLN B 647 -6.04 24.47 -7.46
C GLN B 647 -4.70 25.01 -7.95
N ALA B 648 -4.10 24.35 -8.94
CA ALA B 648 -2.83 24.83 -9.49
C ALA B 648 -3.04 26.06 -10.34
N GLN B 649 -4.04 26.04 -11.22
CA GLN B 649 -4.37 27.23 -12.00
C GLN B 649 -4.70 28.41 -11.11
N ASN B 650 -5.43 28.17 -10.02
CA ASN B 650 -5.87 29.27 -9.16
C ASN B 650 -4.68 29.99 -8.54
N SER B 651 -3.69 29.24 -8.05
CA SER B 651 -2.55 29.87 -7.39
C SER B 651 -1.67 30.61 -8.40
N ASN B 652 -1.49 30.04 -9.59
CA ASN B 652 -0.63 30.69 -10.58
C ASN B 652 -1.25 32.00 -11.06
N PHE B 653 -2.55 32.00 -11.34
CA PHE B 653 -3.20 33.21 -11.84
C PHE B 653 -3.30 34.29 -10.76
N LYS B 654 -3.53 33.88 -9.52
CA LYS B 654 -3.67 34.85 -8.43
C LYS B 654 -2.34 35.54 -8.12
N HIS B 655 -1.26 34.76 -7.99
CA HIS B 655 -0.01 35.27 -7.45
C HIS B 655 1.14 35.30 -8.46
N ARG B 656 1.01 34.63 -9.60
CA ARG B 656 1.99 34.65 -10.68
C ARG B 656 3.44 34.52 -10.21
N PRO B 657 3.78 33.54 -9.37
CA PRO B 657 5.18 33.35 -8.99
C PRO B 657 6.00 32.77 -10.15
N VAL B 658 7.26 33.20 -10.25
CA VAL B 658 8.22 32.60 -11.17
C VAL B 658 9.50 32.32 -10.40
N GLY B 659 10.38 31.53 -11.01
CA GLY B 659 11.63 31.14 -10.40
C GLY B 659 12.82 31.19 -11.36
N LEU B 660 13.41 32.37 -11.50
CA LEU B 660 14.59 32.55 -12.34
C LEU B 660 15.84 32.17 -11.55
N GLY B 661 16.62 31.22 -12.07
CA GLY B 661 17.81 30.74 -11.42
C GLY B 661 19.07 31.06 -12.20
N ILE B 662 20.15 30.36 -11.86
CA ILE B 662 21.44 30.53 -12.51
C ILE B 662 22.11 29.18 -12.70
N MET B 663 23.04 29.13 -13.65
CA MET B 663 23.89 27.96 -13.86
C MET B 663 25.22 28.43 -14.42
N GLY B 664 26.20 27.53 -14.39
CA GLY B 664 27.53 27.85 -14.83
C GLY B 664 28.35 28.63 -13.83
N PHE B 665 27.98 28.61 -12.55
CA PHE B 665 28.68 29.41 -11.56
C PHE B 665 30.15 28.99 -11.43
N GLN B 666 30.40 27.68 -11.36
CA GLN B 666 31.78 27.20 -11.25
C GLN B 666 32.60 27.60 -12.47
N ASP B 667 32.02 27.45 -13.67
CA ASP B 667 32.73 27.84 -14.88
C ASP B 667 32.97 29.34 -14.92
N ALA B 668 32.02 30.12 -14.42
CA ALA B 668 32.20 31.56 -14.35
C ALA B 668 33.36 31.94 -13.43
N LEU B 669 33.57 31.16 -12.37
CA LEU B 669 34.75 31.37 -11.54
C LEU B 669 36.03 31.05 -12.28
N TYR B 670 36.03 29.98 -13.09
CA TYR B 670 37.22 29.65 -13.87
C TYR B 670 37.60 30.80 -14.79
N LEU B 671 36.63 31.34 -15.53
CA LEU B 671 36.91 32.43 -16.46
C LEU B 671 37.45 33.67 -15.76
N GLN B 672 37.25 33.79 -14.45
CA GLN B 672 37.81 34.89 -13.67
C GLN B 672 39.03 34.46 -12.86
N HIS B 673 39.44 33.19 -12.95
CA HIS B 673 40.55 32.67 -12.16
C HIS B 673 40.32 32.89 -10.68
N ILE B 674 39.09 32.68 -10.23
CA ILE B 674 38.71 32.82 -8.84
C ILE B 674 38.50 31.42 -8.27
N PRO B 675 39.27 31.00 -7.28
CA PRO B 675 38.98 29.71 -6.63
C PRO B 675 37.68 29.77 -5.86
N TYR B 676 36.91 28.67 -5.93
CA TYR B 676 35.68 28.62 -5.16
C TYR B 676 35.96 28.80 -3.67
N GLY B 677 37.09 28.29 -3.20
CA GLY B 677 37.49 28.48 -1.83
C GLY B 677 38.27 29.75 -1.60
N SER B 678 37.61 30.91 -1.74
CA SER B 678 38.28 32.18 -1.57
C SER B 678 37.24 33.27 -1.33
N ASP B 679 37.69 34.35 -0.69
CA ASP B 679 36.80 35.49 -0.45
C ASP B 679 36.34 36.12 -1.76
N ALA B 680 37.18 36.08 -2.80
CA ALA B 680 36.77 36.60 -4.10
C ALA B 680 35.59 35.83 -4.66
N ALA B 681 35.50 34.53 -4.36
CA ALA B 681 34.34 33.74 -4.80
C ALA B 681 33.09 34.16 -4.04
N ILE B 682 33.23 34.44 -2.74
CA ILE B 682 32.09 34.89 -1.95
C ILE B 682 31.57 36.21 -2.49
N ALA B 683 32.48 37.14 -2.79
CA ALA B 683 32.07 38.45 -3.30
C ALA B 683 31.40 38.31 -4.66
N PHE B 684 31.91 37.43 -5.52
CA PHE B 684 31.26 37.23 -6.81
C PHE B 684 29.89 36.59 -6.63
N ALA B 685 29.78 35.60 -5.74
CA ALA B 685 28.47 35.02 -5.45
C ALA B 685 27.52 36.09 -4.95
N ASP B 686 27.98 36.93 -4.02
CA ASP B 686 27.17 38.01 -3.48
C ASP B 686 26.75 38.98 -4.58
N GLN B 687 27.72 39.55 -5.29
CA GLN B 687 27.42 40.67 -6.19
C GLN B 687 26.76 40.24 -7.48
N SER B 688 27.04 39.02 -7.97
CA SER B 688 26.38 38.58 -9.20
C SER B 688 24.90 38.33 -8.96
N MET B 689 24.55 37.72 -7.82
CA MET B 689 23.14 37.54 -7.50
C MET B 689 22.47 38.87 -7.18
N GLU B 690 23.20 39.80 -6.58
CA GLU B 690 22.65 41.13 -6.33
C GLU B 690 22.22 41.81 -7.63
N ALA B 691 23.09 41.78 -8.65
CA ALA B 691 22.76 42.42 -9.91
C ALA B 691 21.62 41.70 -10.61
N ILE B 692 21.66 40.36 -10.64
CA ILE B 692 20.56 39.59 -11.23
C ILE B 692 19.24 39.93 -10.55
N SER B 693 19.22 39.95 -9.22
CA SER B 693 17.98 40.22 -8.51
C SER B 693 17.47 41.63 -8.80
N TYR B 694 18.39 42.57 -8.94
CA TYR B 694 18.00 43.95 -9.27
C TYR B 694 17.31 44.01 -10.61
N TYR B 695 17.91 43.39 -11.63
CA TYR B 695 17.33 43.40 -12.96
C TYR B 695 16.03 42.60 -13.02
N ALA B 696 15.93 41.52 -12.22
CA ALA B 696 14.72 40.70 -12.24
C ALA B 696 13.57 41.42 -11.56
N ILE B 697 13.83 42.10 -10.45
CA ILE B 697 12.79 42.89 -9.81
C ILE B 697 12.36 44.04 -10.72
N GLN B 698 13.34 44.68 -11.38
CA GLN B 698 13.03 45.74 -12.33
C GLN B 698 12.19 45.22 -13.48
N ALA B 699 12.55 44.04 -14.01
CA ALA B 699 11.77 43.43 -15.08
C ALA B 699 10.32 43.22 -14.66
N SER B 700 10.11 42.77 -13.42
CA SER B 700 8.75 42.50 -12.97
C SER B 700 7.97 43.78 -12.76
N CYS B 701 8.65 44.89 -12.44
CA CYS B 701 8.01 46.20 -12.48
C CYS B 701 7.59 46.57 -13.90
N ASP B 702 8.48 46.36 -14.87
CA ASP B 702 8.15 46.66 -16.26
C ASP B 702 6.91 45.89 -16.71
N LEU B 703 6.83 44.62 -16.36
CA LEU B 703 5.67 43.82 -16.74
C LEU B 703 4.41 44.28 -16.02
N ALA B 704 4.54 44.81 -14.81
CA ALA B 704 3.37 45.33 -14.11
C ALA B 704 2.87 46.59 -14.81
N ASP B 705 3.78 47.44 -15.29
CA ASP B 705 3.39 48.61 -16.06
C ASP B 705 2.61 48.21 -17.31
N GLU B 706 2.99 47.08 -17.92
CA GLU B 706 2.43 46.66 -19.19
C GLU B 706 1.21 45.76 -19.02
N ARG B 707 1.23 44.88 -18.02
CA ARG B 707 0.20 43.85 -17.86
C ARG B 707 -0.65 44.02 -16.62
N GLY B 708 -0.25 44.86 -15.67
CA GLY B 708 -0.94 44.98 -14.39
C GLY B 708 -0.23 44.19 -13.31
N ALA B 709 -0.23 44.70 -12.09
CA ALA B 709 0.34 43.97 -10.97
C ALA B 709 -0.46 42.69 -10.73
N TYR B 710 0.16 41.71 -10.05
CA TYR B 710 -0.56 40.49 -9.77
C TYR B 710 -1.68 40.75 -8.76
N GLN B 711 -2.67 39.87 -8.79
CA GLN B 711 -3.95 40.14 -8.14
C GLN B 711 -3.80 40.40 -6.64
N THR B 712 -2.84 39.75 -5.98
CA THR B 712 -2.67 39.88 -4.54
C THR B 712 -1.47 40.74 -4.16
N PHE B 713 -1.10 41.70 -5.02
CA PHE B 713 0.06 42.53 -4.74
C PHE B 713 -0.12 43.34 -3.47
N GLN B 714 -1.28 43.96 -3.28
CA GLN B 714 -1.48 44.84 -2.14
C GLN B 714 -1.41 44.05 -0.84
N GLY B 715 -0.54 44.49 0.06
CA GLY B 715 -0.27 43.81 1.30
C GLY B 715 1.01 42.99 1.29
N SER B 716 1.50 42.63 0.11
CA SER B 716 2.73 41.86 0.02
C SER B 716 3.90 42.68 0.55
N LEU B 717 5.01 41.98 0.81
CA LEU B 717 6.23 42.68 1.21
C LEU B 717 6.64 43.70 0.15
N TRP B 718 6.41 43.38 -1.12
CA TRP B 718 6.75 44.31 -2.19
C TRP B 718 6.04 45.64 -2.01
N SER B 719 4.72 45.60 -1.73
CA SER B 719 3.96 46.83 -1.55
C SER B 719 4.43 47.59 -0.32
N GLN B 720 4.92 46.89 0.69
CA GLN B 720 5.48 47.54 1.87
C GLN B 720 6.89 48.05 1.64
N GLY B 721 7.46 47.83 0.46
CA GLY B 721 8.82 48.24 0.21
C GLY B 721 9.85 47.42 0.94
N ILE B 722 9.54 46.16 1.21
CA ILE B 722 10.43 45.26 1.92
C ILE B 722 10.98 44.29 0.89
N LEU B 723 12.17 44.61 0.37
CA LEU B 723 12.86 43.80 -0.61
C LEU B 723 13.58 42.65 0.08
N PRO B 724 14.12 41.68 -0.68
CA PRO B 724 14.81 40.56 -0.03
C PRO B 724 15.93 41.01 0.91
N ILE B 725 16.72 42.01 0.52
CA ILE B 725 17.76 42.49 1.42
C ILE B 725 17.15 43.04 2.70
N ASP B 726 15.95 43.63 2.61
CA ASP B 726 15.29 44.15 3.80
C ASP B 726 14.74 43.02 4.67
N SER B 727 14.15 42.00 4.05
CA SER B 727 13.61 40.89 4.83
C SER B 727 14.71 40.10 5.52
N GLU B 728 15.91 40.07 4.94
CA GLU B 728 17.03 39.43 5.61
C GLU B 728 17.35 40.15 6.92
N LYS B 729 17.38 41.48 6.89
CA LYS B 729 17.61 42.25 8.11
C LYS B 729 16.48 42.05 9.12
N LYS B 730 15.25 41.90 8.62
CA LYS B 730 14.12 41.62 9.52
C LYS B 730 14.31 40.28 10.22
N LEU B 731 14.80 39.27 9.49
CA LEU B 731 15.02 37.95 10.08
C LEU B 731 16.02 38.04 11.23
N ILE B 732 17.06 38.86 11.08
CA ILE B 732 18.04 39.02 12.13
C ILE B 732 17.38 39.55 13.40
N GLU B 733 16.56 40.59 13.25
CA GLU B 733 15.90 41.17 14.41
C GLU B 733 14.93 40.17 15.05
N GLU B 734 14.22 39.42 14.23
CA GLU B 734 13.19 38.51 14.75
C GLU B 734 13.80 37.35 15.52
N ARG B 735 14.83 36.73 14.95
CA ARG B 735 15.41 35.55 15.56
C ARG B 735 16.35 35.89 16.70
N GLY B 736 17.05 37.03 16.60
CA GLY B 736 18.03 37.40 17.59
C GLY B 736 19.45 37.19 17.09
N ALA B 737 20.32 38.19 17.31
CA ALA B 737 21.68 38.13 16.78
C ALA B 737 22.45 36.94 17.32
N LYS B 738 22.09 36.43 18.50
CA LYS B 738 22.77 35.27 19.06
C LYS B 738 22.66 34.04 18.16
N TYR B 739 21.64 34.00 17.29
CA TYR B 739 21.31 32.80 16.53
C TYR B 739 21.39 33.00 15.02
N ILE B 740 21.84 34.16 14.56
CA ILE B 740 21.97 34.39 13.12
C ILE B 740 22.98 35.50 12.89
N GLU B 741 23.77 35.35 11.84
CA GLU B 741 24.76 36.34 11.45
C GLU B 741 24.92 36.23 9.94
N VAL B 742 24.57 37.30 9.22
CA VAL B 742 24.67 37.32 7.76
C VAL B 742 25.22 38.66 7.33
N ASP B 743 26.06 38.65 6.29
CA ASP B 743 26.57 39.87 5.71
C ASP B 743 25.45 40.66 5.07
N LEU B 744 25.43 41.98 5.32
CA LEU B 744 24.39 42.85 4.79
C LEU B 744 24.94 43.91 3.85
N SER B 745 26.13 43.69 3.28
CA SER B 745 26.72 44.66 2.38
C SER B 745 25.90 44.79 1.09
N GLU B 746 25.87 46.00 0.55
CA GLU B 746 25.25 46.28 -0.73
C GLU B 746 26.24 47.01 -1.63
N THR B 747 26.03 46.88 -2.94
CA THR B 747 26.78 47.66 -3.91
C THR B 747 25.92 48.47 -4.85
N LEU B 748 24.65 48.09 -5.04
CA LEU B 748 23.76 48.80 -5.94
C LEU B 748 22.90 49.79 -5.17
N ASP B 749 22.30 50.73 -5.89
CA ASP B 749 21.44 51.74 -5.28
C ASP B 749 20.03 51.18 -5.25
N TRP B 750 19.64 50.60 -4.12
CA TRP B 750 18.36 49.92 -4.01
C TRP B 750 17.20 50.83 -3.65
N ALA B 751 17.46 52.03 -3.15
CA ALA B 751 16.37 52.87 -2.67
C ALA B 751 15.39 53.25 -3.78
N PRO B 752 15.81 53.80 -4.92
CA PRO B 752 14.81 54.10 -5.96
C PRO B 752 14.06 52.88 -6.44
N LEU B 753 14.71 51.71 -6.51
CA LEU B 753 13.98 50.52 -6.92
C LEU B 753 12.97 50.10 -5.85
N ARG B 754 13.35 50.23 -4.58
CA ARG B 754 12.42 49.97 -3.49
C ARG B 754 11.19 50.88 -3.61
N GLU B 755 11.39 52.13 -3.98
CA GLU B 755 10.25 53.03 -4.17
C GLU B 755 9.40 52.59 -5.35
N ARG B 756 10.03 52.15 -6.43
CA ARG B 756 9.27 51.74 -7.62
C ARG B 756 8.47 50.47 -7.36
N VAL B 757 9.05 49.53 -6.62
CA VAL B 757 8.38 48.25 -6.38
C VAL B 757 7.02 48.46 -5.72
N GLN B 758 6.92 49.45 -4.82
CA GLN B 758 5.67 49.67 -4.10
C GLN B 758 4.54 50.09 -5.03
N LYS B 759 4.86 50.55 -6.24
CA LYS B 759 3.85 50.95 -7.20
C LYS B 759 3.21 49.76 -7.90
N GLY B 760 3.79 48.57 -7.79
CA GLY B 760 3.20 47.40 -8.41
C GLY B 760 4.23 46.53 -9.11
N ILE B 761 4.14 45.22 -8.87
CA ILE B 761 5.03 44.26 -9.49
C ILE B 761 4.17 43.15 -10.08
N ARG B 762 4.73 42.47 -11.08
CA ARG B 762 3.96 41.47 -11.83
C ARG B 762 3.95 40.11 -11.16
N ASN B 763 4.95 39.80 -10.33
CA ASN B 763 5.15 38.44 -9.85
C ASN B 763 5.35 38.47 -8.34
N SER B 764 4.62 37.59 -7.63
CA SER B 764 4.76 37.52 -6.18
C SER B 764 6.13 37.00 -5.78
N ASN B 765 6.74 36.17 -6.62
CA ASN B 765 8.09 35.66 -6.42
C ASN B 765 8.78 35.64 -7.77
N ILE B 766 10.11 35.79 -7.77
CA ILE B 766 10.84 36.01 -9.01
C ILE B 766 12.02 35.06 -9.17
N MET B 767 12.71 34.75 -8.07
CA MET B 767 14.00 34.08 -8.14
C MET B 767 14.01 32.77 -7.36
N ALA B 768 14.64 31.76 -7.94
CA ALA B 768 14.87 30.48 -7.29
C ALA B 768 15.98 29.77 -8.05
N ILE B 769 16.98 29.27 -7.33
CA ILE B 769 18.08 28.54 -7.94
C ILE B 769 17.74 27.05 -7.84
N ALA B 770 17.32 26.48 -8.96
CA ALA B 770 16.96 25.08 -9.05
C ALA B 770 18.17 24.25 -9.47
N PRO B 771 18.10 22.93 -9.32
CA PRO B 771 19.08 22.09 -10.00
C PRO B 771 18.87 22.20 -11.50
N THR B 772 19.96 22.12 -12.23
CA THR B 772 19.92 22.37 -13.67
C THR B 772 20.61 21.24 -14.42
N ALA B 773 20.50 20.02 -13.89
CA ALA B 773 21.24 18.89 -14.45
C ALA B 773 21.16 18.86 -15.96
N THR B 774 19.95 18.92 -16.50
CA THR B 774 19.78 18.74 -17.94
C THR B 774 20.05 20.02 -18.72
N ILE B 775 19.51 21.15 -18.28
CA ILE B 775 19.67 22.36 -19.10
C ILE B 775 21.09 22.88 -19.03
N ALA B 776 21.81 22.60 -17.94
CA ALA B 776 23.23 22.90 -17.90
C ALA B 776 24.01 22.02 -18.87
N ASN B 777 23.61 20.76 -19.03
CA ASN B 777 24.27 19.89 -20.00
C ASN B 777 23.95 20.30 -21.43
N ILE B 778 22.74 20.82 -21.67
CA ILE B 778 22.39 21.29 -23.01
C ILE B 778 23.27 22.46 -23.41
N THR B 779 23.49 23.40 -22.49
CA THR B 779 24.28 24.58 -22.79
C THR B 779 25.76 24.39 -22.52
N GLY B 780 26.15 23.25 -21.94
CA GLY B 780 27.54 22.92 -21.79
C GLY B 780 28.24 23.61 -20.64
N VAL B 781 27.53 23.94 -19.56
CA VAL B 781 28.09 24.66 -18.44
C VAL B 781 27.90 23.85 -17.17
N SER B 782 28.60 24.27 -16.11
CA SER B 782 28.52 23.57 -14.84
C SER B 782 27.15 23.76 -14.20
N GLN B 783 26.77 22.79 -13.38
CA GLN B 783 25.41 22.72 -12.83
C GLN B 783 25.18 23.80 -11.78
N SER B 784 24.12 24.58 -11.99
CA SER B 784 23.66 25.60 -11.04
C SER B 784 24.81 26.29 -10.32
N ILE B 785 24.95 26.04 -9.02
CA ILE B 785 25.97 26.68 -8.18
C ILE B 785 26.98 25.67 -7.69
N GLU B 786 26.93 24.44 -8.19
CA GLU B 786 27.73 23.38 -7.62
C GLU B 786 29.20 23.57 -7.98
N PRO B 787 30.12 23.28 -7.06
CA PRO B 787 31.52 23.16 -7.46
C PRO B 787 31.73 21.91 -8.27
N THR B 788 32.77 21.91 -9.09
CA THR B 788 33.10 20.76 -9.91
C THR B 788 33.25 19.52 -9.02
N TYR B 789 32.50 18.47 -9.36
CA TYR B 789 32.56 17.24 -8.57
C TYR B 789 33.87 16.50 -8.81
N GLN B 790 34.26 16.34 -10.07
CA GLN B 790 35.54 15.74 -10.43
C GLN B 790 36.04 16.39 -11.71
N ASN B 791 37.35 16.64 -11.77
CA ASN B 791 37.94 17.20 -12.98
C ASN B 791 38.09 16.17 -14.10
N LEU B 792 37.91 14.89 -13.80
CA LEU B 792 38.06 13.83 -14.78
C LEU B 792 37.13 12.69 -14.41
N TYR B 793 36.34 12.22 -15.38
CA TYR B 793 35.43 11.10 -15.14
C TYR B 793 35.17 10.39 -16.47
N VAL B 794 34.52 9.23 -16.38
CA VAL B 794 34.21 8.40 -17.54
C VAL B 794 32.71 8.42 -17.75
N LYS B 795 32.26 9.12 -18.80
CA LYS B 795 30.86 9.05 -19.20
C LYS B 795 30.56 7.68 -19.78
N SER B 796 29.67 6.94 -19.13
CA SER B 796 29.32 5.58 -19.53
C SER B 796 27.93 5.58 -20.15
N ASN B 797 27.83 6.12 -21.35
CA ASN B 797 26.57 6.23 -22.07
C ASN B 797 26.29 4.96 -22.87
N LEU B 798 25.06 4.87 -23.40
CA LEU B 798 24.71 3.76 -24.28
C LEU B 798 25.42 3.86 -25.63
N SER B 799 25.95 5.03 -25.98
CA SER B 799 26.74 5.17 -27.20
C SER B 799 28.15 4.62 -27.04
N GLY B 800 28.62 4.46 -25.82
CA GLY B 800 29.95 3.95 -25.55
C GLY B 800 30.50 4.56 -24.27
N GLU B 801 31.82 4.67 -24.22
CA GLU B 801 32.51 5.25 -23.08
C GLU B 801 33.62 6.17 -23.58
N PHE B 802 33.74 7.34 -22.96
CA PHE B 802 34.85 8.24 -23.24
C PHE B 802 35.13 9.05 -22.00
N THR B 803 36.42 9.30 -21.74
CA THR B 803 36.81 10.08 -20.59
C THR B 803 36.67 11.57 -20.88
N VAL B 804 36.10 12.30 -19.94
CA VAL B 804 35.92 13.74 -20.03
C VAL B 804 36.86 14.39 -19.02
N ILE B 805 37.53 15.46 -19.44
CA ILE B 805 38.44 16.20 -18.59
C ILE B 805 38.03 17.67 -18.60
N ASN B 806 37.92 18.27 -17.41
CA ASN B 806 37.62 19.68 -17.20
C ASN B 806 38.28 20.53 -18.28
N PRO B 807 37.49 21.10 -19.21
CA PRO B 807 38.12 21.84 -20.32
C PRO B 807 38.82 23.11 -19.88
N TYR B 808 38.32 23.80 -18.84
CA TYR B 808 39.02 24.97 -18.34
C TYR B 808 40.37 24.58 -17.74
N LEU B 809 40.41 23.47 -17.01
CA LEU B 809 41.68 22.98 -16.49
C LEU B 809 42.66 22.70 -17.62
N VAL B 810 42.19 22.06 -18.71
CA VAL B 810 43.10 21.73 -19.81
C VAL B 810 43.61 23.00 -20.47
N ARG B 811 42.73 24.00 -20.63
CA ARG B 811 43.15 25.25 -21.26
C ARG B 811 44.22 25.95 -20.43
N ASP B 812 44.04 26.02 -19.11
CA ASP B 812 45.04 26.65 -18.25
C ASP B 812 46.35 25.88 -18.24
N LEU B 813 46.30 24.55 -18.30
CA LEU B 813 47.53 23.76 -18.35
C LEU B 813 48.25 23.94 -19.69
N LYS B 814 47.49 24.05 -20.78
CA LYS B 814 48.11 24.32 -22.08
C LYS B 814 48.79 25.67 -22.09
N ALA B 815 48.13 26.69 -21.52
CA ALA B 815 48.70 28.03 -21.49
C ALA B 815 50.02 28.08 -20.74
N ARG B 816 50.28 27.10 -19.88
CA ARG B 816 51.51 27.05 -19.10
C ARG B 816 52.45 25.94 -19.55
N GLY B 817 52.17 25.31 -20.70
CA GLY B 817 53.04 24.27 -21.22
C GLY B 817 53.06 23.00 -20.40
N LEU B 818 51.98 22.71 -19.67
CA LEU B 818 51.91 21.59 -18.74
C LEU B 818 50.99 20.48 -19.20
N TRP B 819 50.45 20.56 -20.41
CA TRP B 819 49.53 19.55 -20.93
C TRP B 819 50.30 18.60 -21.85
N ASP B 820 50.42 17.35 -21.42
CA ASP B 820 51.16 16.32 -22.15
C ASP B 820 50.67 14.96 -21.67
N PRO B 821 51.07 13.88 -22.36
CA PRO B 821 50.59 12.55 -21.95
C PRO B 821 50.85 12.21 -20.49
N VAL B 822 51.99 12.62 -19.94
CA VAL B 822 52.28 12.37 -18.53
C VAL B 822 51.24 13.05 -17.64
N MET B 823 50.89 14.30 -17.95
CA MET B 823 49.87 14.99 -17.18
C MET B 823 48.54 14.26 -17.23
N VAL B 824 48.18 13.74 -18.41
CA VAL B 824 46.93 12.99 -18.54
C VAL B 824 46.93 11.79 -17.60
N ASN B 825 48.01 11.01 -17.60
CA ASN B 825 48.04 9.84 -16.74
C ASN B 825 48.11 10.22 -15.27
N ASP B 826 48.71 11.37 -14.95
CA ASP B 826 48.65 11.84 -13.56
C ASP B 826 47.21 12.14 -13.16
N LEU B 827 46.43 12.76 -14.06
CA LEU B 827 45.05 13.09 -13.73
C LEU B 827 44.19 11.85 -13.62
N LYS B 828 44.37 10.88 -14.53
CA LYS B 828 43.64 9.62 -14.41
C LYS B 828 43.97 8.91 -13.11
N TYR B 829 45.25 8.87 -12.75
CA TYR B 829 45.66 8.24 -11.49
C TYR B 829 44.98 8.86 -10.30
N TYR B 830 44.94 10.20 -10.24
CA TYR B 830 44.37 10.91 -9.10
C TYR B 830 42.89 11.23 -9.30
N ASP B 831 42.25 10.68 -10.33
CA ASP B 831 40.83 10.88 -10.57
C ASP B 831 40.50 12.37 -10.70
N GLY B 832 41.32 13.09 -11.45
CA GLY B 832 41.09 14.49 -11.74
C GLY B 832 41.68 15.45 -10.73
N SER B 833 42.01 14.99 -9.53
CA SER B 833 42.57 15.89 -8.52
C SER B 833 43.97 16.34 -8.95
N VAL B 834 44.23 17.64 -8.77
CA VAL B 834 45.51 18.25 -9.09
C VAL B 834 46.32 18.58 -7.85
N GLN B 835 45.84 18.21 -6.66
CA GLN B 835 46.46 18.66 -5.42
C GLN B 835 47.81 18.01 -5.17
N GLN B 836 48.07 16.83 -5.74
CA GLN B 836 49.31 16.09 -5.50
C GLN B 836 50.21 16.04 -6.74
N ILE B 837 49.96 16.89 -7.73
CA ILE B 837 50.80 16.94 -8.93
C ILE B 837 51.74 18.13 -8.76
N GLU B 838 53.02 17.84 -8.53
CA GLU B 838 53.98 18.89 -8.19
C GLU B 838 54.12 19.92 -9.30
N ARG B 839 54.01 19.50 -10.56
CA ARG B 839 54.23 20.42 -11.68
C ARG B 839 53.20 21.54 -11.71
N ILE B 840 52.02 21.33 -11.14
CA ILE B 840 50.94 22.31 -11.27
C ILE B 840 51.15 23.42 -10.24
N PRO B 841 51.21 24.68 -10.65
CA PRO B 841 51.44 25.76 -9.69
C PRO B 841 50.28 25.92 -8.72
N GLN B 842 50.59 26.54 -7.57
CA GLN B 842 49.63 26.57 -6.48
C GLN B 842 48.35 27.31 -6.86
N ASP B 843 48.46 28.36 -7.67
CA ASP B 843 47.26 29.11 -8.05
C ASP B 843 46.29 28.21 -8.81
N LEU B 844 46.80 27.30 -9.64
CA LEU B 844 45.92 26.37 -10.33
C LEU B 844 45.44 25.24 -9.43
N LYS B 845 46.22 24.89 -8.40
CA LYS B 845 45.74 23.91 -7.43
C LYS B 845 44.52 24.41 -6.70
N ASP B 846 44.54 25.68 -6.26
CA ASP B 846 43.37 26.27 -5.62
C ASP B 846 42.23 26.41 -6.61
N LEU B 847 42.52 26.91 -7.82
CA LEU B 847 41.45 27.17 -8.78
C LEU B 847 40.69 25.89 -9.11
N TYR B 848 41.39 24.77 -9.26
CA TYR B 848 40.77 23.53 -9.72
C TYR B 848 40.62 22.50 -8.61
N ALA B 849 40.51 22.96 -7.37
CA ALA B 849 40.00 22.10 -6.31
C ALA B 849 38.58 21.68 -6.65
N THR B 850 38.19 20.49 -6.23
CA THR B 850 36.88 19.92 -6.53
C THR B 850 35.99 19.96 -5.28
N ALA B 851 34.80 19.36 -5.41
CA ALA B 851 33.77 19.49 -4.38
C ALA B 851 34.28 19.06 -3.02
N PHE B 852 34.91 17.88 -2.94
CA PHE B 852 35.36 17.38 -1.65
C PHE B 852 36.66 18.01 -1.19
N GLU B 853 37.23 18.93 -1.96
CA GLU B 853 38.45 19.62 -1.59
C GLU B 853 38.23 21.08 -1.22
N VAL B 854 37.04 21.62 -1.48
CA VAL B 854 36.70 22.97 -1.06
C VAL B 854 36.03 22.88 0.31
N GLU B 855 36.59 23.59 1.29
CA GLU B 855 36.03 23.59 2.63
C GLU B 855 34.54 23.93 2.57
N THR B 856 33.73 23.15 3.27
CA THR B 856 32.28 23.32 3.19
C THR B 856 31.85 24.73 3.57
N ARG B 857 32.60 25.41 4.43
CA ARG B 857 32.25 26.76 4.82
C ARG B 857 32.16 27.68 3.62
N TRP B 858 33.06 27.50 2.63
CA TRP B 858 33.00 28.36 1.45
C TRP B 858 31.67 28.21 0.73
N ILE B 859 31.19 26.97 0.59
CA ILE B 859 29.92 26.73 -0.09
C ILE B 859 28.78 27.37 0.69
N VAL B 860 28.79 27.23 2.01
CA VAL B 860 27.70 27.76 2.82
C VAL B 860 27.69 29.28 2.78
N GLU B 861 28.87 29.90 2.84
CA GLU B 861 28.92 31.36 2.84
C GLU B 861 28.44 31.91 1.50
N ALA B 862 28.94 31.36 0.40
CA ALA B 862 28.46 31.79 -0.92
C ALA B 862 26.95 31.64 -1.02
N ALA B 863 26.42 30.49 -0.56
CA ALA B 863 24.98 30.30 -0.58
C ALA B 863 24.27 31.31 0.31
N SER B 864 24.88 31.66 1.45
CA SER B 864 24.30 32.66 2.34
C SER B 864 24.22 34.02 1.67
N ARG B 865 25.26 34.39 0.90
CA ARG B 865 25.26 35.68 0.24
C ARG B 865 24.21 35.74 -0.87
N ARG B 866 24.04 34.64 -1.62
CA ARG B 866 23.01 34.62 -2.65
C ARG B 866 21.63 34.76 -2.03
N GLN B 867 21.41 34.12 -0.88
CA GLN B 867 20.09 34.12 -0.25
C GLN B 867 19.71 35.50 0.27
N LYS B 868 20.68 36.42 0.38
CA LYS B 868 20.36 37.80 0.70
C LYS B 868 19.40 38.40 -0.31
N TRP B 869 19.57 38.05 -1.59
CA TRP B 869 18.91 38.71 -2.69
C TRP B 869 17.76 37.90 -3.28
N ILE B 870 17.65 36.64 -2.92
CA ILE B 870 16.66 35.74 -3.51
C ILE B 870 15.41 35.74 -2.65
N ASP B 871 14.23 35.84 -3.28
CA ASP B 871 12.99 35.80 -2.52
C ASP B 871 12.55 34.37 -2.20
N GLN B 872 12.86 33.40 -3.08
CA GLN B 872 12.61 32.01 -2.73
C GLN B 872 13.90 31.40 -2.16
N ALA B 873 14.34 30.25 -2.63
CA ALA B 873 15.50 29.57 -2.02
C ALA B 873 16.43 29.06 -3.12
N GLN B 874 17.35 28.17 -2.74
CA GLN B 874 18.30 27.60 -3.68
C GLN B 874 18.61 26.16 -3.27
N SER B 875 18.63 25.26 -4.24
CA SER B 875 19.04 23.88 -4.01
C SER B 875 20.52 23.84 -3.69
N LEU B 876 20.87 23.45 -2.46
CA LEU B 876 22.25 23.50 -1.99
C LEU B 876 22.71 22.12 -1.55
N ASN B 877 23.47 21.45 -2.41
CA ASN B 877 24.16 20.24 -2.01
C ASN B 877 25.39 20.61 -1.20
N LEU B 878 25.69 19.80 -0.19
CA LEU B 878 26.88 19.97 0.62
C LEU B 878 27.76 18.74 0.53
N TYR B 879 29.06 18.96 0.68
CA TYR B 879 30.08 17.93 0.49
C TYR B 879 30.97 17.90 1.72
N ILE B 880 31.02 16.75 2.38
CA ILE B 880 31.76 16.59 3.62
C ILE B 880 32.65 15.37 3.49
N ALA B 881 33.96 15.58 3.44
CA ALA B 881 34.88 14.47 3.26
C ALA B 881 35.17 13.76 4.58
N GLY B 882 35.26 14.50 5.68
CA GLY B 882 35.49 13.89 6.98
C GLY B 882 34.23 13.41 7.64
N ALA B 883 33.95 12.11 7.56
CA ALA B 883 32.73 11.54 8.11
C ALA B 883 32.78 11.55 9.62
N SER B 884 31.99 12.42 10.25
CA SER B 884 31.84 12.42 11.70
C SER B 884 30.59 13.21 12.06
N GLY B 885 29.92 12.77 13.13
CA GLY B 885 28.77 13.52 13.62
C GLY B 885 29.11 14.94 14.01
N LYS B 886 30.32 15.14 14.54
CA LYS B 886 30.75 16.49 14.93
C LYS B 886 30.81 17.41 13.71
N LYS B 887 31.39 16.94 12.62
CA LYS B 887 31.52 17.78 11.43
C LYS B 887 30.15 18.06 10.81
N LEU B 888 29.27 17.07 10.79
CA LEU B 888 27.91 17.32 10.33
C LEU B 888 27.21 18.34 11.21
N ASP B 889 27.47 18.30 12.52
CA ASP B 889 26.85 19.24 13.44
C ASP B 889 27.23 20.67 13.11
N VAL B 890 28.53 20.95 13.01
CA VAL B 890 28.98 22.32 12.78
C VAL B 890 28.54 22.79 11.39
N THR B 891 28.47 21.88 10.42
CA THR B 891 28.09 22.28 9.06
C THR B 891 26.66 22.79 9.03
N TYR B 892 25.72 22.04 9.59
CA TYR B 892 24.32 22.42 9.46
C TYR B 892 23.88 23.43 10.51
N ARG B 893 24.59 23.53 11.63
CA ARG B 893 24.41 24.70 12.50
C ARG B 893 24.77 25.98 11.76
N MET B 894 25.90 25.96 11.05
CA MET B 894 26.34 27.14 10.31
C MET B 894 25.35 27.50 9.21
N ALA B 895 24.76 26.50 8.56
CA ALA B 895 23.76 26.76 7.53
C ALA B 895 22.57 27.50 8.11
N TRP B 896 22.07 27.04 9.26
CA TRP B 896 21.01 27.78 9.95
C TRP B 896 21.50 29.16 10.39
N PHE B 897 22.70 29.19 10.99
CA PHE B 897 23.24 30.43 11.53
C PHE B 897 23.46 31.50 10.47
N ARG B 898 23.71 31.09 9.22
CA ARG B 898 23.96 32.02 8.13
C ARG B 898 22.70 32.35 7.32
N GLY B 899 21.52 32.08 7.87
CA GLY B 899 20.29 32.50 7.24
C GLY B 899 19.89 31.71 6.01
N LEU B 900 20.32 30.47 5.88
CA LEU B 900 19.87 29.65 4.77
C LEU B 900 18.46 29.15 5.00
N LYS B 901 17.69 29.09 3.92
CA LYS B 901 16.32 28.60 3.97
C LYS B 901 16.25 27.08 3.85
N THR B 902 17.11 26.51 3.02
CA THR B 902 17.04 25.08 2.71
C THR B 902 18.45 24.54 2.52
N THR B 903 18.57 23.22 2.70
CA THR B 903 19.70 22.45 2.20
C THR B 903 19.15 21.22 1.50
N TYR B 904 20.02 20.60 0.69
CA TYR B 904 19.59 19.55 -0.23
C TYR B 904 20.35 18.27 0.08
N TYR B 905 20.85 17.57 -0.95
CA TYR B 905 21.58 16.34 -0.72
C TYR B 905 22.82 16.60 0.11
N LEU B 906 23.17 15.62 0.93
CA LEU B 906 24.49 15.55 1.55
C LEU B 906 25.30 14.52 0.78
N ARG B 907 26.40 14.95 0.16
CA ARG B 907 27.36 14.06 -0.45
C ARG B 907 28.54 13.94 0.51
N ALA B 908 28.75 12.75 1.06
CA ALA B 908 29.75 12.56 2.10
C ALA B 908 30.67 11.39 1.75
N LEU B 909 31.83 11.39 2.40
CA LEU B 909 32.80 10.31 2.28
C LEU B 909 33.34 9.99 3.67
N ALA B 910 33.88 8.80 3.81
CA ALA B 910 34.46 8.36 5.09
C ALA B 910 35.91 7.94 4.90
PG DTP C . -0.92 -50.76 64.11
O1G DTP C . -0.05 -51.63 64.93
O2G DTP C . -1.54 -51.50 62.91
O3G DTP C . -2.06 -50.15 64.91
PB DTP C . 0.19 -49.39 61.89
O1B DTP C . -1.06 -49.53 61.10
O2B DTP C . 0.90 -48.08 61.59
O3B DTP C . -0.12 -49.56 63.45
PA DTP C . 0.59 -52.03 61.00
O1A DTP C . 1.52 -53.13 61.35
O2A DTP C . -0.87 -52.29 61.37
O3A DTP C . 1.10 -50.66 61.62
O5' DTP C . 0.66 -51.67 59.50
C5' DTP C . 1.98 -51.41 59.00
C4' DTP C . 1.93 -50.76 57.65
O4' DTP C . 2.72 -49.55 57.68
C3' DTP C . 2.57 -51.59 56.55
O3' DTP C . 2.09 -51.24 55.25
C2' DTP C . 4.04 -51.25 56.70
C1' DTP C . 4.05 -49.84 57.29
N9 DTP C . 4.92 -49.67 58.45
C8 DTP C . 4.65 -49.94 59.76
N7 DTP C . 5.68 -49.77 60.56
C5 DTP C . 6.70 -49.36 59.71
C6 DTP C . 8.04 -49.03 59.93
N6 DTP C . 8.66 -49.17 61.12
N1 DTP C . 8.77 -48.62 58.86
C2 DTP C . 8.19 -48.58 57.67
N3 DTP C . 6.93 -48.91 57.33
C4 DTP C . 6.23 -49.29 58.40
PG DTP D . -5.33 -50.74 61.41
O1G DTP D . -4.01 -50.93 61.97
O2G DTP D . -6.35 -51.71 61.91
O3G DTP D . -5.85 -49.34 61.58
PB DTP D . -4.14 -51.57 58.89
O1B DTP D . -2.81 -51.05 59.25
O2B DTP D . -4.43 -51.27 57.43
O3B DTP D . -5.26 -50.94 59.84
PA DTP D . -3.44 -54.02 60.23
O1A DTP D . -4.30 -55.14 60.68
O2A DTP D . -2.96 -53.16 61.41
O3A DTP D . -4.23 -53.13 59.18
O5' DTP D . -2.18 -54.46 59.39
C5' DTP D . -2.30 -55.52 58.43
C4' DTP D . -1.84 -55.09 57.06
O4' DTP D . -1.39 -56.25 56.34
C3' DTP D . -2.93 -54.43 56.20
O3' DTP D . -2.51 -53.14 55.75
C2' DTP D . -3.09 -55.37 55.00
C1' DTP D . -2.37 -56.64 55.41
N9 DTP D . -3.21 -57.67 56.01
C8 DTP D . -3.30 -58.05 57.33
N7 DTP D . -4.19 -58.97 57.56
C5 DTP D . -4.74 -59.22 56.31
C6 DTP D . -5.74 -60.11 55.86
N6 DTP D . -6.47 -60.88 56.68
N1 DTP D . -6.02 -60.13 54.54
C2 DTP D . -5.34 -59.32 53.73
N3 DTP D . -4.39 -58.44 54.03
C4 DTP D . -4.13 -58.43 55.34
MG MG E . -2.36 -51.24 61.31
PG DTP F . -12.98 14.45 13.34
O1G DTP F . -12.40 13.29 14.10
O2G DTP F . -11.96 15.57 13.08
O3G DTP F . -14.20 15.08 14.03
PB DTP F . -13.24 14.52 10.43
O1B DTP F . -14.37 14.17 9.54
O2B DTP F . -12.99 16.02 10.45
O3B DTP F . -13.51 14.00 11.92
PA DTP F . -11.55 12.26 9.69
O1A DTP F . -12.05 11.88 8.36
O2A DTP F . -12.27 11.43 10.75
O3A DTP F . -11.90 13.80 9.95
O5' DTP F . -9.99 12.10 9.91
C5' DTP F . -9.24 12.72 10.97
C4' DTP F . -7.92 12.00 11.07
O4' DTP F . -8.15 10.62 11.42
C3' DTP F . -7.09 12.00 9.78
O3' DTP F . -5.70 12.12 10.11
C2' DTP F . -7.40 10.63 9.20
C1' DTP F . -7.61 9.77 10.43
N9 DTP F . -8.54 8.65 10.23
C8 DTP F . -9.89 8.74 10.07
N7 DTP F . -10.48 7.59 9.87
C5 DTP F . -9.43 6.67 9.89
C6 DTP F . -9.37 5.28 9.73
N6 DTP F . -10.46 4.52 9.49
N1 DTP F . -8.17 4.68 9.82
C2 DTP F . -7.09 5.43 10.05
N3 DTP F . -7.02 6.75 10.21
C4 DTP F . -8.23 7.33 10.12
PG DTP G . -6.77 7.18 -23.26
O1G DTP G . -5.40 6.65 -23.51
O2G DTP G . -7.58 7.42 -24.54
O3G DTP G . -7.58 6.27 -22.35
PB DTP G . -7.14 8.96 -21.02
O1B DTP G . -8.33 8.18 -20.65
O2B DTP G . -7.41 10.47 -20.92
O3B DTP G . -6.72 8.59 -22.51
PA DTP G . -5.99 7.98 -18.63
O1A DTP G . -7.42 7.76 -18.45
O2A DTP G . -5.53 8.98 -17.61
O3A DTP G . -5.90 8.61 -20.09
O5' DTP G . -5.22 6.62 -18.47
C5' DTP G . -5.68 5.39 -19.09
C4' DTP G . -4.99 4.21 -18.45
O4' DTP G . -3.56 4.45 -18.42
C3' DTP G . -5.41 3.91 -17.01
O3' DTP G . -5.53 2.49 -16.81
C2' DTP G . -4.28 4.48 -16.17
C1' DTP G . -3.07 4.33 -17.09
N9 DTP G . -2.06 5.37 -16.90
C8 DTP G . -2.10 6.64 -17.41
N7 DTP G . -1.09 7.39 -17.04
C5 DTP G . -0.33 6.55 -16.25
C6 DTP G . 0.88 6.74 -15.56
N6 DTP G . 1.58 7.88 -15.56
N1 DTP G . 1.38 5.69 -14.86
C2 DTP G . 0.71 4.54 -14.86
N3 DTP G . -0.45 4.25 -15.47
C4 DTP G . -0.91 5.30 -16.15
PG DTP H . 45.00 -16.31 -37.89
O1G DTP H . 44.15 -17.48 -37.95
O2G DTP H . 45.97 -16.30 -36.68
O3G DTP H . 45.79 -16.04 -39.15
PB DTP H . 44.18 -13.88 -36.57
O1B DTP H . 45.57 -13.71 -36.10
O2B DTP H . 43.61 -12.56 -37.07
O3B DTP H . 44.12 -15.00 -37.70
PA DTP H . 43.89 -15.39 -34.24
O1A DTP H . 45.14 -16.05 -34.66
O2A DTP H . 42.87 -16.39 -33.73
O3A DTP H . 43.29 -14.48 -35.40
O5' DTP H . 44.16 -14.34 -33.13
C5' DTP H . 43.52 -14.43 -31.86
C4' DTP H . 43.42 -13.05 -31.27
O4' DTP H . 42.58 -12.23 -32.12
C3' DTP H . 42.71 -13.06 -29.93
O3' DTP H . 43.01 -11.88 -29.19
C2' DTP H . 41.26 -13.08 -30.36
C1' DTP H . 41.27 -12.17 -31.58
N9 DTP H . 40.32 -12.54 -32.64
C8 DTP H . 40.61 -13.00 -33.89
N7 DTP H . 39.56 -13.18 -34.65
C5 DTP H . 38.50 -12.84 -33.82
C6 DTP H . 37.11 -12.80 -34.03
N6 DTP H . 36.52 -13.11 -35.19
N1 DTP H . 36.33 -12.41 -33.00
C2 DTP H . 36.91 -12.08 -31.85
N3 DTP H . 38.21 -12.07 -31.54
C4 DTP H . 38.95 -12.46 -32.58
PG DTP I . 49.69 -14.96 -36.44
O1G DTP I . 50.51 -16.13 -36.65
O2G DTP I . 49.85 -13.92 -37.50
O3G DTP I . 48.20 -15.30 -36.23
PB DTP I . 49.28 -14.47 -33.68
O1B DTP I . 47.84 -14.32 -33.89
O2B DTP I . 49.80 -13.57 -32.57
O3B DTP I . 50.05 -14.27 -35.05
PA DTP I . 48.61 -17.23 -33.42
O1A DTP I . 49.31 -18.48 -33.10
O2A DTP I . 47.94 -17.28 -34.78
O3A DTP I . 49.61 -15.99 -33.32
O5' DTP I . 47.50 -16.74 -32.40
C5' DTP I . 47.26 -17.39 -31.14
C4' DTP I . 47.43 -16.39 -30.02
O4' DTP I . 47.28 -17.07 -28.75
C3' DTP I . 48.78 -15.67 -29.96
O3' DTP I . 48.68 -14.32 -30.43
C2' DTP I . 49.12 -15.68 -28.47
C1' DTP I . 48.47 -16.96 -28.01
N9 DTP I . 49.28 -18.16 -28.21
C8 DTP I . 49.20 -19.03 -29.27
N7 DTP I . 50.09 -19.99 -29.24
C5 DTP I . 50.81 -19.73 -28.08
C6 DTP I . 51.91 -20.38 -27.49
N6 DTP I . 52.50 -21.46 -27.99
N1 DTP I . 52.38 -19.87 -26.33
C2 DTP I . 51.80 -18.78 -25.82
N3 DTP I . 50.77 -18.08 -26.29
C4 DTP I . 50.31 -18.62 -27.43
MG MG J . 46.77 -15.58 -35.24
#